data_1MI7
# 
_entry.id   1MI7 
# 
_audit_conform.dict_name       mmcif_pdbx.dic 
_audit_conform.dict_version    5.386 
_audit_conform.dict_location   http://mmcif.pdb.org/dictionaries/ascii/mmcif_pdbx.dic 
# 
loop_
_database_2.database_id 
_database_2.database_code 
_database_2.pdbx_database_accession 
_database_2.pdbx_DOI 
PDB   1MI7         pdb_00001mi7 10.2210/pdb1mi7/pdb 
RCSB  RCSB016930   ?            ?                   
WWPDB D_1000016930 ?            ?                   
# 
loop_
_pdbx_audit_revision_history.ordinal 
_pdbx_audit_revision_history.data_content_type 
_pdbx_audit_revision_history.major_revision 
_pdbx_audit_revision_history.minor_revision 
_pdbx_audit_revision_history.revision_date 
1 'Structure model' 1 0 2003-09-02 
2 'Structure model' 1 1 2008-04-28 
3 'Structure model' 1 2 2011-07-13 
4 'Structure model' 1 3 2024-02-14 
# 
_pdbx_audit_revision_details.ordinal             1 
_pdbx_audit_revision_details.revision_ordinal    1 
_pdbx_audit_revision_details.data_content_type   'Structure model' 
_pdbx_audit_revision_details.provider            repository 
_pdbx_audit_revision_details.type                'Initial release' 
_pdbx_audit_revision_details.description         ? 
_pdbx_audit_revision_details.details             ? 
# 
loop_
_pdbx_audit_revision_group.ordinal 
_pdbx_audit_revision_group.revision_ordinal 
_pdbx_audit_revision_group.data_content_type 
_pdbx_audit_revision_group.group 
1 2 'Structure model' 'Version format compliance' 
2 3 'Structure model' Advisory                    
3 3 'Structure model' 'Version format compliance' 
4 4 'Structure model' 'Data collection'           
5 4 'Structure model' 'Database references'       
6 4 'Structure model' 'Derived calculations'      
7 4 'Structure model' 'Refinement description'    
# 
loop_
_pdbx_audit_revision_category.ordinal 
_pdbx_audit_revision_category.revision_ordinal 
_pdbx_audit_revision_category.data_content_type 
_pdbx_audit_revision_category.category 
1 4 'Structure model' chem_comp_atom                
2 4 'Structure model' chem_comp_bond                
3 4 'Structure model' database_2                    
4 4 'Structure model' pdbx_initial_refinement_model 
5 4 'Structure model' struct_site                   
# 
loop_
_pdbx_audit_revision_item.ordinal 
_pdbx_audit_revision_item.revision_ordinal 
_pdbx_audit_revision_item.data_content_type 
_pdbx_audit_revision_item.item 
1 4 'Structure model' '_database_2.pdbx_DOI'                
2 4 'Structure model' '_database_2.pdbx_database_accession' 
3 4 'Structure model' '_struct_site.pdbx_auth_asym_id'      
4 4 'Structure model' '_struct_site.pdbx_auth_comp_id'      
5 4 'Structure model' '_struct_site.pdbx_auth_seq_id'       
# 
_pdbx_database_status.status_code                     REL 
_pdbx_database_status.entry_id                        1MI7 
_pdbx_database_status.recvd_initial_deposition_date   2002-08-22 
_pdbx_database_status.deposit_site                    RCSB 
_pdbx_database_status.process_site                    RCSB 
_pdbx_database_status.status_code_sf                  REL 
_pdbx_database_status.SG_entry                        . 
_pdbx_database_status.status_code_mr                  ? 
_pdbx_database_status.pdb_format_compatible           Y 
_pdbx_database_status.status_code_cs                  ? 
_pdbx_database_status.status_code_nmr_data            ? 
_pdbx_database_status.methods_development_category    ? 
# 
loop_
_pdbx_database_related.db_name 
_pdbx_database_related.db_id 
_pdbx_database_related.details 
_pdbx_database_related.content_type 
PDB 1WRP 'trp holorepressor dimer, trigonal crystal lattice'     unspecified 
PDB 2WRP 'trp holorepressor dimer, orthorhombic crystal lattice' unspecified 
PDB 3WRP 'trp aporepressor dimer'                                unspecified 
PDB 1TRO 'trp holorepressor/operator complex'                    unspecified 
PDB 1TRR 'tandem trp holorepressor/operator complex'             unspecified 
# 
loop_
_audit_author.name 
_audit_author.pdbx_ordinal 
'Lawson, C.L.' 1 
'Benoff, B.'   2 
'Berger, T.'   3 
'Berman, H.M.' 4 
'Carey, J.'    5 
# 
_citation.id                        primary 
_citation.title                     'E. coli trp repressor forms a domain-swapped array in aqueous alcohol.' 
_citation.journal_abbrev            Structure 
_citation.journal_volume            12 
_citation.page_first                1099 
_citation.page_last                 1108 
_citation.year                      2004 
_citation.journal_id_ASTM           STRUE6 
_citation.country                   UK 
_citation.journal_id_ISSN           0969-2126 
_citation.journal_id_CSD            2005 
_citation.book_publisher            ? 
_citation.pdbx_database_id_PubMed   15274929 
_citation.pdbx_database_id_DOI      10.1016/j.str.2004.03.019 
# 
loop_
_citation_author.citation_id 
_citation_author.name 
_citation_author.ordinal 
_citation_author.identifier_ORCID 
primary 'Lawson, C.L.' 1 ? 
primary 'Benoff, B.'   2 ? 
primary 'Berger, T.'   3 ? 
primary 'Berman, H.M.' 4 ? 
primary 'Carey, J.'    5 ? 
# 
loop_
_entity.id 
_entity.type 
_entity.src_method 
_entity.pdbx_description 
_entity.formula_weight 
_entity.pdbx_number_of_molecules 
_entity.pdbx_ec 
_entity.pdbx_mutation 
_entity.pdbx_fragment 
_entity.details 
1 polymer     man 'Trp operon repressor' 12238.934 1  ? ? ? aporepressor 
2 non-polymer syn 'ISOPROPYL ALCOHOL'    60.095    1  ? ? ? ?            
3 water       nat water                  18.015    47 ? ? ? ?            
# 
_entity_poly.entity_id                      1 
_entity_poly.type                           'polypeptide(L)' 
_entity_poly.nstd_linkage                   no 
_entity_poly.nstd_monomer                   no 
_entity_poly.pdbx_seq_one_letter_code       
;AQQSPYSAAMAEQRHQEWLRFVDLLKNAYQNDLHLPLLNLMLTPDEREALGTRVRIVEELLRGEMSQRELKNELGAGIAT
ITRGSNSLKAAPVELRQWLEEVLLKSD
;
_entity_poly.pdbx_seq_one_letter_code_can   
;AQQSPYSAAMAEQRHQEWLRFVDLLKNAYQNDLHLPLLNLMLTPDEREALGTRVRIVEELLRGEMSQRELKNELGAGIAT
ITRGSNSLKAAPVELRQWLEEVLLKSD
;
_entity_poly.pdbx_strand_id                 R 
_entity_poly.pdbx_target_identifier         ? 
# 
loop_
_pdbx_entity_nonpoly.entity_id 
_pdbx_entity_nonpoly.name 
_pdbx_entity_nonpoly.comp_id 
2 'ISOPROPYL ALCOHOL' IPA 
3 water               HOH 
# 
loop_
_entity_poly_seq.entity_id 
_entity_poly_seq.num 
_entity_poly_seq.mon_id 
_entity_poly_seq.hetero 
1 1   ALA n 
1 2   GLN n 
1 3   GLN n 
1 4   SER n 
1 5   PRO n 
1 6   TYR n 
1 7   SER n 
1 8   ALA n 
1 9   ALA n 
1 10  MET n 
1 11  ALA n 
1 12  GLU n 
1 13  GLN n 
1 14  ARG n 
1 15  HIS n 
1 16  GLN n 
1 17  GLU n 
1 18  TRP n 
1 19  LEU n 
1 20  ARG n 
1 21  PHE n 
1 22  VAL n 
1 23  ASP n 
1 24  LEU n 
1 25  LEU n 
1 26  LYS n 
1 27  ASN n 
1 28  ALA n 
1 29  TYR n 
1 30  GLN n 
1 31  ASN n 
1 32  ASP n 
1 33  LEU n 
1 34  HIS n 
1 35  LEU n 
1 36  PRO n 
1 37  LEU n 
1 38  LEU n 
1 39  ASN n 
1 40  LEU n 
1 41  MET n 
1 42  LEU n 
1 43  THR n 
1 44  PRO n 
1 45  ASP n 
1 46  GLU n 
1 47  ARG n 
1 48  GLU n 
1 49  ALA n 
1 50  LEU n 
1 51  GLY n 
1 52  THR n 
1 53  ARG n 
1 54  VAL n 
1 55  ARG n 
1 56  ILE n 
1 57  VAL n 
1 58  GLU n 
1 59  GLU n 
1 60  LEU n 
1 61  LEU n 
1 62  ARG n 
1 63  GLY n 
1 64  GLU n 
1 65  MET n 
1 66  SER n 
1 67  GLN n 
1 68  ARG n 
1 69  GLU n 
1 70  LEU n 
1 71  LYS n 
1 72  ASN n 
1 73  GLU n 
1 74  LEU n 
1 75  GLY n 
1 76  ALA n 
1 77  GLY n 
1 78  ILE n 
1 79  ALA n 
1 80  THR n 
1 81  ILE n 
1 82  THR n 
1 83  ARG n 
1 84  GLY n 
1 85  SER n 
1 86  ASN n 
1 87  SER n 
1 88  LEU n 
1 89  LYS n 
1 90  ALA n 
1 91  ALA n 
1 92  PRO n 
1 93  VAL n 
1 94  GLU n 
1 95  LEU n 
1 96  ARG n 
1 97  GLN n 
1 98  TRP n 
1 99  LEU n 
1 100 GLU n 
1 101 GLU n 
1 102 VAL n 
1 103 LEU n 
1 104 LEU n 
1 105 LYS n 
1 106 SER n 
1 107 ASP n 
# 
_entity_src_gen.entity_id                          1 
_entity_src_gen.pdbx_src_id                        1 
_entity_src_gen.pdbx_alt_source_flag               sample 
_entity_src_gen.pdbx_seq_type                      ? 
_entity_src_gen.pdbx_beg_seq_num                   ? 
_entity_src_gen.pdbx_end_seq_num                   ? 
_entity_src_gen.gene_src_common_name               ? 
_entity_src_gen.gene_src_genus                     Escherichia 
_entity_src_gen.pdbx_gene_src_gene                 trpR 
_entity_src_gen.gene_src_species                   ? 
_entity_src_gen.gene_src_strain                    ? 
_entity_src_gen.gene_src_tissue                    ? 
_entity_src_gen.gene_src_tissue_fraction           ? 
_entity_src_gen.gene_src_details                   ? 
_entity_src_gen.pdbx_gene_src_fragment             ? 
_entity_src_gen.pdbx_gene_src_scientific_name      'Escherichia coli' 
_entity_src_gen.pdbx_gene_src_ncbi_taxonomy_id     562 
_entity_src_gen.pdbx_gene_src_variant              ? 
_entity_src_gen.pdbx_gene_src_cell_line            ? 
_entity_src_gen.pdbx_gene_src_atcc                 ? 
_entity_src_gen.pdbx_gene_src_organ                ? 
_entity_src_gen.pdbx_gene_src_organelle            ? 
_entity_src_gen.pdbx_gene_src_cell                 ? 
_entity_src_gen.pdbx_gene_src_cellular_location    ? 
_entity_src_gen.host_org_common_name               ? 
_entity_src_gen.pdbx_host_org_scientific_name      'Escherichia coli BL21(DE3)' 
_entity_src_gen.pdbx_host_org_ncbi_taxonomy_id     469008 
_entity_src_gen.host_org_genus                     Escherichia 
_entity_src_gen.pdbx_host_org_gene                 ? 
_entity_src_gen.pdbx_host_org_organ                ? 
_entity_src_gen.host_org_species                   'Escherichia coli' 
_entity_src_gen.pdbx_host_org_tissue               ? 
_entity_src_gen.pdbx_host_org_tissue_fraction      ? 
_entity_src_gen.pdbx_host_org_strain               BL21DE3 
_entity_src_gen.pdbx_host_org_variant              ? 
_entity_src_gen.pdbx_host_org_cell_line            ? 
_entity_src_gen.pdbx_host_org_atcc                 ? 
_entity_src_gen.pdbx_host_org_culture_collection   ? 
_entity_src_gen.pdbx_host_org_cell                 ? 
_entity_src_gen.pdbx_host_org_organelle            ? 
_entity_src_gen.pdbx_host_org_cellular_location    ? 
_entity_src_gen.pdbx_host_org_vector_type          PLASMID 
_entity_src_gen.pdbx_host_org_vector               ? 
_entity_src_gen.host_org_details                   ? 
_entity_src_gen.expression_system_id               ? 
_entity_src_gen.plasmid_name                       pET13a 
_entity_src_gen.plasmid_details                    ? 
_entity_src_gen.pdbx_description                   ? 
# 
loop_
_chem_comp.id 
_chem_comp.type 
_chem_comp.mon_nstd_flag 
_chem_comp.name 
_chem_comp.pdbx_synonyms 
_chem_comp.formula 
_chem_comp.formula_weight 
ALA 'L-peptide linking' y ALANINE             ?          'C3 H7 N O2'     89.093  
ARG 'L-peptide linking' y ARGININE            ?          'C6 H15 N4 O2 1' 175.209 
ASN 'L-peptide linking' y ASPARAGINE          ?          'C4 H8 N2 O3'    132.118 
ASP 'L-peptide linking' y 'ASPARTIC ACID'     ?          'C4 H7 N O4'     133.103 
GLN 'L-peptide linking' y GLUTAMINE           ?          'C5 H10 N2 O3'   146.144 
GLU 'L-peptide linking' y 'GLUTAMIC ACID'     ?          'C5 H9 N O4'     147.129 
GLY 'peptide linking'   y GLYCINE             ?          'C2 H5 N O2'     75.067  
HIS 'L-peptide linking' y HISTIDINE           ?          'C6 H10 N3 O2 1' 156.162 
HOH non-polymer         . WATER               ?          'H2 O'           18.015  
ILE 'L-peptide linking' y ISOLEUCINE          ?          'C6 H13 N O2'    131.173 
IPA non-polymer         . 'ISOPROPYL ALCOHOL' 2-PROPANOL 'C3 H8 O'        60.095  
LEU 'L-peptide linking' y LEUCINE             ?          'C6 H13 N O2'    131.173 
LYS 'L-peptide linking' y LYSINE              ?          'C6 H15 N2 O2 1' 147.195 
MET 'L-peptide linking' y METHIONINE          ?          'C5 H11 N O2 S'  149.211 
PHE 'L-peptide linking' y PHENYLALANINE       ?          'C9 H11 N O2'    165.189 
PRO 'L-peptide linking' y PROLINE             ?          'C5 H9 N O2'     115.130 
SER 'L-peptide linking' y SERINE              ?          'C3 H7 N O3'     105.093 
THR 'L-peptide linking' y THREONINE           ?          'C4 H9 N O3'     119.119 
TRP 'L-peptide linking' y TRYPTOPHAN          ?          'C11 H12 N2 O2'  204.225 
TYR 'L-peptide linking' y TYROSINE            ?          'C9 H11 N O3'    181.189 
VAL 'L-peptide linking' y VALINE              ?          'C5 H11 N O2'    117.146 
# 
loop_
_pdbx_poly_seq_scheme.asym_id 
_pdbx_poly_seq_scheme.entity_id 
_pdbx_poly_seq_scheme.seq_id 
_pdbx_poly_seq_scheme.mon_id 
_pdbx_poly_seq_scheme.ndb_seq_num 
_pdbx_poly_seq_scheme.pdb_seq_num 
_pdbx_poly_seq_scheme.auth_seq_num 
_pdbx_poly_seq_scheme.pdb_mon_id 
_pdbx_poly_seq_scheme.auth_mon_id 
_pdbx_poly_seq_scheme.pdb_strand_id 
_pdbx_poly_seq_scheme.pdb_ins_code 
_pdbx_poly_seq_scheme.hetero 
A 1 1   ALA 1   2   ?   ?   ?   R . n 
A 1 2   GLN 2   3   3   GLN GLN R . n 
A 1 3   GLN 3   4   4   GLN GLN R . n 
A 1 4   SER 4   5   5   SER SER R . n 
A 1 5   PRO 5   6   6   PRO PRO R . n 
A 1 6   TYR 6   7   7   TYR TYR R . n 
A 1 7   SER 7   8   8   SER SER R . n 
A 1 8   ALA 8   9   9   ALA ALA R . n 
A 1 9   ALA 9   10  10  ALA ALA R . n 
A 1 10  MET 10  11  11  MET MET R . n 
A 1 11  ALA 11  12  12  ALA ALA R . n 
A 1 12  GLU 12  13  13  GLU GLU R . n 
A 1 13  GLN 13  14  14  GLN GLN R . n 
A 1 14  ARG 14  15  15  ARG ARG R . n 
A 1 15  HIS 15  16  16  HIS HIS R . n 
A 1 16  GLN 16  17  17  GLN GLN R . n 
A 1 17  GLU 17  18  18  GLU GLU R . n 
A 1 18  TRP 18  19  19  TRP TRP R . n 
A 1 19  LEU 19  20  20  LEU LEU R . n 
A 1 20  ARG 20  21  21  ARG ARG R . n 
A 1 21  PHE 21  22  22  PHE PHE R . n 
A 1 22  VAL 22  23  23  VAL VAL R . n 
A 1 23  ASP 23  24  24  ASP ASP R . n 
A 1 24  LEU 24  25  25  LEU LEU R . n 
A 1 25  LEU 25  26  26  LEU LEU R . n 
A 1 26  LYS 26  27  27  LYS LYS R . n 
A 1 27  ASN 27  28  28  ASN ASN R . n 
A 1 28  ALA 28  29  29  ALA ALA R . n 
A 1 29  TYR 29  30  30  TYR TYR R . n 
A 1 30  GLN 30  31  31  GLN GLN R . n 
A 1 31  ASN 31  32  32  ASN ASN R . n 
A 1 32  ASP 32  33  33  ASP ASP R . n 
A 1 33  LEU 33  34  34  LEU LEU R . n 
A 1 34  HIS 34  35  35  HIS HIS R . n 
A 1 35  LEU 35  36  36  LEU LEU R . n 
A 1 36  PRO 36  37  37  PRO PRO R . n 
A 1 37  LEU 37  38  38  LEU LEU R . n 
A 1 38  LEU 38  39  39  LEU LEU R . n 
A 1 39  ASN 39  40  40  ASN ASN R . n 
A 1 40  LEU 40  41  41  LEU LEU R . n 
A 1 41  MET 41  42  42  MET MET R . n 
A 1 42  LEU 42  43  43  LEU LEU R . n 
A 1 43  THR 43  44  44  THR THR R . n 
A 1 44  PRO 44  45  45  PRO PRO R . n 
A 1 45  ASP 45  46  46  ASP ASP R . n 
A 1 46  GLU 46  47  47  GLU GLU R . n 
A 1 47  ARG 47  48  48  ARG ARG R . n 
A 1 48  GLU 48  49  49  GLU GLU R . n 
A 1 49  ALA 49  50  50  ALA ALA R . n 
A 1 50  LEU 50  51  51  LEU LEU R . n 
A 1 51  GLY 51  52  52  GLY GLY R . n 
A 1 52  THR 52  53  53  THR THR R . n 
A 1 53  ARG 53  54  54  ARG ARG R . n 
A 1 54  VAL 54  55  55  VAL VAL R . n 
A 1 55  ARG 55  56  56  ARG ARG R . n 
A 1 56  ILE 56  57  57  ILE ILE R . n 
A 1 57  VAL 57  58  58  VAL VAL R . n 
A 1 58  GLU 58  59  59  GLU GLU R . n 
A 1 59  GLU 59  60  60  GLU GLU R . n 
A 1 60  LEU 60  61  61  LEU LEU R . n 
A 1 61  LEU 61  62  62  LEU LEU R . n 
A 1 62  ARG 62  63  63  ARG ARG R . n 
A 1 63  GLY 63  64  64  GLY GLY R . n 
A 1 64  GLU 64  65  65  GLU GLU R . n 
A 1 65  MET 65  66  66  MET MET R . n 
A 1 66  SER 66  67  67  SER SER R . n 
A 1 67  GLN 67  68  68  GLN GLN R . n 
A 1 68  ARG 68  69  69  ARG ARG R . n 
A 1 69  GLU 69  70  70  GLU GLU R . n 
A 1 70  LEU 70  71  71  LEU LEU R . n 
A 1 71  LYS 71  72  72  LYS LYS R . n 
A 1 72  ASN 72  73  73  ASN ASN R . n 
A 1 73  GLU 73  74  74  GLU GLU R . n 
A 1 74  LEU 74  75  75  LEU LEU R . n 
A 1 75  GLY 75  76  76  GLY GLY R . n 
A 1 76  ALA 76  77  77  ALA ALA R . n 
A 1 77  GLY 77  78  78  GLY GLY R . n 
A 1 78  ILE 78  79  79  ILE ILE R . n 
A 1 79  ALA 79  80  80  ALA ALA R . n 
A 1 80  THR 80  81  81  THR THR R . n 
A 1 81  ILE 81  82  82  ILE ILE R . n 
A 1 82  THR 82  83  83  THR THR R . n 
A 1 83  ARG 83  84  84  ARG ARG R . n 
A 1 84  GLY 84  85  85  GLY GLY R . n 
A 1 85  SER 85  86  86  SER SER R . n 
A 1 86  ASN 86  87  87  ASN ASN R . n 
A 1 87  SER 87  88  88  SER SER R . n 
A 1 88  LEU 88  89  89  LEU LEU R . n 
A 1 89  LYS 89  90  90  LYS LYS R . n 
A 1 90  ALA 90  91  91  ALA ALA R . n 
A 1 91  ALA 91  92  92  ALA ALA R . n 
A 1 92  PRO 92  93  93  PRO PRO R . n 
A 1 93  VAL 93  94  94  VAL VAL R . n 
A 1 94  GLU 94  95  95  GLU GLU R . n 
A 1 95  LEU 95  96  96  LEU LEU R . n 
A 1 96  ARG 96  97  97  ARG ARG R . n 
A 1 97  GLN 97  98  98  GLN GLN R . n 
A 1 98  TRP 98  99  99  TRP TRP R . n 
A 1 99  LEU 99  100 100 LEU LEU R . n 
A 1 100 GLU 100 101 101 GLU GLU R . n 
A 1 101 GLU 101 102 102 GLU GLU R . n 
A 1 102 VAL 102 103 103 VAL VAL R . n 
A 1 103 LEU 103 104 104 LEU LEU R . n 
A 1 104 LEU 104 105 105 LEU LEU R . n 
A 1 105 LYS 105 106 ?   ?   ?   R . n 
A 1 106 SER 106 107 ?   ?   ?   R . n 
A 1 107 ASP 107 108 ?   ?   ?   R . n 
# 
loop_
_pdbx_nonpoly_scheme.asym_id 
_pdbx_nonpoly_scheme.entity_id 
_pdbx_nonpoly_scheme.mon_id 
_pdbx_nonpoly_scheme.ndb_seq_num 
_pdbx_nonpoly_scheme.pdb_seq_num 
_pdbx_nonpoly_scheme.auth_seq_num 
_pdbx_nonpoly_scheme.pdb_mon_id 
_pdbx_nonpoly_scheme.auth_mon_id 
_pdbx_nonpoly_scheme.pdb_strand_id 
_pdbx_nonpoly_scheme.pdb_ins_code 
B 2 IPA 1  200 200 IPA IOH R . 
C 3 HOH 1  201 201 HOH HOH R . 
C 3 HOH 2  202 202 HOH HOH R . 
C 3 HOH 3  203 203 HOH HOH R . 
C 3 HOH 4  204 204 HOH HOH R . 
C 3 HOH 5  205 205 HOH HOH R . 
C 3 HOH 6  206 206 HOH HOH R . 
C 3 HOH 7  207 207 HOH HOH R . 
C 3 HOH 8  208 208 HOH HOH R . 
C 3 HOH 9  209 209 HOH HOH R . 
C 3 HOH 10 210 210 HOH HOH R . 
C 3 HOH 11 211 211 HOH HOH R . 
C 3 HOH 12 212 212 HOH HOH R . 
C 3 HOH 13 213 213 HOH HOH R . 
C 3 HOH 14 214 214 HOH HOH R . 
C 3 HOH 15 215 215 HOH HOH R . 
C 3 HOH 16 216 216 HOH HOH R . 
C 3 HOH 17 217 217 HOH HOH R . 
C 3 HOH 18 218 218 HOH HOH R . 
C 3 HOH 19 219 219 HOH HOH R . 
C 3 HOH 20 220 220 HOH HOH R . 
C 3 HOH 21 221 221 HOH HOH R . 
C 3 HOH 22 222 222 HOH HOH R . 
C 3 HOH 23 223 223 HOH HOH R . 
C 3 HOH 24 224 224 HOH HOH R . 
C 3 HOH 25 225 225 HOH HOH R . 
C 3 HOH 26 226 226 HOH HOH R . 
C 3 HOH 27 227 227 HOH HOH R . 
C 3 HOH 28 228 228 HOH HOH R . 
C 3 HOH 29 229 229 HOH HOH R . 
C 3 HOH 30 230 230 HOH HOH R . 
C 3 HOH 31 231 231 HOH HOH R . 
C 3 HOH 32 232 232 HOH HOH R . 
C 3 HOH 33 233 233 HOH HOH R . 
C 3 HOH 34 234 234 HOH HOH R . 
C 3 HOH 35 235 235 HOH HOH R . 
C 3 HOH 36 236 236 HOH HOH R . 
C 3 HOH 37 237 237 HOH HOH R . 
C 3 HOH 38 238 238 HOH HOH R . 
C 3 HOH 39 239 239 HOH HOH R . 
C 3 HOH 40 240 240 HOH HOH R . 
C 3 HOH 41 241 241 HOH HOH R . 
C 3 HOH 42 242 242 HOH HOH R . 
C 3 HOH 43 243 243 HOH HOH R . 
C 3 HOH 44 244 244 HOH HOH R . 
C 3 HOH 45 245 245 HOH HOH R . 
C 3 HOH 46 246 246 HOH HOH R . 
C 3 HOH 47 247 247 HOH HOH R . 
# 
loop_
_software.name 
_software.classification 
_software.version 
_software.citation_id 
_software.pdbx_ordinal 
DENZO     'data reduction' .   ? 1 
SCALEPACK 'data scaling'   .   ? 2 
AMoRE     phasing          .   ? 3 
REFMAC    refinement       5.0 ? 4 
# 
_cell.entry_id           1MI7 
_cell.length_a           85.310 
_cell.length_b           85.310 
_cell.length_c           113.968 
_cell.angle_alpha        90.00 
_cell.angle_beta         90.00 
_cell.angle_gamma        120.00 
_cell.Z_PDB              12 
_cell.pdbx_unique_axis   ? 
_cell.length_a_esd       ? 
_cell.length_b_esd       ? 
_cell.length_c_esd       ? 
_cell.angle_alpha_esd    ? 
_cell.angle_beta_esd     ? 
_cell.angle_gamma_esd    ? 
# 
_symmetry.entry_id                         1MI7 
_symmetry.space_group_name_H-M             'P 61 2 2' 
_symmetry.pdbx_full_space_group_name_H-M   ? 
_symmetry.cell_setting                     ? 
_symmetry.Int_Tables_number                178 
_symmetry.space_group_name_Hall            ? 
# 
_exptl.entry_id          1MI7 
_exptl.method            'X-RAY DIFFRACTION' 
_exptl.crystals_number   1 
# 
_exptl_crystal.id                    1 
_exptl_crystal.density_meas          ? 
_exptl_crystal.density_percent_sol   74.84 
_exptl_crystal.density_Matthews      4.89 
_exptl_crystal.description           ? 
_exptl_crystal.F_000                 ? 
_exptl_crystal.preparation           ? 
# 
_exptl_crystal_grow.crystal_id      1 
_exptl_crystal_grow.method          'VAPOR DIFFUSION, HANGING DROP' 
_exptl_crystal_grow.temp            295 
_exptl_crystal_grow.temp_details    ? 
_exptl_crystal_grow.pH              7.5 
_exptl_crystal_grow.pdbx_details    
'100 mM Na HEPES, 100 mM sodium chloride, 30%(v/v) isopropanol, pH 7.5, VAPOR DIFFUSION, HANGING DROP, temperature 295K' 
_exptl_crystal_grow.pdbx_pH_range   . 
# 
_diffrn.id                     1 
_diffrn.ambient_temp           100 
_diffrn.ambient_temp_details   ? 
_diffrn.crystal_id             1 
# 
_diffrn_detector.diffrn_id              1 
_diffrn_detector.detector               CCD 
_diffrn_detector.type                   CUSTOM-MADE 
_diffrn_detector.pdbx_collection_date   2001-04-24 
_diffrn_detector.details                ? 
# 
_diffrn_radiation.diffrn_id                        1 
_diffrn_radiation.wavelength_id                    1 
_diffrn_radiation.pdbx_monochromatic_or_laue_m_l   M 
_diffrn_radiation.monochromator                    'DOUBLE CRYSTAL MONOCHROMATOR' 
_diffrn_radiation.pdbx_diffrn_protocol             'SINGLE WAVELENGTH' 
_diffrn_radiation.pdbx_scattering_type             x-ray 
# 
_diffrn_radiation_wavelength.id           1 
_diffrn_radiation_wavelength.wavelength   1.1 
_diffrn_radiation_wavelength.wt           1.0 
# 
_diffrn_source.diffrn_id                   1 
_diffrn_source.source                      SYNCHROTRON 
_diffrn_source.type                        'NSLS BEAMLINE X25' 
_diffrn_source.pdbx_synchrotron_site       NSLS 
_diffrn_source.pdbx_synchrotron_beamline   X25 
_diffrn_source.pdbx_wavelength             ? 
_diffrn_source.pdbx_wavelength_list        1.1 
# 
_reflns.entry_id                     1MI7 
_reflns.observed_criterion_sigma_F   ? 
_reflns.observed_criterion_sigma_I   -3.0 
_reflns.d_resolution_high            2.5 
_reflns.d_resolution_low             50.0 
_reflns.number_all                   8304 
_reflns.number_obs                   8304 
_reflns.percent_possible_obs         92.5 
_reflns.pdbx_Rmerge_I_obs            0.052 
_reflns.pdbx_Rsym_value              ? 
_reflns.pdbx_netI_over_sigmaI        24.1 
_reflns.B_iso_Wilson_estimate        61.3 
_reflns.pdbx_redundancy              8.1 
_reflns.R_free_details               ? 
_reflns.limit_h_max                  ? 
_reflns.limit_h_min                  ? 
_reflns.limit_k_max                  ? 
_reflns.limit_k_min                  ? 
_reflns.limit_l_max                  ? 
_reflns.limit_l_min                  ? 
_reflns.observed_criterion_F_max     ? 
_reflns.observed_criterion_F_min     ? 
_reflns.pdbx_chi_squared             ? 
_reflns.pdbx_scaling_rejects         ? 
_reflns.pdbx_ordinal                 1 
_reflns.pdbx_diffrn_id               1 
# 
_reflns_shell.d_res_high             2.5 
_reflns_shell.d_res_low              2.6 
_reflns_shell.percent_possible_all   61.0 
_reflns_shell.Rmerge_I_obs           0.169 
_reflns_shell.pdbx_Rsym_value        ? 
_reflns_shell.meanI_over_sigI_obs    2.6 
_reflns_shell.pdbx_redundancy        ? 
_reflns_shell.percent_possible_obs   ? 
_reflns_shell.number_unique_all      526 
_reflns_shell.number_measured_all    ? 
_reflns_shell.number_measured_obs    ? 
_reflns_shell.number_unique_obs      ? 
_reflns_shell.pdbx_chi_squared       ? 
_reflns_shell.pdbx_ordinal           1 
_reflns_shell.pdbx_diffrn_id         1 
# 
_refine.entry_id                                 1MI7 
_refine.ls_number_reflns_obs                     7722 
_refine.ls_number_reflns_all                     7722 
_refine.pdbx_ls_sigma_I                          0.0 
_refine.pdbx_ls_sigma_F                          0.0 
_refine.pdbx_data_cutoff_high_absF               ? 
_refine.pdbx_data_cutoff_low_absF                ? 
_refine.ls_d_res_low                             74.54 
_refine.ls_d_res_high                            2.50 
_refine.ls_percent_reflns_obs                    91.38 
_refine.ls_R_factor_obs                          0.25505 
_refine.ls_R_factor_all                          ? 
_refine.ls_R_factor_R_work                       0.25308 
_refine.ls_R_factor_R_free                       0.28756 
_refine.ls_R_factor_R_free_error                 ? 
_refine.ls_R_factor_R_free_error_details         ? 
_refine.ls_percent_reflns_R_free                 5.6 
_refine.ls_number_reflns_R_free                  455 
_refine.ls_number_parameters                     ? 
_refine.ls_number_restraints                     ? 
_refine.occupancy_min                            ? 
_refine.occupancy_max                            ? 
_refine.correlation_coeff_Fo_to_Fc               0.913 
_refine.correlation_coeff_Fo_to_Fc_free          0.882 
_refine.B_iso_mean                               31.215 
_refine.aniso_B[1][1]                            -0.93 
_refine.aniso_B[2][2]                            -0.93 
_refine.aniso_B[3][3]                            1.40 
_refine.aniso_B[1][2]                            -0.47 
_refine.aniso_B[1][3]                            0.00 
_refine.aniso_B[2][3]                            0.00 
_refine.solvent_model_details                    'BABINET MODEL WITH MASK' 
_refine.solvent_model_param_ksol                 ? 
_refine.solvent_model_param_bsol                 ? 
_refine.pdbx_solvent_vdw_probe_radii             1.40 
_refine.pdbx_solvent_ion_probe_radii             0.80 
_refine.pdbx_solvent_shrinkage_radii             0.80 
_refine.pdbx_ls_cross_valid_method               THROUGHOUT 
_refine.details                                  ? 
_refine.pdbx_starting_model                      'PDB ENTRY 2WRP BIOLOGICAL DIMER' 
_refine.pdbx_method_to_determine_struct          'MOLECULAR REPLACEMENT' 
_refine.pdbx_isotropic_thermal_model             'ISOTROPIC, WITH TLS' 
_refine.pdbx_stereochemistry_target_values       'MAXIMUM LIKELIHOOD' 
_refine.pdbx_stereochem_target_val_spec_case     ? 
_refine.pdbx_R_Free_selection_details            'RANDOM, 5.5%' 
_refine.pdbx_overall_ESU_R                       0.305 
_refine.pdbx_overall_ESU_R_Free                  0.255 
_refine.overall_SU_ML                            0.212 
_refine.overall_SU_B                             10.109 
_refine.ls_redundancy_reflns_obs                 ? 
_refine.pdbx_data_cutoff_high_rms_absF           ? 
_refine.B_iso_min                                ? 
_refine.B_iso_max                                ? 
_refine.overall_SU_R_Cruickshank_DPI             ? 
_refine.overall_SU_R_free                        ? 
_refine.pdbx_overall_phase_error                 ? 
_refine.ls_wR_factor_R_free                      ? 
_refine.ls_wR_factor_R_work                      ? 
_refine.overall_FOM_free_R_set                   ? 
_refine.overall_FOM_work_R_set                   ? 
_refine.pdbx_refine_id                           'X-RAY DIFFRACTION' 
_refine.pdbx_TLS_residual_ADP_flag               'LIKELY RESIDUAL' 
_refine.pdbx_diffrn_id                           1 
_refine.pdbx_overall_SU_R_free_Cruickshank_DPI   ? 
_refine.pdbx_overall_SU_R_Blow_DPI               ? 
_refine.pdbx_overall_SU_R_free_Blow_DPI          ? 
# 
_refine_analyze.entry_id                        1MI7 
_refine_analyze.Luzzati_coordinate_error_obs    .432 
_refine_analyze.Luzzati_sigma_a_obs             ? 
_refine_analyze.Luzzati_d_res_low_obs           10.0 
_refine_analyze.Luzzati_coordinate_error_free   ? 
_refine_analyze.Luzzati_sigma_a_free            ? 
_refine_analyze.Luzzati_d_res_low_free          ? 
_refine_analyze.number_disordered_residues      ? 
_refine_analyze.occupancy_sum_non_hydrogen      ? 
_refine_analyze.occupancy_sum_hydrogen          ? 
_refine_analyze.pdbx_Luzzati_d_res_high_obs     ? 
_refine_analyze.pdbx_refine_id                  'X-RAY DIFFRACTION' 
# 
_refine_hist.pdbx_refine_id                   'X-RAY DIFFRACTION' 
_refine_hist.cycle_id                         LAST 
_refine_hist.pdbx_number_atoms_protein        830 
_refine_hist.pdbx_number_atoms_nucleic_acid   0 
_refine_hist.pdbx_number_atoms_ligand         4 
_refine_hist.number_atoms_solvent             47 
_refine_hist.number_atoms_total               881 
_refine_hist.d_res_high                       2.50 
_refine_hist.d_res_low                        74.54 
# 
loop_
_refine_ls_restr.type 
_refine_ls_restr.dev_ideal 
_refine_ls_restr.dev_ideal_target 
_refine_ls_restr.weight 
_refine_ls_restr.number 
_refine_ls_restr.pdbx_refine_id 
_refine_ls_restr.pdbx_restraint_function 
r_bond_refined_d         0.018 0.021 ? 845  'X-RAY DIFFRACTION' ? 
r_bond_other_d           ?     ?     ? ?    'X-RAY DIFFRACTION' ? 
r_angle_refined_deg      1.577 1.980 ? 1141 'X-RAY DIFFRACTION' ? 
r_angle_other_deg        ?     ?     ? ?    'X-RAY DIFFRACTION' ? 
r_dihedral_angle_1_deg   4.662 5.000 ? 102  'X-RAY DIFFRACTION' ? 
r_dihedral_angle_2_deg   ?     ?     ? ?    'X-RAY DIFFRACTION' ? 
r_chiral_restr           0.094 0.200 ? 130  'X-RAY DIFFRACTION' ? 
r_gen_planes_refined     0.006 0.020 ? 632  'X-RAY DIFFRACTION' ? 
r_gen_planes_other       ?     ?     ? ?    'X-RAY DIFFRACTION' ? 
r_nbd_refined            0.240 0.200 ? 346  'X-RAY DIFFRACTION' ? 
r_nbd_other              ?     ?     ? ?    'X-RAY DIFFRACTION' ? 
r_nbtor_other            ?     ?     ? ?    'X-RAY DIFFRACTION' ? 
r_xyhbond_nbd_refined    0.158 0.200 ? 38   'X-RAY DIFFRACTION' ? 
r_xyhbond_nbd_other      ?     ?     ? ?    'X-RAY DIFFRACTION' ? 
r_symmetry_vdw_refined   0.244 0.200 ? 51   'X-RAY DIFFRACTION' ? 
r_symmetry_vdw_other     ?     ?     ? ?    'X-RAY DIFFRACTION' ? 
r_symmetry_hbond_refined 0.208 0.200 ? 9    'X-RAY DIFFRACTION' ? 
r_symmetry_hbond_other   ?     ?     ? ?    'X-RAY DIFFRACTION' ? 
r_mcbond_it              1.834 4.000 ? 516  'X-RAY DIFFRACTION' ? 
r_mcangle_it             3.012 5.000 ? 823  'X-RAY DIFFRACTION' ? 
r_scbond_it              3.427 5.000 ? 329  'X-RAY DIFFRACTION' ? 
r_scangle_it             5.178 5.000 ? 318  'X-RAY DIFFRACTION' ? 
r_rigid_bond_restr       ?     ?     ? ?    'X-RAY DIFFRACTION' ? 
r_sphericity_free        ?     ?     ? ?    'X-RAY DIFFRACTION' ? 
r_sphericity_bonded      ?     ?     ? ?    'X-RAY DIFFRACTION' ? 
# 
_refine_ls_shell.pdbx_total_number_of_bins_used   15 
_refine_ls_shell.d_res_high                       2.50 
_refine_ls_shell.d_res_low                        2.590 
_refine_ls_shell.number_reflns_R_work             464 
_refine_ls_shell.R_factor_R_work                  0.297 
_refine_ls_shell.percent_reflns_obs               61.0 
_refine_ls_shell.R_factor_R_free                  0.338 
_refine_ls_shell.R_factor_R_free_error            ? 
_refine_ls_shell.percent_reflns_R_free            ? 
_refine_ls_shell.number_reflns_R_free             29 
_refine_ls_shell.number_reflns_obs                522 
_refine_ls_shell.redundancy_reflns_obs            ? 
_refine_ls_shell.number_reflns_all                ? 
_refine_ls_shell.R_factor_all                     ? 
_refine_ls_shell.pdbx_refine_id                   'X-RAY DIFFRACTION' 
# 
_struct.entry_id                  1MI7 
_struct.title                     'Crystal Structure of Domain Swapped trp Aporepressor in 30%(v/v) Isopropanol' 
_struct.pdbx_model_details        ? 
_struct.pdbx_CASP_flag            ? 
_struct.pdbx_model_type_details   ? 
# 
_struct_keywords.entry_id        1MI7 
_struct_keywords.pdbx_keywords   TRANSCRIPTION 
_struct_keywords.text            
'DOMAIN SWAPPING, DNA BINDING PROTEIN, ALCOHOL INDUCED CONFORMATIONAL REARRANGEMENT, TRANSCRIPTION' 
# 
loop_
_struct_asym.id 
_struct_asym.pdbx_blank_PDB_chainid_flag 
_struct_asym.pdbx_modified 
_struct_asym.entity_id 
_struct_asym.details 
A N N 1 ? 
B N N 2 ? 
C N N 3 ? 
# 
_struct_ref.id                         1 
_struct_ref.db_name                    UNP 
_struct_ref.db_code                    TRPR_ECOLI 
_struct_ref.entity_id                  1 
_struct_ref.pdbx_seq_one_letter_code   
;AQQSPYSAAMAEQRHQEWLRFVDLLKNAYQNDLHLPLLNLMLTPDEREALGTRVRIVEELLRGEMSQRELKNELGAGIAT
ITRGSNSLKAAPVELRQWLEEVLLKSD
;
_struct_ref.pdbx_align_begin           1 
_struct_ref.pdbx_db_accession          P0A881 
_struct_ref.pdbx_db_isoform            ? 
# 
_struct_ref_seq.align_id                      1 
_struct_ref_seq.ref_id                        1 
_struct_ref_seq.pdbx_PDB_id_code              1MI7 
_struct_ref_seq.pdbx_strand_id                R 
_struct_ref_seq.seq_align_beg                 1 
_struct_ref_seq.pdbx_seq_align_beg_ins_code   ? 
_struct_ref_seq.seq_align_end                 107 
_struct_ref_seq.pdbx_seq_align_end_ins_code   ? 
_struct_ref_seq.pdbx_db_accession             P0A881 
_struct_ref_seq.db_align_beg                  1 
_struct_ref_seq.pdbx_db_align_beg_ins_code    ? 
_struct_ref_seq.db_align_end                  107 
_struct_ref_seq.pdbx_db_align_end_ins_code    ? 
_struct_ref_seq.pdbx_auth_seq_align_beg       2 
_struct_ref_seq.pdbx_auth_seq_align_end       108 
# 
_pdbx_struct_assembly.id                   1 
_pdbx_struct_assembly.details              author_and_software_defined_assembly 
_pdbx_struct_assembly.method_details       PISA 
_pdbx_struct_assembly.oligomeric_details   dimeric 
_pdbx_struct_assembly.oligomeric_count     2 
# 
loop_
_pdbx_struct_assembly_prop.biol_id 
_pdbx_struct_assembly_prop.type 
_pdbx_struct_assembly_prop.value 
_pdbx_struct_assembly_prop.details 
1 'ABSA (A^2)' 3080  ? 
1 MORE         -17   ? 
1 'SSA (A^2)'  16120 ? 
# 
_pdbx_struct_assembly_gen.assembly_id       1 
_pdbx_struct_assembly_gen.oper_expression   1,2 
_pdbx_struct_assembly_gen.asym_id_list      A,B,C 
# 
loop_
_pdbx_struct_oper_list.id 
_pdbx_struct_oper_list.type 
_pdbx_struct_oper_list.name 
_pdbx_struct_oper_list.symmetry_operation 
_pdbx_struct_oper_list.matrix[1][1] 
_pdbx_struct_oper_list.matrix[1][2] 
_pdbx_struct_oper_list.matrix[1][3] 
_pdbx_struct_oper_list.vector[1] 
_pdbx_struct_oper_list.matrix[2][1] 
_pdbx_struct_oper_list.matrix[2][2] 
_pdbx_struct_oper_list.matrix[2][3] 
_pdbx_struct_oper_list.vector[2] 
_pdbx_struct_oper_list.matrix[3][1] 
_pdbx_struct_oper_list.matrix[3][2] 
_pdbx_struct_oper_list.matrix[3][3] 
_pdbx_struct_oper_list.vector[3] 
1 'identity operation'         1_555  x,y,z         1.0000000000  0.0000000000  0.0000000000  0.0000000000   0.0000000000  1.0000000000 0.0000000000 0.0000000000   0.0000000000  0.0000000000 1.0000000000  0.0000000000   
2 'crystal symmetry operation' 11_555 -x+y,y,-z+1/2 -0.3689841245 -0.8645727163 -0.3411227552 -31.1077230076 -0.8645727163 0.1845755563 0.4673819447 -14.8926222049 -0.3411227552 0.4673819447 -0.8155914318 -19.7984805584 
# 
loop_
_struct_biol.id 
_struct_biol.details 
_struct_biol.pdbx_parent_biol_id 
1 
;CRYSTAL LATTICE: THE BIOLOGICAL UNIT REPRESENTS A PORTION OF THE DOMAIN-SWAPPED THREE DIMENSIONAL ARRAY   
The crystal lattice is generated almost entirely by extensive, branched domain swapping of dimer precursors, so the minimal relevant assembly might be considered to be the entire crystal.  To generate this assembly, use the full complement of crystallographic symmetry operators for space group P6(1)22.
;
? 
2 
;ASYMMETRIC UNIT CONTACTS:  to generate the nine crystallographic symmetry-related chains that make crystal contacts to the deposited asymmetric unit, use the following operators: 
X-Y,X,Z+1/6  dx= 1  dy= 1  dz= 0;  
-Y,X-Y,Z+1/3  dx= 1  dy= 1  dz= 0;  
-X+Y,-X,Z+2/3  dx= 0  dy= 1  dz=-1;  
Y,-X+Y,Z+5/6  dx=-1  dy= 0  dz=-1;  
Y,X,-Z+1/3  dx=-1  dy= 0  dz= 0;  
Y,X,-Z+1/3  dx= 0  dy= 1  dz= 0;  
-Y,-X,-Z+5/6  dx= 0  dy= 0  dz=-1;  
-X+Y,Y,-Z+1/2  dx= 0  dy= 0  dz= 0;  
X,X-Y,-Z+1/6  dx= 0  dy= 1  dz= 0.
;
? 
# 
loop_
_struct_conf.conf_type_id 
_struct_conf.id 
_struct_conf.pdbx_PDB_helix_id 
_struct_conf.beg_label_comp_id 
_struct_conf.beg_label_asym_id 
_struct_conf.beg_label_seq_id 
_struct_conf.pdbx_beg_PDB_ins_code 
_struct_conf.end_label_comp_id 
_struct_conf.end_label_asym_id 
_struct_conf.end_label_seq_id 
_struct_conf.pdbx_end_PDB_ins_code 
_struct_conf.beg_auth_comp_id 
_struct_conf.beg_auth_asym_id 
_struct_conf.beg_auth_seq_id 
_struct_conf.end_auth_comp_id 
_struct_conf.end_auth_asym_id 
_struct_conf.end_auth_seq_id 
_struct_conf.pdbx_PDB_helix_class 
_struct_conf.details 
_struct_conf.pdbx_PDB_helix_length 
HELX_P HELX_P1 1 SER A 4  ? GLN A 30  ? SER R 5  GLN R 31  1 ? 27 
HELX_P HELX_P2 2 LEU A 33 ? LEU A 42  ? LEU R 34 LEU R 43  1 ? 10 
HELX_P HELX_P3 3 THR A 43 ? ALA A 91  ? THR R 44 ALA R 92  1 ? 49 
HELX_P HELX_P4 4 PRO A 92 ? LEU A 104 ? PRO R 93 LEU R 105 1 ? 13 
# 
_struct_conf_type.id          HELX_P 
_struct_conf_type.criteria    ? 
_struct_conf_type.reference   ? 
# 
_struct_site.id                   AC1 
_struct_site.pdbx_evidence_code   Software 
_struct_site.pdbx_auth_asym_id    R 
_struct_site.pdbx_auth_comp_id    IPA 
_struct_site.pdbx_auth_seq_id     200 
_struct_site.pdbx_auth_ins_code   ? 
_struct_site.pdbx_num_residues    7 
_struct_site.details              'BINDING SITE FOR RESIDUE IPA R 200' 
# 
loop_
_struct_site_gen.id 
_struct_site_gen.site_id 
_struct_site_gen.pdbx_num_res 
_struct_site_gen.label_comp_id 
_struct_site_gen.label_asym_id 
_struct_site_gen.label_seq_id 
_struct_site_gen.pdbx_auth_ins_code 
_struct_site_gen.auth_comp_id 
_struct_site_gen.auth_asym_id 
_struct_site_gen.auth_seq_id 
_struct_site_gen.label_atom_id 
_struct_site_gen.label_alt_id 
_struct_site_gen.symmetry 
_struct_site_gen.details 
1 AC1 7 LEU A 40 ? LEU R 41  . ? 7_455 ? 
2 AC1 7 ARG A 53 ? ARG R 54  . ? 5_454 ? 
3 AC1 7 ILE A 56 ? ILE R 57  . ? 5_454 ? 
4 AC1 7 THR A 80 ? THR R 81  . ? 1_555 ? 
5 AC1 7 ARG A 83 ? ARG R 84  . ? 1_555 ? 
6 AC1 7 GLY A 84 ? GLY R 85  . ? 1_555 ? 
7 AC1 7 HOH C .  ? HOH R 207 . ? 1_555 ? 
# 
_pdbx_validate_close_contact.id               1 
_pdbx_validate_close_contact.PDB_model_num    1 
_pdbx_validate_close_contact.auth_atom_id_1   OG 
_pdbx_validate_close_contact.auth_asym_id_1   R 
_pdbx_validate_close_contact.auth_comp_id_1   SER 
_pdbx_validate_close_contact.auth_seq_id_1    5 
_pdbx_validate_close_contact.PDB_ins_code_1   ? 
_pdbx_validate_close_contact.label_alt_id_1   ? 
_pdbx_validate_close_contact.auth_atom_id_2   OG 
_pdbx_validate_close_contact.auth_asym_id_2   R 
_pdbx_validate_close_contact.auth_comp_id_2   SER 
_pdbx_validate_close_contact.auth_seq_id_2    8 
_pdbx_validate_close_contact.PDB_ins_code_2   ? 
_pdbx_validate_close_contact.label_alt_id_2   ? 
_pdbx_validate_close_contact.dist             2.18 
# 
loop_
_pdbx_validate_torsion.id 
_pdbx_validate_torsion.PDB_model_num 
_pdbx_validate_torsion.auth_comp_id 
_pdbx_validate_torsion.auth_asym_id 
_pdbx_validate_torsion.auth_seq_id 
_pdbx_validate_torsion.PDB_ins_code 
_pdbx_validate_torsion.label_alt_id 
_pdbx_validate_torsion.phi 
_pdbx_validate_torsion.psi 
1 1 GLN R 31 ? ? -72.99  48.05  
2 1 ASN R 32 ? ? -163.42 -10.44 
# 
_pdbx_refine_tls.id               1 
_pdbx_refine_tls.details          ? 
_pdbx_refine_tls.method           refined 
_pdbx_refine_tls.origin_x         -0.6597 
_pdbx_refine_tls.origin_y         -0.3071 
_pdbx_refine_tls.origin_z         0.0599 
_pdbx_refine_tls.T[1][1]          0.2809 
_pdbx_refine_tls.T[2][2]          0.1961 
_pdbx_refine_tls.T[3][3]          0.5173 
_pdbx_refine_tls.T[1][2]          -0.2154 
_pdbx_refine_tls.T[1][3]          -0.0669 
_pdbx_refine_tls.T[2][3]          0.0911 
_pdbx_refine_tls.L[1][1]          3.2079 
_pdbx_refine_tls.L[2][2]          1.7322 
_pdbx_refine_tls.L[3][3]          4.3087 
_pdbx_refine_tls.L[1][2]          2.1502 
_pdbx_refine_tls.L[1][3]          3.3075 
_pdbx_refine_tls.L[2][3]          3.3836 
_pdbx_refine_tls.S[1][1]          -0.1691 
_pdbx_refine_tls.S[1][2]          -0.1801 
_pdbx_refine_tls.S[1][3]          0.3520 
_pdbx_refine_tls.S[2][1]          -0.1275 
_pdbx_refine_tls.S[2][2]          -0.2686 
_pdbx_refine_tls.S[2][3]          0.0348 
_pdbx_refine_tls.S[3][1]          -0.4033 
_pdbx_refine_tls.S[3][2]          -0.3204 
_pdbx_refine_tls.S[3][3]          0.4378 
_pdbx_refine_tls.pdbx_refine_id   'X-RAY DIFFRACTION' 
# 
loop_
_pdbx_refine_tls_group.id 
_pdbx_refine_tls_group.refine_tls_id 
_pdbx_refine_tls_group.beg_label_asym_id 
_pdbx_refine_tls_group.beg_label_seq_id 
_pdbx_refine_tls_group.beg_auth_seq_id 
_pdbx_refine_tls_group.end_label_asym_id 
_pdbx_refine_tls_group.end_label_seq_id 
_pdbx_refine_tls_group.end_auth_seq_id 
_pdbx_refine_tls_group.selection 
_pdbx_refine_tls_group.beg_auth_asym_id 
_pdbx_refine_tls_group.end_auth_asym_id 
_pdbx_refine_tls_group.pdbx_refine_id 
_pdbx_refine_tls_group.selection_details 
1 1 A 2 3   A 104 105 ? R R 'X-RAY DIFFRACTION' ? 
2 1 B 1 200 A 1   200 ? R R 'X-RAY DIFFRACTION' ? 
# 
loop_
_pdbx_database_remark.id 
_pdbx_database_remark.text 
600 
;HETEROGEN
HOH ATOM COORDINATES DEFINE SOLVENT MOLECULES 
THAT MAY BE EITHER WATER OR ISOPROPANOL.  OF 47
SOLVENT POSITIONS LABELLED AS WATER (HOH), MORE 
THAN HALF ARE SUSPECTED TO BE AT LEAST PARTIALLY
OCCUPIED BY ISOPROPANOL, BASED EITHER ON LOW B-FACTOR
OR RELATIVELY LONG CONTACT DISTANCES TO PROTEIN ATOMS.
ONLY IN ONE CASE COULD SOLVENT BE UNAMBIGUOUSLY 
ASSIGNED AS ISOPROPANOL BASED ON ELECTRON DENSITY 
SHAPE (IOH 200).
;
300 
;BIOMOLECULE:  
THIS ENTRY CONTAINS THE CRYSTALLOGRAPHIC ASYMMETRIC UNIT
WHICH CONSISTS OF 1 CHAIN(S). THE BIOLOGICAL UNIT REPRESENTS A PORTION OF THE DOMAIN-SWAPPED THREE DIMENSIONAL ARRAY
;
# 
loop_
_pdbx_unobs_or_zero_occ_residues.id 
_pdbx_unobs_or_zero_occ_residues.PDB_model_num 
_pdbx_unobs_or_zero_occ_residues.polymer_flag 
_pdbx_unobs_or_zero_occ_residues.occupancy_flag 
_pdbx_unobs_or_zero_occ_residues.auth_asym_id 
_pdbx_unobs_or_zero_occ_residues.auth_comp_id 
_pdbx_unobs_or_zero_occ_residues.auth_seq_id 
_pdbx_unobs_or_zero_occ_residues.PDB_ins_code 
_pdbx_unobs_or_zero_occ_residues.label_asym_id 
_pdbx_unobs_or_zero_occ_residues.label_comp_id 
_pdbx_unobs_or_zero_occ_residues.label_seq_id 
1 1 Y 1 R ALA 2   ? A ALA 1   
2 1 Y 1 R LYS 106 ? A LYS 105 
3 1 Y 1 R SER 107 ? A SER 106 
4 1 Y 1 R ASP 108 ? A ASP 107 
# 
loop_
_chem_comp_atom.comp_id 
_chem_comp_atom.atom_id 
_chem_comp_atom.type_symbol 
_chem_comp_atom.pdbx_aromatic_flag 
_chem_comp_atom.pdbx_stereo_config 
_chem_comp_atom.pdbx_ordinal 
ALA N    N N N 1   
ALA CA   C N S 2   
ALA C    C N N 3   
ALA O    O N N 4   
ALA CB   C N N 5   
ALA OXT  O N N 6   
ALA H    H N N 7   
ALA H2   H N N 8   
ALA HA   H N N 9   
ALA HB1  H N N 10  
ALA HB2  H N N 11  
ALA HB3  H N N 12  
ALA HXT  H N N 13  
ARG N    N N N 14  
ARG CA   C N S 15  
ARG C    C N N 16  
ARG O    O N N 17  
ARG CB   C N N 18  
ARG CG   C N N 19  
ARG CD   C N N 20  
ARG NE   N N N 21  
ARG CZ   C N N 22  
ARG NH1  N N N 23  
ARG NH2  N N N 24  
ARG OXT  O N N 25  
ARG H    H N N 26  
ARG H2   H N N 27  
ARG HA   H N N 28  
ARG HB2  H N N 29  
ARG HB3  H N N 30  
ARG HG2  H N N 31  
ARG HG3  H N N 32  
ARG HD2  H N N 33  
ARG HD3  H N N 34  
ARG HE   H N N 35  
ARG HH11 H N N 36  
ARG HH12 H N N 37  
ARG HH21 H N N 38  
ARG HH22 H N N 39  
ARG HXT  H N N 40  
ASN N    N N N 41  
ASN CA   C N S 42  
ASN C    C N N 43  
ASN O    O N N 44  
ASN CB   C N N 45  
ASN CG   C N N 46  
ASN OD1  O N N 47  
ASN ND2  N N N 48  
ASN OXT  O N N 49  
ASN H    H N N 50  
ASN H2   H N N 51  
ASN HA   H N N 52  
ASN HB2  H N N 53  
ASN HB3  H N N 54  
ASN HD21 H N N 55  
ASN HD22 H N N 56  
ASN HXT  H N N 57  
ASP N    N N N 58  
ASP CA   C N S 59  
ASP C    C N N 60  
ASP O    O N N 61  
ASP CB   C N N 62  
ASP CG   C N N 63  
ASP OD1  O N N 64  
ASP OD2  O N N 65  
ASP OXT  O N N 66  
ASP H    H N N 67  
ASP H2   H N N 68  
ASP HA   H N N 69  
ASP HB2  H N N 70  
ASP HB3  H N N 71  
ASP HD2  H N N 72  
ASP HXT  H N N 73  
GLN N    N N N 74  
GLN CA   C N S 75  
GLN C    C N N 76  
GLN O    O N N 77  
GLN CB   C N N 78  
GLN CG   C N N 79  
GLN CD   C N N 80  
GLN OE1  O N N 81  
GLN NE2  N N N 82  
GLN OXT  O N N 83  
GLN H    H N N 84  
GLN H2   H N N 85  
GLN HA   H N N 86  
GLN HB2  H N N 87  
GLN HB3  H N N 88  
GLN HG2  H N N 89  
GLN HG3  H N N 90  
GLN HE21 H N N 91  
GLN HE22 H N N 92  
GLN HXT  H N N 93  
GLU N    N N N 94  
GLU CA   C N S 95  
GLU C    C N N 96  
GLU O    O N N 97  
GLU CB   C N N 98  
GLU CG   C N N 99  
GLU CD   C N N 100 
GLU OE1  O N N 101 
GLU OE2  O N N 102 
GLU OXT  O N N 103 
GLU H    H N N 104 
GLU H2   H N N 105 
GLU HA   H N N 106 
GLU HB2  H N N 107 
GLU HB3  H N N 108 
GLU HG2  H N N 109 
GLU HG3  H N N 110 
GLU HE2  H N N 111 
GLU HXT  H N N 112 
GLY N    N N N 113 
GLY CA   C N N 114 
GLY C    C N N 115 
GLY O    O N N 116 
GLY OXT  O N N 117 
GLY H    H N N 118 
GLY H2   H N N 119 
GLY HA2  H N N 120 
GLY HA3  H N N 121 
GLY HXT  H N N 122 
HIS N    N N N 123 
HIS CA   C N S 124 
HIS C    C N N 125 
HIS O    O N N 126 
HIS CB   C N N 127 
HIS CG   C Y N 128 
HIS ND1  N Y N 129 
HIS CD2  C Y N 130 
HIS CE1  C Y N 131 
HIS NE2  N Y N 132 
HIS OXT  O N N 133 
HIS H    H N N 134 
HIS H2   H N N 135 
HIS HA   H N N 136 
HIS HB2  H N N 137 
HIS HB3  H N N 138 
HIS HD1  H N N 139 
HIS HD2  H N N 140 
HIS HE1  H N N 141 
HIS HE2  H N N 142 
HIS HXT  H N N 143 
HOH O    O N N 144 
HOH H1   H N N 145 
HOH H2   H N N 146 
ILE N    N N N 147 
ILE CA   C N S 148 
ILE C    C N N 149 
ILE O    O N N 150 
ILE CB   C N S 151 
ILE CG1  C N N 152 
ILE CG2  C N N 153 
ILE CD1  C N N 154 
ILE OXT  O N N 155 
ILE H    H N N 156 
ILE H2   H N N 157 
ILE HA   H N N 158 
ILE HB   H N N 159 
ILE HG12 H N N 160 
ILE HG13 H N N 161 
ILE HG21 H N N 162 
ILE HG22 H N N 163 
ILE HG23 H N N 164 
ILE HD11 H N N 165 
ILE HD12 H N N 166 
ILE HD13 H N N 167 
ILE HXT  H N N 168 
IPA C1   C N N 169 
IPA C2   C N N 170 
IPA C3   C N N 171 
IPA O2   O N N 172 
IPA H11  H N N 173 
IPA H12  H N N 174 
IPA H13  H N N 175 
IPA H2   H N N 176 
IPA H31  H N N 177 
IPA H32  H N N 178 
IPA H33  H N N 179 
IPA HO2  H N N 180 
LEU N    N N N 181 
LEU CA   C N S 182 
LEU C    C N N 183 
LEU O    O N N 184 
LEU CB   C N N 185 
LEU CG   C N N 186 
LEU CD1  C N N 187 
LEU CD2  C N N 188 
LEU OXT  O N N 189 
LEU H    H N N 190 
LEU H2   H N N 191 
LEU HA   H N N 192 
LEU HB2  H N N 193 
LEU HB3  H N N 194 
LEU HG   H N N 195 
LEU HD11 H N N 196 
LEU HD12 H N N 197 
LEU HD13 H N N 198 
LEU HD21 H N N 199 
LEU HD22 H N N 200 
LEU HD23 H N N 201 
LEU HXT  H N N 202 
LYS N    N N N 203 
LYS CA   C N S 204 
LYS C    C N N 205 
LYS O    O N N 206 
LYS CB   C N N 207 
LYS CG   C N N 208 
LYS CD   C N N 209 
LYS CE   C N N 210 
LYS NZ   N N N 211 
LYS OXT  O N N 212 
LYS H    H N N 213 
LYS H2   H N N 214 
LYS HA   H N N 215 
LYS HB2  H N N 216 
LYS HB3  H N N 217 
LYS HG2  H N N 218 
LYS HG3  H N N 219 
LYS HD2  H N N 220 
LYS HD3  H N N 221 
LYS HE2  H N N 222 
LYS HE3  H N N 223 
LYS HZ1  H N N 224 
LYS HZ2  H N N 225 
LYS HZ3  H N N 226 
LYS HXT  H N N 227 
MET N    N N N 228 
MET CA   C N S 229 
MET C    C N N 230 
MET O    O N N 231 
MET CB   C N N 232 
MET CG   C N N 233 
MET SD   S N N 234 
MET CE   C N N 235 
MET OXT  O N N 236 
MET H    H N N 237 
MET H2   H N N 238 
MET HA   H N N 239 
MET HB2  H N N 240 
MET HB3  H N N 241 
MET HG2  H N N 242 
MET HG3  H N N 243 
MET HE1  H N N 244 
MET HE2  H N N 245 
MET HE3  H N N 246 
MET HXT  H N N 247 
PHE N    N N N 248 
PHE CA   C N S 249 
PHE C    C N N 250 
PHE O    O N N 251 
PHE CB   C N N 252 
PHE CG   C Y N 253 
PHE CD1  C Y N 254 
PHE CD2  C Y N 255 
PHE CE1  C Y N 256 
PHE CE2  C Y N 257 
PHE CZ   C Y N 258 
PHE OXT  O N N 259 
PHE H    H N N 260 
PHE H2   H N N 261 
PHE HA   H N N 262 
PHE HB2  H N N 263 
PHE HB3  H N N 264 
PHE HD1  H N N 265 
PHE HD2  H N N 266 
PHE HE1  H N N 267 
PHE HE2  H N N 268 
PHE HZ   H N N 269 
PHE HXT  H N N 270 
PRO N    N N N 271 
PRO CA   C N S 272 
PRO C    C N N 273 
PRO O    O N N 274 
PRO CB   C N N 275 
PRO CG   C N N 276 
PRO CD   C N N 277 
PRO OXT  O N N 278 
PRO H    H N N 279 
PRO HA   H N N 280 
PRO HB2  H N N 281 
PRO HB3  H N N 282 
PRO HG2  H N N 283 
PRO HG3  H N N 284 
PRO HD2  H N N 285 
PRO HD3  H N N 286 
PRO HXT  H N N 287 
SER N    N N N 288 
SER CA   C N S 289 
SER C    C N N 290 
SER O    O N N 291 
SER CB   C N N 292 
SER OG   O N N 293 
SER OXT  O N N 294 
SER H    H N N 295 
SER H2   H N N 296 
SER HA   H N N 297 
SER HB2  H N N 298 
SER HB3  H N N 299 
SER HG   H N N 300 
SER HXT  H N N 301 
THR N    N N N 302 
THR CA   C N S 303 
THR C    C N N 304 
THR O    O N N 305 
THR CB   C N R 306 
THR OG1  O N N 307 
THR CG2  C N N 308 
THR OXT  O N N 309 
THR H    H N N 310 
THR H2   H N N 311 
THR HA   H N N 312 
THR HB   H N N 313 
THR HG1  H N N 314 
THR HG21 H N N 315 
THR HG22 H N N 316 
THR HG23 H N N 317 
THR HXT  H N N 318 
TRP N    N N N 319 
TRP CA   C N S 320 
TRP C    C N N 321 
TRP O    O N N 322 
TRP CB   C N N 323 
TRP CG   C Y N 324 
TRP CD1  C Y N 325 
TRP CD2  C Y N 326 
TRP NE1  N Y N 327 
TRP CE2  C Y N 328 
TRP CE3  C Y N 329 
TRP CZ2  C Y N 330 
TRP CZ3  C Y N 331 
TRP CH2  C Y N 332 
TRP OXT  O N N 333 
TRP H    H N N 334 
TRP H2   H N N 335 
TRP HA   H N N 336 
TRP HB2  H N N 337 
TRP HB3  H N N 338 
TRP HD1  H N N 339 
TRP HE1  H N N 340 
TRP HE3  H N N 341 
TRP HZ2  H N N 342 
TRP HZ3  H N N 343 
TRP HH2  H N N 344 
TRP HXT  H N N 345 
TYR N    N N N 346 
TYR CA   C N S 347 
TYR C    C N N 348 
TYR O    O N N 349 
TYR CB   C N N 350 
TYR CG   C Y N 351 
TYR CD1  C Y N 352 
TYR CD2  C Y N 353 
TYR CE1  C Y N 354 
TYR CE2  C Y N 355 
TYR CZ   C Y N 356 
TYR OH   O N N 357 
TYR OXT  O N N 358 
TYR H    H N N 359 
TYR H2   H N N 360 
TYR HA   H N N 361 
TYR HB2  H N N 362 
TYR HB3  H N N 363 
TYR HD1  H N N 364 
TYR HD2  H N N 365 
TYR HE1  H N N 366 
TYR HE2  H N N 367 
TYR HH   H N N 368 
TYR HXT  H N N 369 
VAL N    N N N 370 
VAL CA   C N S 371 
VAL C    C N N 372 
VAL O    O N N 373 
VAL CB   C N N 374 
VAL CG1  C N N 375 
VAL CG2  C N N 376 
VAL OXT  O N N 377 
VAL H    H N N 378 
VAL H2   H N N 379 
VAL HA   H N N 380 
VAL HB   H N N 381 
VAL HG11 H N N 382 
VAL HG12 H N N 383 
VAL HG13 H N N 384 
VAL HG21 H N N 385 
VAL HG22 H N N 386 
VAL HG23 H N N 387 
VAL HXT  H N N 388 
# 
loop_
_chem_comp_bond.comp_id 
_chem_comp_bond.atom_id_1 
_chem_comp_bond.atom_id_2 
_chem_comp_bond.value_order 
_chem_comp_bond.pdbx_aromatic_flag 
_chem_comp_bond.pdbx_stereo_config 
_chem_comp_bond.pdbx_ordinal 
ALA N   CA   sing N N 1   
ALA N   H    sing N N 2   
ALA N   H2   sing N N 3   
ALA CA  C    sing N N 4   
ALA CA  CB   sing N N 5   
ALA CA  HA   sing N N 6   
ALA C   O    doub N N 7   
ALA C   OXT  sing N N 8   
ALA CB  HB1  sing N N 9   
ALA CB  HB2  sing N N 10  
ALA CB  HB3  sing N N 11  
ALA OXT HXT  sing N N 12  
ARG N   CA   sing N N 13  
ARG N   H    sing N N 14  
ARG N   H2   sing N N 15  
ARG CA  C    sing N N 16  
ARG CA  CB   sing N N 17  
ARG CA  HA   sing N N 18  
ARG C   O    doub N N 19  
ARG C   OXT  sing N N 20  
ARG CB  CG   sing N N 21  
ARG CB  HB2  sing N N 22  
ARG CB  HB3  sing N N 23  
ARG CG  CD   sing N N 24  
ARG CG  HG2  sing N N 25  
ARG CG  HG3  sing N N 26  
ARG CD  NE   sing N N 27  
ARG CD  HD2  sing N N 28  
ARG CD  HD3  sing N N 29  
ARG NE  CZ   sing N N 30  
ARG NE  HE   sing N N 31  
ARG CZ  NH1  sing N N 32  
ARG CZ  NH2  doub N N 33  
ARG NH1 HH11 sing N N 34  
ARG NH1 HH12 sing N N 35  
ARG NH2 HH21 sing N N 36  
ARG NH2 HH22 sing N N 37  
ARG OXT HXT  sing N N 38  
ASN N   CA   sing N N 39  
ASN N   H    sing N N 40  
ASN N   H2   sing N N 41  
ASN CA  C    sing N N 42  
ASN CA  CB   sing N N 43  
ASN CA  HA   sing N N 44  
ASN C   O    doub N N 45  
ASN C   OXT  sing N N 46  
ASN CB  CG   sing N N 47  
ASN CB  HB2  sing N N 48  
ASN CB  HB3  sing N N 49  
ASN CG  OD1  doub N N 50  
ASN CG  ND2  sing N N 51  
ASN ND2 HD21 sing N N 52  
ASN ND2 HD22 sing N N 53  
ASN OXT HXT  sing N N 54  
ASP N   CA   sing N N 55  
ASP N   H    sing N N 56  
ASP N   H2   sing N N 57  
ASP CA  C    sing N N 58  
ASP CA  CB   sing N N 59  
ASP CA  HA   sing N N 60  
ASP C   O    doub N N 61  
ASP C   OXT  sing N N 62  
ASP CB  CG   sing N N 63  
ASP CB  HB2  sing N N 64  
ASP CB  HB3  sing N N 65  
ASP CG  OD1  doub N N 66  
ASP CG  OD2  sing N N 67  
ASP OD2 HD2  sing N N 68  
ASP OXT HXT  sing N N 69  
GLN N   CA   sing N N 70  
GLN N   H    sing N N 71  
GLN N   H2   sing N N 72  
GLN CA  C    sing N N 73  
GLN CA  CB   sing N N 74  
GLN CA  HA   sing N N 75  
GLN C   O    doub N N 76  
GLN C   OXT  sing N N 77  
GLN CB  CG   sing N N 78  
GLN CB  HB2  sing N N 79  
GLN CB  HB3  sing N N 80  
GLN CG  CD   sing N N 81  
GLN CG  HG2  sing N N 82  
GLN CG  HG3  sing N N 83  
GLN CD  OE1  doub N N 84  
GLN CD  NE2  sing N N 85  
GLN NE2 HE21 sing N N 86  
GLN NE2 HE22 sing N N 87  
GLN OXT HXT  sing N N 88  
GLU N   CA   sing N N 89  
GLU N   H    sing N N 90  
GLU N   H2   sing N N 91  
GLU CA  C    sing N N 92  
GLU CA  CB   sing N N 93  
GLU CA  HA   sing N N 94  
GLU C   O    doub N N 95  
GLU C   OXT  sing N N 96  
GLU CB  CG   sing N N 97  
GLU CB  HB2  sing N N 98  
GLU CB  HB3  sing N N 99  
GLU CG  CD   sing N N 100 
GLU CG  HG2  sing N N 101 
GLU CG  HG3  sing N N 102 
GLU CD  OE1  doub N N 103 
GLU CD  OE2  sing N N 104 
GLU OE2 HE2  sing N N 105 
GLU OXT HXT  sing N N 106 
GLY N   CA   sing N N 107 
GLY N   H    sing N N 108 
GLY N   H2   sing N N 109 
GLY CA  C    sing N N 110 
GLY CA  HA2  sing N N 111 
GLY CA  HA3  sing N N 112 
GLY C   O    doub N N 113 
GLY C   OXT  sing N N 114 
GLY OXT HXT  sing N N 115 
HIS N   CA   sing N N 116 
HIS N   H    sing N N 117 
HIS N   H2   sing N N 118 
HIS CA  C    sing N N 119 
HIS CA  CB   sing N N 120 
HIS CA  HA   sing N N 121 
HIS C   O    doub N N 122 
HIS C   OXT  sing N N 123 
HIS CB  CG   sing N N 124 
HIS CB  HB2  sing N N 125 
HIS CB  HB3  sing N N 126 
HIS CG  ND1  sing Y N 127 
HIS CG  CD2  doub Y N 128 
HIS ND1 CE1  doub Y N 129 
HIS ND1 HD1  sing N N 130 
HIS CD2 NE2  sing Y N 131 
HIS CD2 HD2  sing N N 132 
HIS CE1 NE2  sing Y N 133 
HIS CE1 HE1  sing N N 134 
HIS NE2 HE2  sing N N 135 
HIS OXT HXT  sing N N 136 
HOH O   H1   sing N N 137 
HOH O   H2   sing N N 138 
ILE N   CA   sing N N 139 
ILE N   H    sing N N 140 
ILE N   H2   sing N N 141 
ILE CA  C    sing N N 142 
ILE CA  CB   sing N N 143 
ILE CA  HA   sing N N 144 
ILE C   O    doub N N 145 
ILE C   OXT  sing N N 146 
ILE CB  CG1  sing N N 147 
ILE CB  CG2  sing N N 148 
ILE CB  HB   sing N N 149 
ILE CG1 CD1  sing N N 150 
ILE CG1 HG12 sing N N 151 
ILE CG1 HG13 sing N N 152 
ILE CG2 HG21 sing N N 153 
ILE CG2 HG22 sing N N 154 
ILE CG2 HG23 sing N N 155 
ILE CD1 HD11 sing N N 156 
ILE CD1 HD12 sing N N 157 
ILE CD1 HD13 sing N N 158 
ILE OXT HXT  sing N N 159 
IPA C1  C2   sing N N 160 
IPA C1  H11  sing N N 161 
IPA C1  H12  sing N N 162 
IPA C1  H13  sing N N 163 
IPA C2  C3   sing N N 164 
IPA C2  O2   sing N N 165 
IPA C2  H2   sing N N 166 
IPA C3  H31  sing N N 167 
IPA C3  H32  sing N N 168 
IPA C3  H33  sing N N 169 
IPA O2  HO2  sing N N 170 
LEU N   CA   sing N N 171 
LEU N   H    sing N N 172 
LEU N   H2   sing N N 173 
LEU CA  C    sing N N 174 
LEU CA  CB   sing N N 175 
LEU CA  HA   sing N N 176 
LEU C   O    doub N N 177 
LEU C   OXT  sing N N 178 
LEU CB  CG   sing N N 179 
LEU CB  HB2  sing N N 180 
LEU CB  HB3  sing N N 181 
LEU CG  CD1  sing N N 182 
LEU CG  CD2  sing N N 183 
LEU CG  HG   sing N N 184 
LEU CD1 HD11 sing N N 185 
LEU CD1 HD12 sing N N 186 
LEU CD1 HD13 sing N N 187 
LEU CD2 HD21 sing N N 188 
LEU CD2 HD22 sing N N 189 
LEU CD2 HD23 sing N N 190 
LEU OXT HXT  sing N N 191 
LYS N   CA   sing N N 192 
LYS N   H    sing N N 193 
LYS N   H2   sing N N 194 
LYS CA  C    sing N N 195 
LYS CA  CB   sing N N 196 
LYS CA  HA   sing N N 197 
LYS C   O    doub N N 198 
LYS C   OXT  sing N N 199 
LYS CB  CG   sing N N 200 
LYS CB  HB2  sing N N 201 
LYS CB  HB3  sing N N 202 
LYS CG  CD   sing N N 203 
LYS CG  HG2  sing N N 204 
LYS CG  HG3  sing N N 205 
LYS CD  CE   sing N N 206 
LYS CD  HD2  sing N N 207 
LYS CD  HD3  sing N N 208 
LYS CE  NZ   sing N N 209 
LYS CE  HE2  sing N N 210 
LYS CE  HE3  sing N N 211 
LYS NZ  HZ1  sing N N 212 
LYS NZ  HZ2  sing N N 213 
LYS NZ  HZ3  sing N N 214 
LYS OXT HXT  sing N N 215 
MET N   CA   sing N N 216 
MET N   H    sing N N 217 
MET N   H2   sing N N 218 
MET CA  C    sing N N 219 
MET CA  CB   sing N N 220 
MET CA  HA   sing N N 221 
MET C   O    doub N N 222 
MET C   OXT  sing N N 223 
MET CB  CG   sing N N 224 
MET CB  HB2  sing N N 225 
MET CB  HB3  sing N N 226 
MET CG  SD   sing N N 227 
MET CG  HG2  sing N N 228 
MET CG  HG3  sing N N 229 
MET SD  CE   sing N N 230 
MET CE  HE1  sing N N 231 
MET CE  HE2  sing N N 232 
MET CE  HE3  sing N N 233 
MET OXT HXT  sing N N 234 
PHE N   CA   sing N N 235 
PHE N   H    sing N N 236 
PHE N   H2   sing N N 237 
PHE CA  C    sing N N 238 
PHE CA  CB   sing N N 239 
PHE CA  HA   sing N N 240 
PHE C   O    doub N N 241 
PHE C   OXT  sing N N 242 
PHE CB  CG   sing N N 243 
PHE CB  HB2  sing N N 244 
PHE CB  HB3  sing N N 245 
PHE CG  CD1  doub Y N 246 
PHE CG  CD2  sing Y N 247 
PHE CD1 CE1  sing Y N 248 
PHE CD1 HD1  sing N N 249 
PHE CD2 CE2  doub Y N 250 
PHE CD2 HD2  sing N N 251 
PHE CE1 CZ   doub Y N 252 
PHE CE1 HE1  sing N N 253 
PHE CE2 CZ   sing Y N 254 
PHE CE2 HE2  sing N N 255 
PHE CZ  HZ   sing N N 256 
PHE OXT HXT  sing N N 257 
PRO N   CA   sing N N 258 
PRO N   CD   sing N N 259 
PRO N   H    sing N N 260 
PRO CA  C    sing N N 261 
PRO CA  CB   sing N N 262 
PRO CA  HA   sing N N 263 
PRO C   O    doub N N 264 
PRO C   OXT  sing N N 265 
PRO CB  CG   sing N N 266 
PRO CB  HB2  sing N N 267 
PRO CB  HB3  sing N N 268 
PRO CG  CD   sing N N 269 
PRO CG  HG2  sing N N 270 
PRO CG  HG3  sing N N 271 
PRO CD  HD2  sing N N 272 
PRO CD  HD3  sing N N 273 
PRO OXT HXT  sing N N 274 
SER N   CA   sing N N 275 
SER N   H    sing N N 276 
SER N   H2   sing N N 277 
SER CA  C    sing N N 278 
SER CA  CB   sing N N 279 
SER CA  HA   sing N N 280 
SER C   O    doub N N 281 
SER C   OXT  sing N N 282 
SER CB  OG   sing N N 283 
SER CB  HB2  sing N N 284 
SER CB  HB3  sing N N 285 
SER OG  HG   sing N N 286 
SER OXT HXT  sing N N 287 
THR N   CA   sing N N 288 
THR N   H    sing N N 289 
THR N   H2   sing N N 290 
THR CA  C    sing N N 291 
THR CA  CB   sing N N 292 
THR CA  HA   sing N N 293 
THR C   O    doub N N 294 
THR C   OXT  sing N N 295 
THR CB  OG1  sing N N 296 
THR CB  CG2  sing N N 297 
THR CB  HB   sing N N 298 
THR OG1 HG1  sing N N 299 
THR CG2 HG21 sing N N 300 
THR CG2 HG22 sing N N 301 
THR CG2 HG23 sing N N 302 
THR OXT HXT  sing N N 303 
TRP N   CA   sing N N 304 
TRP N   H    sing N N 305 
TRP N   H2   sing N N 306 
TRP CA  C    sing N N 307 
TRP CA  CB   sing N N 308 
TRP CA  HA   sing N N 309 
TRP C   O    doub N N 310 
TRP C   OXT  sing N N 311 
TRP CB  CG   sing N N 312 
TRP CB  HB2  sing N N 313 
TRP CB  HB3  sing N N 314 
TRP CG  CD1  doub Y N 315 
TRP CG  CD2  sing Y N 316 
TRP CD1 NE1  sing Y N 317 
TRP CD1 HD1  sing N N 318 
TRP CD2 CE2  doub Y N 319 
TRP CD2 CE3  sing Y N 320 
TRP NE1 CE2  sing Y N 321 
TRP NE1 HE1  sing N N 322 
TRP CE2 CZ2  sing Y N 323 
TRP CE3 CZ3  doub Y N 324 
TRP CE3 HE3  sing N N 325 
TRP CZ2 CH2  doub Y N 326 
TRP CZ2 HZ2  sing N N 327 
TRP CZ3 CH2  sing Y N 328 
TRP CZ3 HZ3  sing N N 329 
TRP CH2 HH2  sing N N 330 
TRP OXT HXT  sing N N 331 
TYR N   CA   sing N N 332 
TYR N   H    sing N N 333 
TYR N   H2   sing N N 334 
TYR CA  C    sing N N 335 
TYR CA  CB   sing N N 336 
TYR CA  HA   sing N N 337 
TYR C   O    doub N N 338 
TYR C   OXT  sing N N 339 
TYR CB  CG   sing N N 340 
TYR CB  HB2  sing N N 341 
TYR CB  HB3  sing N N 342 
TYR CG  CD1  doub Y N 343 
TYR CG  CD2  sing Y N 344 
TYR CD1 CE1  sing Y N 345 
TYR CD1 HD1  sing N N 346 
TYR CD2 CE2  doub Y N 347 
TYR CD2 HD2  sing N N 348 
TYR CE1 CZ   doub Y N 349 
TYR CE1 HE1  sing N N 350 
TYR CE2 CZ   sing Y N 351 
TYR CE2 HE2  sing N N 352 
TYR CZ  OH   sing N N 353 
TYR OH  HH   sing N N 354 
TYR OXT HXT  sing N N 355 
VAL N   CA   sing N N 356 
VAL N   H    sing N N 357 
VAL N   H2   sing N N 358 
VAL CA  C    sing N N 359 
VAL CA  CB   sing N N 360 
VAL CA  HA   sing N N 361 
VAL C   O    doub N N 362 
VAL C   OXT  sing N N 363 
VAL CB  CG1  sing N N 364 
VAL CB  CG2  sing N N 365 
VAL CB  HB   sing N N 366 
VAL CG1 HG11 sing N N 367 
VAL CG1 HG12 sing N N 368 
VAL CG1 HG13 sing N N 369 
VAL CG2 HG21 sing N N 370 
VAL CG2 HG22 sing N N 371 
VAL CG2 HG23 sing N N 372 
VAL OXT HXT  sing N N 373 
# 
_pdbx_initial_refinement_model.id               1 
_pdbx_initial_refinement_model.entity_id_list   ? 
_pdbx_initial_refinement_model.type             'experimental model' 
_pdbx_initial_refinement_model.source_name      PDB 
_pdbx_initial_refinement_model.accession_code   2WRP 
_pdbx_initial_refinement_model.details          'PDB ENTRY 2WRP BIOLOGICAL DIMER' 
# 
_atom_sites.entry_id                    1MI7 
_atom_sites.fract_transf_matrix[1][1]   -0.00179389 
_atom_sites.fract_transf_matrix[1][2]   -0.00522854 
_atom_sites.fract_transf_matrix[1][3]   -0.01235538 
_atom_sites.fract_transf_matrix[2][1]   0.00760262 
_atom_sites.fract_transf_matrix[2][2]   -0.01041657 
_atom_sites.fract_transf_matrix[2][3]   -0.00410992 
_atom_sites.fract_transf_matrix[3][1]   -0.00592898 
_atom_sites.fract_transf_matrix[3][2]   -0.00560239 
_atom_sites.fract_transf_matrix[3][3]   0.00323165 
_atom_sites.fract_transf_vector[1]      0.105937 
_atom_sites.fract_transf_vector[2]      0.590118 
_atom_sites.fract_transf_vector[3]      0.148044 
# 
loop_
_atom_type.symbol 
C 
N 
O 
S 
# 
loop_
_atom_site.group_PDB 
_atom_site.id 
_atom_site.type_symbol 
_atom_site.label_atom_id 
_atom_site.label_alt_id 
_atom_site.label_comp_id 
_atom_site.label_asym_id 
_atom_site.label_entity_id 
_atom_site.label_seq_id 
_atom_site.pdbx_PDB_ins_code 
_atom_site.Cartn_x 
_atom_site.Cartn_y 
_atom_site.Cartn_z 
_atom_site.occupancy 
_atom_site.B_iso_or_equiv 
_atom_site.pdbx_formal_charge 
_atom_site.auth_seq_id 
_atom_site.auth_comp_id 
_atom_site.auth_asym_id 
_atom_site.auth_atom_id 
_atom_site.pdbx_PDB_model_num 
ATOM   1   N N   . GLN A 1 2   ? 2.305   0.218   -39.146 1.00 45.23 ? 3   GLN R N   1 
ATOM   2   C CA  . GLN A 1 2   ? 2.085   0.173   -37.662 1.00 45.50 ? 3   GLN R CA  1 
ATOM   3   C C   . GLN A 1 2   ? 1.466   -1.130  -37.180 1.00 45.28 ? 3   GLN R C   1 
ATOM   4   O O   . GLN A 1 2   ? 2.094   -1.854  -36.373 1.00 45.08 ? 3   GLN R O   1 
ATOM   5   C CB  . GLN A 1 2   ? 1.184   1.335   -37.227 1.00 45.23 ? 3   GLN R CB  1 
ATOM   6   C CG  . GLN A 1 2   ? 1.990   2.544   -36.829 1.00 48.43 ? 3   GLN R CG  1 
ATOM   7   C CD  . GLN A 1 2   ? 1.701   2.998   -35.351 1.00 47.82 ? 3   GLN R CD  1 
ATOM   8   O OE1 . GLN A 1 2   ? 1.008   2.276   -34.470 1.00 44.97 ? 3   GLN R OE1 1 
ATOM   9   N NE2 . GLN A 1 2   ? 2.226   4.216   -35.090 1.00 49.08 ? 3   GLN R NE2 1 
ATOM   10  N N   . GLN A 1 3   ? 0.232   -1.409  -37.684 1.00 44.60 ? 4   GLN R N   1 
ATOM   11  C CA  . GLN A 1 3   ? -0.601  -2.499  -37.183 1.00 41.82 ? 4   GLN R CA  1 
ATOM   12  C C   . GLN A 1 3   ? -1.626  -2.931  -38.216 1.00 40.91 ? 4   GLN R C   1 
ATOM   13  O O   . GLN A 1 3   ? -2.208  -2.095  -38.917 1.00 39.80 ? 4   GLN R O   1 
ATOM   14  C CB  . GLN A 1 3   ? -1.327  -2.049  -35.916 1.00 41.87 ? 4   GLN R CB  1 
ATOM   15  C CG  . GLN A 1 3   ? -1.820  -3.173  -35.018 1.00 40.19 ? 4   GLN R CG  1 
ATOM   16  C CD  . GLN A 1 3   ? -2.743  -2.675  -33.919 1.00 40.27 ? 4   GLN R CD  1 
ATOM   17  O OE1 . GLN A 1 3   ? -2.848  -3.299  -32.855 1.00 38.59 ? 4   GLN R OE1 1 
ATOM   18  N NE2 . GLN A 1 3   ? -3.416  -1.552  -34.172 1.00 39.84 ? 4   GLN R NE2 1 
ATOM   19  N N   . SER A 1 4   ? -1.856  -4.241  -38.277 1.00 41.29 ? 5   SER R N   1 
ATOM   20  C CA  . SER A 1 4   ? -2.827  -4.842  -39.193 1.00 40.22 ? 5   SER R CA  1 
ATOM   21  C C   . SER A 1 4   ? -4.248  -4.377  -38.927 1.00 40.26 ? 5   SER R C   1 
ATOM   22  O O   . SER A 1 4   ? -4.611  -4.127  -37.772 1.00 40.57 ? 5   SER R O   1 
ATOM   23  C CB  . SER A 1 4   ? -2.770  -6.379  -39.135 1.00 39.40 ? 5   SER R CB  1 
ATOM   24  O OG  . SER A 1 4   ? -3.317  -6.899  -37.936 1.00 35.65 ? 5   SER R OG  1 
ATOM   25  N N   . PRO A 1 5   ? -5.047  -4.265  -39.997 1.00 40.78 ? 6   PRO R N   1 
ATOM   26  C CA  . PRO A 1 5   ? -6.495  -4.019  -39.857 1.00 40.61 ? 6   PRO R CA  1 
ATOM   27  C C   . PRO A 1 5   ? -7.190  -5.053  -38.939 1.00 39.18 ? 6   PRO R C   1 
ATOM   28  O O   . PRO A 1 5   ? -8.143  -4.683  -38.251 1.00 38.08 ? 6   PRO R O   1 
ATOM   29  C CB  . PRO A 1 5   ? -7.013  -4.143  -41.298 1.00 40.49 ? 6   PRO R CB  1 
ATOM   30  C CG  . PRO A 1 5   ? -5.839  -3.840  -42.152 1.00 40.30 ? 6   PRO R CG  1 
ATOM   31  C CD  . PRO A 1 5   ? -4.627  -4.367  -41.426 1.00 40.64 ? 6   PRO R CD  1 
ATOM   32  N N   . TYR A 1 6   ? -6.716  -6.301  -38.928 1.00 38.12 ? 7   TYR R N   1 
ATOM   33  C CA  . TYR A 1 6   ? -7.251  -7.335  -38.031 1.00 38.33 ? 7   TYR R CA  1 
ATOM   34  C C   . TYR A 1 6   ? -6.882  -7.036  -36.577 1.00 35.69 ? 7   TYR R C   1 
ATOM   35  O O   . TYR A 1 6   ? -7.754  -6.743  -35.740 1.00 34.65 ? 7   TYR R O   1 
ATOM   36  C CB  . TYR A 1 6   ? -6.763  -8.743  -38.444 1.00 39.61 ? 7   TYR R CB  1 
ATOM   37  C CG  . TYR A 1 6   ? -7.229  -9.909  -37.557 1.00 42.23 ? 7   TYR R CG  1 
ATOM   38  C CD1 . TYR A 1 6   ? -6.293  -10.669 -36.830 1.00 42.86 ? 7   TYR R CD1 1 
ATOM   39  C CD2 . TYR A 1 6   ? -8.592  -10.272 -37.475 1.00 44.03 ? 7   TYR R CD2 1 
ATOM   40  C CE1 . TYR A 1 6   ? -6.690  -11.750 -36.041 1.00 42.85 ? 7   TYR R CE1 1 
ATOM   41  C CE2 . TYR A 1 6   ? -9.005  -11.353 -36.681 1.00 44.98 ? 7   TYR R CE2 1 
ATOM   42  C CZ  . TYR A 1 6   ? -8.041  -12.085 -35.967 1.00 45.33 ? 7   TYR R CZ  1 
ATOM   43  O OH  . TYR A 1 6   ? -8.428  -13.144 -35.171 1.00 45.57 ? 7   TYR R OH  1 
ATOM   44  N N   . SER A 1 7   ? -5.579  -7.074  -36.294 1.00 33.73 ? 8   SER R N   1 
ATOM   45  C CA  . SER A 1 7   ? -5.089  -6.967  -34.911 1.00 30.55 ? 8   SER R CA  1 
ATOM   46  C C   . SER A 1 7   ? -5.661  -5.788  -34.156 1.00 28.37 ? 8   SER R C   1 
ATOM   47  O O   . SER A 1 7   ? -5.879  -5.876  -32.944 1.00 28.25 ? 8   SER R O   1 
ATOM   48  C CB  . SER A 1 7   ? -3.584  -6.892  -34.898 1.00 28.03 ? 8   SER R CB  1 
ATOM   49  O OG  . SER A 1 7   ? -3.093  -7.721  -35.935 1.00 27.59 ? 8   SER R OG  1 
ATOM   50  N N   . ALA A 1 8   ? -5.910  -4.713  -34.903 1.00 26.98 ? 9   ALA R N   1 
ATOM   51  C CA  . ALA A 1 8   ? -6.547  -3.499  -34.413 1.00 25.37 ? 9   ALA R CA  1 
ATOM   52  C C   . ALA A 1 8   ? -8.012  -3.734  -34.076 1.00 24.32 ? 9   ALA R C   1 
ATOM   53  O O   . ALA A 1 8   ? -8.487  -3.208  -33.070 1.00 23.86 ? 9   ALA R O   1 
ATOM   54  C CB  . ALA A 1 8   ? -6.430  -2.396  -35.449 1.00 25.45 ? 9   ALA R CB  1 
ATOM   55  N N   . ALA A 1 9   ? -8.727  -4.492  -34.917 1.00 23.31 ? 10  ALA R N   1 
ATOM   56  C CA  . ALA A 1 9   ? -10.136 -4.852  -34.643 1.00 24.31 ? 10  ALA R CA  1 
ATOM   57  C C   . ALA A 1 9   ? -10.253 -5.789  -33.433 1.00 23.52 ? 10  ALA R C   1 
ATOM   58  O O   . ALA A 1 9   ? -11.164 -5.621  -32.612 1.00 22.28 ? 10  ALA R O   1 
ATOM   59  C CB  . ALA A 1 9   ? -10.831 -5.476  -35.869 1.00 23.41 ? 10  ALA R CB  1 
ATOM   60  N N   . MET A 1 10  ? -9.329  -6.747  -33.332 1.00 21.47 ? 11  MET R N   1 
ATOM   61  C CA  . MET A 1 10  ? -9.237  -7.601  -32.159 1.00 23.66 ? 11  MET R CA  1 
ATOM   62  C C   . MET A 1 10  ? -8.869  -6.834  -30.905 1.00 25.72 ? 11  MET R C   1 
ATOM   63  O O   . MET A 1 10  ? -9.394  -7.155  -29.832 1.00 25.40 ? 11  MET R O   1 
ATOM   64  C CB  . MET A 1 10  ? -8.235  -8.719  -32.358 1.00 23.96 ? 11  MET R CB  1 
ATOM   65  C CG  . MET A 1 10  ? -8.528  -9.565  -33.557 1.00 28.51 ? 11  MET R CG  1 
ATOM   66  S SD  . MET A 1 10  ? -10.100 -10.473 -33.435 1.00 34.76 ? 11  MET R SD  1 
ATOM   67  C CE  . MET A 1 10  ? -11.281 -9.426  -34.624 1.00 28.94 ? 11  MET R CE  1 
ATOM   68  N N   . ALA A 1 11  ? -7.984  -5.837  -31.026 1.00 23.07 ? 12  ALA R N   1 
ATOM   69  C CA  . ALA A 1 11  ? -7.590  -5.039  -29.870 1.00 24.20 ? 12  ALA R CA  1 
ATOM   70  C C   . ALA A 1 11  ? -8.802  -4.271  -29.375 1.00 24.70 ? 12  ALA R C   1 
ATOM   71  O O   . ALA A 1 11  ? -9.074  -4.213  -28.179 1.00 24.76 ? 12  ALA R O   1 
ATOM   72  C CB  . ALA A 1 11  ? -6.453  -4.084  -30.229 1.00 24.62 ? 12  ALA R CB  1 
ATOM   73  N N   . GLU A 1 12  ? -9.559  -3.727  -30.319 1.00 26.77 ? 13  GLU R N   1 
ATOM   74  C CA  . GLU A 1 12  ? -10.742 -2.918  -30.031 1.00 28.81 ? 13  GLU R CA  1 
ATOM   75  C C   . GLU A 1 12  ? -11.864 -3.739  -29.395 1.00 28.50 ? 13  GLU R C   1 
ATOM   76  O O   . GLU A 1 12  ? -12.531 -3.301  -28.457 1.00 27.97 ? 13  GLU R O   1 
ATOM   77  C CB  . GLU A 1 12  ? -11.218 -2.240  -31.328 1.00 30.21 ? 13  GLU R CB  1 
ATOM   78  C CG  . GLU A 1 12  ? -12.344 -1.233  -31.162 1.00 32.99 ? 13  GLU R CG  1 
ATOM   79  C CD  . GLU A 1 12  ? -12.056 -0.199  -30.088 1.00 35.25 ? 13  GLU R CD  1 
ATOM   80  O OE1 . GLU A 1 12  ? -10.875 0.190   -29.923 1.00 37.09 ? 13  GLU R OE1 1 
ATOM   81  O OE2 . GLU A 1 12  ? -13.011 0.226   -29.402 1.00 35.88 ? 13  GLU R OE2 1 
ATOM   82  N N   . GLN A 1 13  ? -12.058 -4.944  -29.919 1.00 30.13 ? 14  GLN R N   1 
ATOM   83  C CA  . GLN A 1 13  ? -13.035 -5.873  -29.397 1.00 29.17 ? 14  GLN R CA  1 
ATOM   84  C C   . GLN A 1 13  ? -12.717 -6.256  -27.943 1.00 29.20 ? 14  GLN R C   1 
ATOM   85  O O   . GLN A 1 13  ? -13.594 -6.175  -27.084 1.00 28.38 ? 14  GLN R O   1 
ATOM   86  C CB  . GLN A 1 13  ? -13.062 -7.093  -30.287 1.00 29.27 ? 14  GLN R CB  1 
ATOM   87  C CG  . GLN A 1 13  ? -14.168 -8.028  -29.931 1.00 34.14 ? 14  GLN R CG  1 
ATOM   88  C CD  . GLN A 1 13  ? -14.293 -9.170  -30.921 1.00 36.25 ? 14  GLN R CD  1 
ATOM   89  O OE1 . GLN A 1 13  ? -14.324 -8.934  -32.140 1.00 35.57 ? 14  GLN R OE1 1 
ATOM   90  N NE2 . GLN A 1 13  ? -14.369 -10.413 -30.406 1.00 32.52 ? 14  GLN R NE2 1 
ATOM   91  N N   . ARG A 1 14  ? -11.463 -6.640  -27.680 1.00 28.22 ? 15  ARG R N   1 
ATOM   92  C CA  . ARG A 1 14  ? -10.978 -6.925  -26.336 1.00 29.33 ? 15  ARG R CA  1 
ATOM   93  C C   . ARG A 1 14  ? -11.314 -5.804  -25.354 1.00 29.67 ? 15  ARG R C   1 
ATOM   94  O O   . ARG A 1 14  ? -11.811 -6.032  -24.231 1.00 30.53 ? 15  ARG R O   1 
ATOM   95  C CB  . ARG A 1 14  ? -9.475  -7.064  -26.370 1.00 30.18 ? 15  ARG R CB  1 
ATOM   96  C CG  . ARG A 1 14  ? -8.961  -8.463  -26.236 1.00 37.30 ? 15  ARG R CG  1 
ATOM   97  C CD  . ARG A 1 14  ? -7.406  -8.538  -26.244 1.00 42.69 ? 15  ARG R CD  1 
ATOM   98  N NE  . ARG A 1 14  ? -6.843  -8.332  -27.596 1.00 49.40 ? 15  ARG R NE  1 
ATOM   99  C CZ  . ARG A 1 14  ? -6.778  -9.276  -28.548 1.00 52.47 ? 15  ARG R CZ  1 
ATOM   100 N NH1 . ARG A 1 14  ? -7.236  -10.524 -28.320 1.00 55.67 ? 15  ARG R NH1 1 
ATOM   101 N NH2 . ARG A 1 14  ? -6.259  -8.976  -29.739 1.00 52.87 ? 15  ARG R NH2 1 
ATOM   102 N N   . HIS A 1 15  ? -11.029 -4.586  -25.784 1.00 29.18 ? 16  HIS R N   1 
ATOM   103 C CA  . HIS A 1 15  ? -11.259 -3.441  -24.951 1.00 29.84 ? 16  HIS R CA  1 
ATOM   104 C C   . HIS A 1 15  ? -12.751 -3.239  -24.641 1.00 29.46 ? 16  HIS R C   1 
ATOM   105 O O   . HIS A 1 15  ? -13.134 -3.055  -23.481 1.00 28.55 ? 16  HIS R O   1 
ATOM   106 C CB  . HIS A 1 15  ? -10.662 -2.215  -25.611 1.00 30.69 ? 16  HIS R CB  1 
ATOM   107 C CG  . HIS A 1 15  ? -10.828 -0.981  -24.799 1.00 32.22 ? 16  HIS R CG  1 
ATOM   108 N ND1 . HIS A 1 15  ? -11.202 0.226   -25.356 1.00 33.19 ? 16  HIS R ND1 1 
ATOM   109 C CD2 . HIS A 1 15  ? -10.700 -0.772  -23.463 1.00 32.62 ? 16  HIS R CD2 1 
ATOM   110 C CE1 . HIS A 1 15  ? -11.275 1.135   -24.398 1.00 35.17 ? 16  HIS R CE1 1 
ATOM   111 N NE2 . HIS A 1 15  ? -10.983 0.555   -23.240 1.00 36.34 ? 16  HIS R NE2 1 
ATOM   112 N N   . GLN A 1 16  ? -13.588 -3.287  -25.678 1.00 30.38 ? 17  GLN R N   1 
ATOM   113 C CA  . GLN A 1 16  ? -15.042 -3.193  -25.507 1.00 29.53 ? 17  GLN R CA  1 
ATOM   114 C C   . GLN A 1 16  ? -15.584 -4.273  -24.598 1.00 28.16 ? 17  GLN R C   1 
ATOM   115 O O   . GLN A 1 16  ? -16.330 -3.995  -23.661 1.00 27.87 ? 17  GLN R O   1 
ATOM   116 C CB  . GLN A 1 16  ? -15.745 -3.267  -26.856 1.00 33.37 ? 17  GLN R CB  1 
ATOM   117 C CG  . GLN A 1 16  ? -16.713 -2.112  -27.116 1.00 36.21 ? 17  GLN R CG  1 
ATOM   118 C CD  . GLN A 1 16  ? -16.011 -0.776  -27.077 1.00 37.19 ? 17  GLN R CD  1 
ATOM   119 O OE1 . GLN A 1 16  ? -16.124 -0.032  -26.099 1.00 40.45 ? 17  GLN R OE1 1 
ATOM   120 N NE2 . GLN A 1 16  ? -15.266 -0.475  -28.128 1.00 40.29 ? 17  GLN R NE2 1 
ATOM   121 N N   . GLU A 1 17  ? -15.187 -5.512  -24.854 1.00 28.32 ? 18  GLU R N   1 
ATOM   122 C CA  . GLU A 1 17  ? -15.667 -6.614  -24.031 1.00 28.53 ? 18  GLU R CA  1 
ATOM   123 C C   . GLU A 1 17  ? -15.262 -6.406  -22.595 1.00 28.40 ? 18  GLU R C   1 
ATOM   124 O O   . GLU A 1 17  ? -16.072 -6.623  -21.703 1.00 28.61 ? 18  GLU R O   1 
ATOM   125 C CB  . GLU A 1 17  ? -15.209 -7.963  -24.565 1.00 29.37 ? 18  GLU R CB  1 
ATOM   126 C CG  . GLU A 1 17  ? -15.614 -8.148  -26.017 1.00 30.26 ? 18  GLU R CG  1 
ATOM   127 C CD  . GLU A 1 17  ? -15.150 -9.452  -26.616 1.00 31.10 ? 18  GLU R CD  1 
ATOM   128 O OE1 . GLU A 1 17  ? -15.701 -9.855  -27.665 1.00 33.19 ? 18  GLU R OE1 1 
ATOM   129 O OE2 . GLU A 1 17  ? -14.245 -10.079 -26.045 1.00 34.75 ? 18  GLU R OE2 1 
ATOM   130 N N   . TRP A 1 18  ? -14.037 -5.918  -22.369 1.00 29.30 ? 19  TRP R N   1 
ATOM   131 C CA  . TRP A 1 18  ? -13.567 -5.675  -21.002 1.00 26.73 ? 19  TRP R CA  1 
ATOM   132 C C   . TRP A 1 18  ? -14.377 -4.568  -20.324 1.00 27.32 ? 19  TRP R C   1 
ATOM   133 O O   . TRP A 1 18  ? -14.871 -4.748  -19.212 1.00 27.48 ? 19  TRP R O   1 
ATOM   134 C CB  . TRP A 1 18  ? -12.067 -5.380  -20.959 1.00 26.41 ? 19  TRP R CB  1 
ATOM   135 C CG  . TRP A 1 18  ? -11.639 -4.914  -19.618 1.00 21.67 ? 19  TRP R CG  1 
ATOM   136 C CD1 . TRP A 1 18  ? -11.191 -3.667  -19.293 1.00 20.94 ? 19  TRP R CD1 1 
ATOM   137 C CD2 . TRP A 1 18  ? -11.683 -5.661  -18.393 1.00 21.86 ? 19  TRP R CD2 1 
ATOM   138 N NE1 . TRP A 1 18  ? -10.933 -3.591  -17.943 1.00 19.90 ? 19  TRP R NE1 1 
ATOM   139 C CE2 . TRP A 1 18  ? -11.212 -4.799  -17.362 1.00 20.29 ? 19  TRP R CE2 1 
ATOM   140 C CE3 . TRP A 1 18  ? -12.073 -6.980  -18.054 1.00 17.54 ? 19  TRP R CE3 1 
ATOM   141 C CZ2 . TRP A 1 18  ? -11.103 -5.208  -16.018 1.00 18.48 ? 19  TRP R CZ2 1 
ATOM   142 C CZ3 . TRP A 1 18  ? -11.974 -7.387  -16.723 1.00 18.46 ? 19  TRP R CZ3 1 
ATOM   143 C CH2 . TRP A 1 18  ? -11.482 -6.498  -15.716 1.00 20.01 ? 19  TRP R CH2 1 
ATOM   144 N N   . LEU A 1 19  ? -14.547 -3.448  -21.017 1.00 28.60 ? 20  LEU R N   1 
ATOM   145 C CA  . LEU A 1 19  ? -15.402 -2.369  -20.542 1.00 31.64 ? 20  LEU R CA  1 
ATOM   146 C C   . LEU A 1 19  ? -16.806 -2.855  -20.191 1.00 32.87 ? 20  LEU R C   1 
ATOM   147 O O   . LEU A 1 19  ? -17.369 -2.449  -19.156 1.00 33.64 ? 20  LEU R O   1 
ATOM   148 C CB  . LEU A 1 19  ? -15.509 -1.266  -21.599 1.00 33.30 ? 20  LEU R CB  1 
ATOM   149 C CG  . LEU A 1 19  ? -14.362 -0.257  -21.808 1.00 36.10 ? 20  LEU R CG  1 
ATOM   150 C CD1 . LEU A 1 19  ? -14.771 0.768   -22.885 1.00 36.94 ? 20  LEU R CD1 1 
ATOM   151 C CD2 . LEU A 1 19  ? -13.875 0.448   -20.514 1.00 33.14 ? 20  LEU R CD2 1 
ATOM   152 N N   . ARG A 1 20  ? -17.361 -3.724  -21.040 1.00 32.24 ? 21  ARG R N   1 
ATOM   153 C CA  . ARG A 1 20  ? -18.698 -4.250  -20.819 1.00 31.52 ? 21  ARG R CA  1 
ATOM   154 C C   . ARG A 1 20  ? -18.770 -5.087  -19.564 1.00 30.39 ? 21  ARG R C   1 
ATOM   155 O O   . ARG A 1 20  ? -19.761 -5.032  -18.855 1.00 32.83 ? 21  ARG R O   1 
ATOM   156 C CB  . ARG A 1 20  ? -19.191 -5.059  -22.022 1.00 35.14 ? 21  ARG R CB  1 
ATOM   157 C CG  . ARG A 1 20  ? -20.538 -4.573  -22.600 1.00 36.12 ? 21  ARG R CG  1 
ATOM   158 C CD  . ARG A 1 20  ? -21.041 -5.414  -23.760 1.00 39.76 ? 21  ARG R CD  1 
ATOM   159 N NE  . ARG A 1 20  ? -20.118 -5.344  -24.901 1.00 42.28 ? 21  ARG R NE  1 
ATOM   160 C CZ  . ARG A 1 20  ? -19.591 -6.393  -25.568 1.00 43.56 ? 21  ARG R CZ  1 
ATOM   161 N NH1 . ARG A 1 20  ? -19.879 -7.671  -25.240 1.00 38.94 ? 21  ARG R NH1 1 
ATOM   162 N NH2 . ARG A 1 20  ? -18.756 -6.139  -26.584 1.00 40.68 ? 21  ARG R NH2 1 
ATOM   163 N N   . PHE A 1 21  ? -17.729 -5.858  -19.275 1.00 29.82 ? 22  PHE R N   1 
ATOM   164 C CA  . PHE A 1 21  ? -17.705 -6.625  -18.037 1.00 29.61 ? 22  PHE R CA  1 
ATOM   165 C C   . PHE A 1 21  ? -17.681 -5.696  -16.825 1.00 30.99 ? 22  PHE R C   1 
ATOM   166 O O   . PHE A 1 21  ? -18.388 -5.915  -15.829 1.00 29.29 ? 22  PHE R O   1 
ATOM   167 C CB  . PHE A 1 21  ? -16.498 -7.545  -17.996 1.00 29.25 ? 22  PHE R CB  1 
ATOM   168 C CG  . PHE A 1 21  ? -16.244 -8.140  -16.642 1.00 29.97 ? 22  PHE R CG  1 
ATOM   169 C CD1 . PHE A 1 21  ? -15.313 -7.564  -15.781 1.00 27.42 ? 22  PHE R CD1 1 
ATOM   170 C CD2 . PHE A 1 21  ? -16.939 -9.263  -16.223 1.00 29.21 ? 22  PHE R CD2 1 
ATOM   171 C CE1 . PHE A 1 21  ? -15.076 -8.093  -14.538 1.00 26.91 ? 22  PHE R CE1 1 
ATOM   172 C CE2 . PHE A 1 21  ? -16.701 -9.803  -14.973 1.00 30.55 ? 22  PHE R CE2 1 
ATOM   173 C CZ  . PHE A 1 21  ? -15.763 -9.210  -14.125 1.00 26.49 ? 22  PHE R CZ  1 
ATOM   174 N N   . VAL A 1 22  ? -16.858 -4.655  -16.912 1.00 32.06 ? 23  VAL R N   1 
ATOM   175 C CA  . VAL A 1 22  ? -16.743 -3.735  -15.794 1.00 33.43 ? 23  VAL R CA  1 
ATOM   176 C C   . VAL A 1 22  ? -18.113 -3.133  -15.514 1.00 35.34 ? 23  VAL R C   1 
ATOM   177 O O   . VAL A 1 22  ? -18.577 -3.196  -14.379 1.00 37.55 ? 23  VAL R O   1 
ATOM   178 C CB  . VAL A 1 22  ? -15.667 -2.674  -16.001 1.00 32.64 ? 23  VAL R CB  1 
ATOM   179 C CG1 . VAL A 1 22  ? -15.617 -1.767  -14.798 1.00 34.49 ? 23  VAL R CG1 1 
ATOM   180 C CG2 . VAL A 1 22  ? -14.322 -3.328  -16.198 1.00 29.17 ? 23  VAL R CG2 1 
ATOM   181 N N   . ASP A 1 23  ? -18.776 -2.619  -16.554 1.00 36.88 ? 24  ASP R N   1 
ATOM   182 C CA  . ASP A 1 23  ? -20.159 -2.094  -16.454 1.00 37.15 ? 24  ASP R CA  1 
ATOM   183 C C   . ASP A 1 23  ? -21.223 -3.083  -16.014 1.00 35.76 ? 24  ASP R C   1 
ATOM   184 O O   . ASP A 1 23  ? -22.105 -2.741  -15.222 1.00 35.57 ? 24  ASP R O   1 
ATOM   185 C CB  . ASP A 1 23  ? -20.590 -1.422  -17.759 1.00 38.98 ? 24  ASP R CB  1 
ATOM   186 C CG  . ASP A 1 23  ? -20.159 0.035   -17.807 1.00 43.82 ? 24  ASP R CG  1 
ATOM   187 O OD1 . ASP A 1 23  ? -18.908 0.294   -17.735 1.00 44.19 ? 24  ASP R OD1 1 
ATOM   188 O OD2 . ASP A 1 23  ? -20.995 0.978   -17.865 1.00 42.56 ? 24  ASP R OD2 1 
ATOM   189 N N   . LEU A 1 24  ? -21.145 -4.306  -16.522 1.00 34.30 ? 25  LEU R N   1 
ATOM   190 C CA  . LEU A 1 24  ? -22.034 -5.349  -16.044 1.00 34.27 ? 25  LEU R CA  1 
ATOM   191 C C   . LEU A 1 24  ? -21.892 -5.500  -14.525 1.00 35.67 ? 25  LEU R C   1 
ATOM   192 O O   . LEU A 1 24  ? -22.892 -5.496  -13.813 1.00 36.12 ? 25  LEU R O   1 
ATOM   193 C CB  . LEU A 1 24  ? -21.765 -6.680  -16.756 1.00 32.78 ? 25  LEU R CB  1 
ATOM   194 C CG  . LEU A 1 24  ? -22.881 -7.720  -16.603 1.00 33.11 ? 25  LEU R CG  1 
ATOM   195 C CD1 . LEU A 1 24  ? -24.206 -7.124  -17.068 1.00 34.10 ? 25  LEU R CD1 1 
ATOM   196 C CD2 . LEU A 1 24  ? -22.597 -9.030  -17.340 1.00 28.86 ? 25  LEU R CD2 1 
ATOM   197 N N   . LEU A 1 25  ? -20.652 -5.594  -14.030 1.00 36.57 ? 26  LEU R N   1 
ATOM   198 C CA  . LEU A 1 25  ? -20.408 -5.800  -12.601 1.00 34.20 ? 26  LEU R CA  1 
ATOM   199 C C   . LEU A 1 25  ? -20.745 -4.561  -11.767 1.00 34.78 ? 26  LEU R C   1 
ATOM   200 O O   . LEU A 1 25  ? -21.284 -4.676  -10.667 1.00 34.48 ? 26  LEU R O   1 
ATOM   201 C CB  . LEU A 1 25  ? -18.978 -6.249  -12.377 1.00 31.50 ? 26  LEU R CB  1 
ATOM   202 C CG  . LEU A 1 25  ? -18.553 -6.709  -10.992 1.00 31.27 ? 26  LEU R CG  1 
ATOM   203 C CD1 . LEU A 1 25  ? -19.542 -7.713  -10.413 1.00 26.63 ? 26  LEU R CD1 1 
ATOM   204 C CD2 . LEU A 1 25  ? -17.137 -7.298  -11.100 1.00 26.25 ? 26  LEU R CD2 1 
ATOM   205 N N   . LYS A 1 26  ? -20.441 -3.383  -12.308 1.00 36.29 ? 27  LYS R N   1 
ATOM   206 C CA  . LYS A 1 26  ? -20.881 -2.110  -11.736 1.00 38.26 ? 27  LYS R CA  1 
ATOM   207 C C   . LYS A 1 26  ? -22.372 -2.130  -11.447 1.00 39.45 ? 27  LYS R C   1 
ATOM   208 O O   . LYS A 1 26  ? -22.786 -1.948  -10.307 1.00 39.83 ? 27  LYS R O   1 
ATOM   209 C CB  . LYS A 1 26  ? -20.573 -0.958  -12.693 1.00 39.77 ? 27  LYS R CB  1 
ATOM   210 C CG  . LYS A 1 26  ? -20.821 0.436   -12.108 1.00 42.65 ? 27  LYS R CG  1 
ATOM   211 C CD  . LYS A 1 26  ? -20.003 1.515   -12.845 1.00 44.68 ? 27  LYS R CD  1 
ATOM   212 C CE  . LYS A 1 26  ? -19.817 2.769   -11.949 1.00 49.02 ? 27  LYS R CE  1 
ATOM   213 N NZ  . LYS A 1 26  ? -18.640 3.693   -12.334 1.00 49.80 ? 27  LYS R NZ  1 
ATOM   214 N N   . ASN A 1 27  ? -23.168 -2.378  -12.487 1.00 41.16 ? 28  ASN R N   1 
ATOM   215 C CA  . ASN A 1 27  ? -24.619 -2.404  -12.373 1.00 42.59 ? 28  ASN R CA  1 
ATOM   216 C C   . ASN A 1 27  ? -25.162 -3.459  -11.437 1.00 42.81 ? 28  ASN R C   1 
ATOM   217 O O   . ASN A 1 27  ? -26.042 -3.177  -10.625 1.00 46.90 ? 28  ASN R O   1 
ATOM   218 C CB  . ASN A 1 27  ? -25.280 -2.546  -13.736 1.00 44.03 ? 28  ASN R CB  1 
ATOM   219 C CG  . ASN A 1 27  ? -25.822 -1.224  -14.261 1.00 46.27 ? 28  ASN R CG  1 
ATOM   220 O OD1 . ASN A 1 27  ? -26.411 -1.189  -15.336 1.00 49.54 ? 28  ASN R OD1 1 
ATOM   221 N ND2 . ASN A 1 27  ? -25.628 -0.131  -13.510 1.00 45.86 ? 28  ASN R ND2 1 
ATOM   222 N N   . ALA A 1 28  ? -24.641 -4.670  -11.541 1.00 41.51 ? 29  ALA R N   1 
ATOM   223 C CA  . ALA A 1 28  ? -25.028 -5.733  -10.625 1.00 41.86 ? 29  ALA R CA  1 
ATOM   224 C C   . ALA A 1 28  ? -24.852 -5.340  -9.148  1.00 41.38 ? 29  ALA R C   1 
ATOM   225 O O   . ALA A 1 28  ? -25.589 -5.809  -8.277  1.00 40.46 ? 29  ALA R O   1 
ATOM   226 C CB  . ALA A 1 28  ? -24.230 -6.972  -10.928 1.00 42.82 ? 29  ALA R CB  1 
ATOM   227 N N   . TYR A 1 29  ? -23.868 -4.490  -8.880  1.00 40.33 ? 30  TYR R N   1 
ATOM   228 C CA  . TYR A 1 29  ? -23.631 -4.018  -7.524  1.00 42.98 ? 30  TYR R CA  1 
ATOM   229 C C   . TYR A 1 29  ? -24.828 -3.191  -7.030  1.00 44.41 ? 30  TYR R C   1 
ATOM   230 O O   . TYR A 1 29  ? -25.438 -3.507  -5.994  1.00 43.43 ? 30  TYR R O   1 
ATOM   231 C CB  . TYR A 1 29  ? -22.322 -3.216  -7.429  1.00 41.03 ? 30  TYR R CB  1 
ATOM   232 C CG  . TYR A 1 29  ? -21.109 -4.026  -6.983  1.00 40.74 ? 30  TYR R CG  1 
ATOM   233 C CD1 . TYR A 1 29  ? -21.029 -4.576  -5.703  1.00 40.08 ? 30  TYR R CD1 1 
ATOM   234 C CD2 . TYR A 1 29  ? -20.035 -4.228  -7.841  1.00 41.15 ? 30  TYR R CD2 1 
ATOM   235 C CE1 . TYR A 1 29  ? -19.914 -5.320  -5.301  1.00 39.12 ? 30  TYR R CE1 1 
ATOM   236 C CE2 . TYR A 1 29  ? -18.913 -4.967  -7.451  1.00 40.07 ? 30  TYR R CE2 1 
ATOM   237 C CZ  . TYR A 1 29  ? -18.853 -5.504  -6.182  1.00 40.16 ? 30  TYR R CZ  1 
ATOM   238 O OH  . TYR A 1 29  ? -17.729 -6.228  -5.822  1.00 37.39 ? 30  TYR R OH  1 
ATOM   239 N N   . GLN A 1 30  ? -25.180 -2.154  -7.790  1.00 45.43 ? 31  GLN R N   1 
ATOM   240 C CA  . GLN A 1 30  ? -26.367 -1.356  -7.492  1.00 45.58 ? 31  GLN R CA  1 
ATOM   241 C C   . GLN A 1 30  ? -27.630 -2.146  -7.838  1.00 46.13 ? 31  GLN R C   1 
ATOM   242 O O   . GLN A 1 30  ? -28.525 -1.634  -8.511  1.00 47.75 ? 31  GLN R O   1 
ATOM   243 C CB  . GLN A 1 30  ? -26.374 -0.035  -8.268  1.00 45.82 ? 31  GLN R CB  1 
ATOM   244 C CG  . GLN A 1 30  ? -25.018 0.503   -8.692  1.00 47.28 ? 31  GLN R CG  1 
ATOM   245 C CD  . GLN A 1 30  ? -25.119 1.356   -9.946  1.00 48.62 ? 31  GLN R CD  1 
ATOM   246 O OE1 . GLN A 1 30  ? -25.500 0.857   -11.025 1.00 46.58 ? 31  GLN R OE1 1 
ATOM   247 N NE2 . GLN A 1 30  ? -24.797 2.646   -9.808  1.00 49.39 ? 31  GLN R NE2 1 
ATOM   248 N N   . ASN A 1 31  ? -27.696 -3.398  -7.394  1.00 45.27 ? 32  ASN R N   1 
ATOM   249 C CA  . ASN A 1 31  ? -28.867 -4.235  -7.629  1.00 44.68 ? 32  ASN R CA  1 
ATOM   250 C C   . ASN A 1 31  ? -28.864 -5.436  -6.699  1.00 44.71 ? 32  ASN R C   1 
ATOM   251 O O   . ASN A 1 31  ? -29.868 -6.166  -6.614  1.00 44.89 ? 32  ASN R O   1 
ATOM   252 C CB  . ASN A 1 31  ? -28.939 -4.699  -9.096  1.00 45.38 ? 32  ASN R CB  1 
ATOM   253 C CG  . ASN A 1 31  ? -29.772 -3.769  -9.966  1.00 46.29 ? 32  ASN R CG  1 
ATOM   254 O OD1 . ASN A 1 31  ? -30.967 -3.583  -9.735  1.00 48.58 ? 32  ASN R OD1 1 
ATOM   255 N ND2 . ASN A 1 31  ? -29.139 -3.164  -10.960 1.00 46.64 ? 32  ASN R ND2 1 
ATOM   256 N N   . ASP A 1 32  ? -27.728 -5.632  -6.014  1.00 43.13 ? 33  ASP R N   1 
ATOM   257 C CA  . ASP A 1 32  ? -27.525 -6.756  -5.088  1.00 42.34 ? 33  ASP R CA  1 
ATOM   258 C C   . ASP A 1 32  ? -27.520 -8.109  -5.781  1.00 41.05 ? 33  ASP R C   1 
ATOM   259 O O   . ASP A 1 32  ? -27.980 -9.113  -5.228  1.00 40.32 ? 33  ASP R O   1 
ATOM   260 C CB  . ASP A 1 32  ? -28.554 -6.726  -3.945  1.00 42.60 ? 33  ASP R CB  1 
ATOM   261 C CG  . ASP A 1 32  ? -28.096 -5.863  -2.793  1.00 44.69 ? 33  ASP R CG  1 
ATOM   262 O OD1 . ASP A 1 32  ? -28.961 -5.504  -1.928  1.00 47.18 ? 33  ASP R OD1 1 
ATOM   263 O OD2 . ASP A 1 32  ? -26.883 -5.483  -2.675  1.00 42.97 ? 33  ASP R OD2 1 
ATOM   264 N N   . LEU A 1 33  ? -26.994 -8.131  -7.001  1.00 41.43 ? 34  LEU R N   1 
ATOM   265 C CA  . LEU A 1 33  ? -26.940 -9.370  -7.767  1.00 39.15 ? 34  LEU R CA  1 
ATOM   266 C C   . LEU A 1 33  ? -25.514 -9.816  -8.011  1.00 38.57 ? 34  LEU R C   1 
ATOM   267 O O   . LEU A 1 33  ? -25.284 -10.889 -8.584  1.00 39.07 ? 34  LEU R O   1 
ATOM   268 C CB  . LEU A 1 33  ? -27.699 -9.229  -9.083  1.00 38.30 ? 34  LEU R CB  1 
ATOM   269 C CG  . LEU A 1 33  ? -29.224 -9.169  -8.883  1.00 37.07 ? 34  LEU R CG  1 
ATOM   270 C CD1 . LEU A 1 33  ? -29.793 -8.493  -10.110 1.00 37.00 ? 34  LEU R CD1 1 
ATOM   271 C CD2 . LEU A 1 33  ? -29.822 -10.605 -8.725  1.00 35.95 ? 34  LEU R CD2 1 
ATOM   272 N N   . HIS A 1 34  ? -24.553 -9.021  -7.542  1.00 36.57 ? 35  HIS R N   1 
ATOM   273 C CA  . HIS A 1 34  ? -23.152 -9.333  -7.812  1.00 35.86 ? 35  HIS R CA  1 
ATOM   274 C C   . HIS A 1 34  ? -22.664 -10.697 -7.303  1.00 34.32 ? 35  HIS R C   1 
ATOM   275 O O   . HIS A 1 34  ? -21.870 -11.343 -7.969  1.00 34.06 ? 35  HIS R O   1 
ATOM   276 C CB  . HIS A 1 34  ? -22.252 -8.218  -7.339  1.00 36.56 ? 35  HIS R CB  1 
ATOM   277 C CG  . HIS A 1 34  ? -22.633 -7.671  -6.006  1.00 39.23 ? 35  HIS R CG  1 
ATOM   278 N ND1 . HIS A 1 34  ? -22.333 -8.327  -4.831  1.00 40.41 ? 35  HIS R ND1 1 
ATOM   279 C CD2 . HIS A 1 34  ? -23.288 -6.528  -5.655  1.00 39.87 ? 35  HIS R CD2 1 
ATOM   280 C CE1 . HIS A 1 34  ? -22.774 -7.606  -3.811  1.00 41.41 ? 35  HIS R CE1 1 
ATOM   281 N NE2 . HIS A 1 34  ? -23.354 -6.507  -4.284  1.00 41.16 ? 35  HIS R NE2 1 
ATOM   282 N N   . LEU A 1 35  ? -23.145 -11.155 -6.152  1.00 33.57 ? 36  LEU R N   1 
ATOM   283 C CA  . LEU A 1 35  ? -22.834 -12.521 -5.726  1.00 32.53 ? 36  LEU R CA  1 
ATOM   284 C C   . LEU A 1 35  ? -23.301 -13.575 -6.761  1.00 31.60 ? 36  LEU R C   1 
ATOM   285 O O   . LEU A 1 35  ? -22.512 -14.434 -7.151  1.00 32.57 ? 36  LEU R O   1 
ATOM   286 C CB  . LEU A 1 35  ? -23.361 -12.830 -4.302  1.00 34.77 ? 36  LEU R CB  1 
ATOM   287 C CG  . LEU A 1 35  ? -22.550 -12.376 -3.063  1.00 37.81 ? 36  LEU R CG  1 
ATOM   288 C CD1 . LEU A 1 35  ? -20.990 -12.616 -3.141  1.00 34.51 ? 36  LEU R CD1 1 
ATOM   289 C CD2 . LEU A 1 35  ? -22.854 -10.899 -2.738  1.00 40.38 ? 36  LEU R CD2 1 
ATOM   290 N N   . PRO A 1 36  ? -24.564 -13.544 -7.201  1.00 30.46 ? 37  PRO R N   1 
ATOM   291 C CA  . PRO A 1 36  ? -24.993 -14.389 -8.327  1.00 27.56 ? 37  PRO R CA  1 
ATOM   292 C C   . PRO A 1 36  ? -24.148 -14.191 -9.609  1.00 25.19 ? 37  PRO R C   1 
ATOM   293 O O   . PRO A 1 36  ? -23.694 -15.174 -10.175 1.00 23.80 ? 37  PRO R O   1 
ATOM   294 C CB  . PRO A 1 36  ? -26.441 -13.946 -8.551  1.00 25.52 ? 37  PRO R CB  1 
ATOM   295 C CG  . PRO A 1 36  ? -26.868 -13.469 -7.270  1.00 26.94 ? 37  PRO R CG  1 
ATOM   296 C CD  . PRO A 1 36  ? -25.704 -12.784 -6.643  1.00 29.81 ? 37  PRO R CD  1 
ATOM   297 N N   . LEU A 1 37  ? -23.951 -12.956 -10.063 1.00 22.93 ? 38  LEU R N   1 
ATOM   298 C CA  . LEU A 1 37  ? -23.208 -12.743 -11.290 1.00 24.74 ? 38  LEU R CA  1 
ATOM   299 C C   . LEU A 1 37  ? -21.791 -13.328 -11.185 1.00 26.00 ? 38  LEU R C   1 
ATOM   300 O O   . LEU A 1 37  ? -21.362 -14.133 -12.020 1.00 24.51 ? 38  LEU R O   1 
ATOM   301 C CB  . LEU A 1 37  ? -23.123 -11.255 -11.585 1.00 25.67 ? 38  LEU R CB  1 
ATOM   302 C CG  . LEU A 1 37  ? -22.353 -10.836 -12.833 1.00 22.60 ? 38  LEU R CG  1 
ATOM   303 C CD1 . LEU A 1 37  ? -23.019 -11.372 -14.062 1.00 21.27 ? 38  LEU R CD1 1 
ATOM   304 C CD2 . LEU A 1 37  ? -22.393 -9.353  -12.823 1.00 21.69 ? 38  LEU R CD2 1 
ATOM   305 N N   . LEU A 1 38  ? -21.083 -12.953 -10.126 1.00 23.93 ? 39  LEU R N   1 
ATOM   306 C CA  . LEU A 1 38  ? -19.751 -13.494 -9.925  1.00 23.38 ? 39  LEU R CA  1 
ATOM   307 C C   . LEU A 1 38  ? -19.753 -15.007 -9.882  1.00 23.26 ? 39  LEU R C   1 
ATOM   308 O O   . LEU A 1 38  ? -18.872 -15.626 -10.466 1.00 24.12 ? 39  LEU R O   1 
ATOM   309 C CB  . LEU A 1 38  ? -19.071 -12.892 -8.710  1.00 20.75 ? 39  LEU R CB  1 
ATOM   310 C CG  . LEU A 1 38  ? -18.766 -11.421 -8.940  1.00 17.16 ? 39  LEU R CG  1 
ATOM   311 C CD1 . LEU A 1 38  ? -18.533 -10.703 -7.609  1.00 20.18 ? 39  LEU R CD1 1 
ATOM   312 C CD2 . LEU A 1 38  ? -17.575 -11.322 -9.847  1.00 19.56 ? 39  LEU R CD2 1 
ATOM   313 N N   . ASN A 1 39  ? -20.734 -15.629 -9.240  1.00 21.74 ? 40  ASN R N   1 
ATOM   314 C CA  . ASN A 1 39  ? -20.828 -17.087 -9.381  1.00 21.62 ? 40  ASN R CA  1 
ATOM   315 C C   . ASN A 1 39  ? -20.962 -17.554 -10.849 1.00 22.14 ? 40  ASN R C   1 
ATOM   316 O O   . ASN A 1 39  ? -20.433 -18.604 -11.231 1.00 20.84 ? 40  ASN R O   1 
ATOM   317 C CB  . ASN A 1 39  ? -21.992 -17.655 -8.609  1.00 23.31 ? 40  ASN R CB  1 
ATOM   318 C CG  . ASN A 1 39  ? -21.790 -17.627 -7.088  1.00 24.90 ? 40  ASN R CG  1 
ATOM   319 O OD1 . ASN A 1 39  ? -22.778 -17.763 -6.360  1.00 27.76 ? 40  ASN R OD1 1 
ATOM   320 N ND2 . ASN A 1 39  ? -20.549 -17.496 -6.603  1.00 22.19 ? 40  ASN R ND2 1 
ATOM   321 N N   . LEU A 1 40  ? -21.649 -16.777 -11.679 1.00 20.67 ? 41  LEU R N   1 
ATOM   322 C CA  . LEU A 1 40  ? -21.806 -17.148 -13.078 1.00 19.89 ? 41  LEU R CA  1 
ATOM   323 C C   . LEU A 1 40  ? -20.514 -16.904 -13.895 1.00 19.30 ? 41  LEU R C   1 
ATOM   324 O O   . LEU A 1 40  ? -20.173 -17.692 -14.789 1.00 17.34 ? 41  LEU R O   1 
ATOM   325 C CB  . LEU A 1 40  ? -23.030 -16.428 -13.667 1.00 20.35 ? 41  LEU R CB  1 
ATOM   326 C CG  . LEU A 1 40  ? -23.107 -16.359 -15.181 1.00 25.21 ? 41  LEU R CG  1 
ATOM   327 C CD1 . LEU A 1 40  ? -23.493 -17.713 -15.751 1.00 23.39 ? 41  LEU R CD1 1 
ATOM   328 C CD2 . LEU A 1 40  ? -24.039 -15.253 -15.651 1.00 26.84 ? 41  LEU R CD2 1 
ATOM   329 N N   . MET A 1 41  ? -19.785 -15.844 -13.542 1.00 18.29 ? 42  MET R N   1 
ATOM   330 C CA  . MET A 1 41  ? -18.626 -15.412 -14.298 1.00 19.98 ? 42  MET R CA  1 
ATOM   331 C C   . MET A 1 41  ? -17.306 -16.112 -13.942 1.00 20.91 ? 42  MET R C   1 
ATOM   332 O O   . MET A 1 41  ? -16.336 -16.082 -14.727 1.00 22.78 ? 42  MET R O   1 
ATOM   333 C CB  . MET A 1 41  ? -18.466 -13.896 -14.164 1.00 23.37 ? 42  MET R CB  1 
ATOM   334 C CG  . MET A 1 41  ? -19.596 -13.088 -14.814 1.00 28.16 ? 42  MET R CG  1 
ATOM   335 S SD  . MET A 1 41  ? -19.857 -13.443 -16.632 1.00 32.68 ? 42  MET R SD  1 
ATOM   336 C CE  . MET A 1 41  ? -18.489 -12.491 -17.328 1.00 35.01 ? 42  MET R CE  1 
ATOM   337 N N   . LEU A 1 42  ? -17.258 -16.742 -12.773 1.00 19.17 ? 43  LEU R N   1 
ATOM   338 C CA  . LEU A 1 42  ? -16.001 -17.249 -12.222 1.00 16.96 ? 43  LEU R CA  1 
ATOM   339 C C   . LEU A 1 42  ? -16.246 -18.601 -11.591 1.00 16.59 ? 43  LEU R C   1 
ATOM   340 O O   . LEU A 1 42  ? -17.255 -18.768 -10.952 1.00 17.89 ? 43  LEU R O   1 
ATOM   341 C CB  . LEU A 1 42  ? -15.501 -16.288 -11.136 1.00 16.58 ? 43  LEU R CB  1 
ATOM   342 C CG  . LEU A 1 42  ? -14.981 -14.911 -11.539 1.00 17.42 ? 43  LEU R CG  1 
ATOM   343 C CD1 . LEU A 1 42  ? -15.111 -13.923 -10.394 1.00 20.69 ? 43  LEU R CD1 1 
ATOM   344 C CD2 . LEU A 1 42  ? -13.522 -14.925 -12.013 1.00 19.37 ? 43  LEU R CD2 1 
ATOM   345 N N   . THR A 1 43  ? -15.358 -19.579 -11.758 1.00 15.83 ? 44  THR R N   1 
ATOM   346 C CA  . THR A 1 43  ? -15.582 -20.887 -11.125 1.00 12.18 ? 44  THR R CA  1 
ATOM   347 C C   . THR A 1 43  ? -15.312 -20.789 -9.645  1.00 14.17 ? 44  THR R C   1 
ATOM   348 O O   . THR A 1 43  ? -14.848 -19.762 -9.150  1.00 14.42 ? 44  THR R O   1 
ATOM   349 C CB  . THR A 1 43  ? -14.630 -21.946 -11.658 1.00 12.96 ? 44  THR R CB  1 
ATOM   350 O OG1 . THR A 1 43  ? -13.272 -21.512 -11.418 1.00 15.11 ? 44  THR R OG1 1 
ATOM   351 C CG2 . THR A 1 43  ? -14.725 -22.070 -13.134 1.00 11.20 ? 44  THR R CG2 1 
ATOM   352 N N   . PRO A 1 44  ? -15.607 -21.844 -8.892  1.00 17.25 ? 45  PRO R N   1 
ATOM   353 C CA  . PRO A 1 44  ? -15.236 -21.806 -7.470  1.00 15.67 ? 45  PRO R CA  1 
ATOM   354 C C   . PRO A 1 44  ? -13.720 -21.663 -7.224  1.00 18.28 ? 45  PRO R C   1 
ATOM   355 O O   . PRO A 1 44  ? -13.302 -20.921 -6.305  1.00 15.49 ? 45  PRO R O   1 
ATOM   356 C CB  . PRO A 1 44  ? -15.819 -23.085 -6.938  1.00 14.24 ? 45  PRO R CB  1 
ATOM   357 C CG  . PRO A 1 44  ? -16.988 -23.351 -7.892  1.00 14.52 ? 45  PRO R CG  1 
ATOM   358 C CD  . PRO A 1 44  ? -16.432 -23.039 -9.223  1.00 15.91 ? 45  PRO R CD  1 
ATOM   359 N N   . ASP A 1 45  ? -12.898 -22.335 -8.030  1.00 17.66 ? 46  ASP R N   1 
ATOM   360 C CA  . ASP A 1 45  ? -11.452 -22.223 -7.862  1.00 17.25 ? 46  ASP R CA  1 
ATOM   361 C C   . ASP A 1 45  ? -10.914 -20.802 -8.144  1.00 15.75 ? 46  ASP R C   1 
ATOM   362 O O   . ASP A 1 45  ? -10.010 -20.345 -7.426  1.00 10.31 ? 46  ASP R O   1 
ATOM   363 C CB  . ASP A 1 45  ? -10.695 -23.294 -8.652  1.00 19.83 ? 46  ASP R CB  1 
ATOM   364 C CG  . ASP A 1 45  ? -10.753 -24.667 -7.983  1.00 27.15 ? 46  ASP R CG  1 
ATOM   365 O OD1 . ASP A 1 45  ? -10.985 -24.743 -6.740  1.00 30.96 ? 46  ASP R OD1 1 
ATOM   366 O OD2 . ASP A 1 45  ? -10.610 -25.737 -8.627  1.00 31.60 ? 46  ASP R OD2 1 
ATOM   367 N N   . GLU A 1 46  ? -11.515 -20.108 -9.120  1.00 14.23 ? 47  GLU R N   1 
ATOM   368 C CA  . GLU A 1 46  ? -11.126 -18.729 -9.454  1.00 15.43 ? 47  GLU R CA  1 
ATOM   369 C C   . GLU A 1 46  ? -11.535 -17.754 -8.352  1.00 15.63 ? 47  GLU R C   1 
ATOM   370 O O   . GLU A 1 46  ? -10.818 -16.804 -8.037  1.00 16.50 ? 47  GLU R O   1 
ATOM   371 C CB  . GLU A 1 46  ? -11.680 -18.281 -10.825 1.00 18.20 ? 47  GLU R CB  1 
ATOM   372 C CG  . GLU A 1 46  ? -11.012 -18.947 -12.040 1.00 20.63 ? 47  GLU R CG  1 
ATOM   373 C CD  . GLU A 1 46  ? -11.843 -18.913 -13.329 1.00 21.99 ? 47  GLU R CD  1 
ATOM   374 O OE1 . GLU A 1 46  ? -13.064 -18.687 -13.303 1.00 23.96 ? 47  GLU R OE1 1 
ATOM   375 O OE2 . GLU A 1 46  ? -11.251 -19.104 -14.407 1.00 26.02 ? 47  GLU R OE2 1 
ATOM   376 N N   . ARG A 1 47  ? -12.674 -17.999 -7.721  1.00 16.41 ? 48  ARG R N   1 
ATOM   377 C CA  . ARG A 1 47  ? -13.045 -17.158 -6.594  1.00 16.20 ? 48  ARG R CA  1 
ATOM   378 C C   . ARG A 1 47  ? -12.124 -17.328 -5.401  1.00 15.42 ? 48  ARG R C   1 
ATOM   379 O O   . ARG A 1 47  ? -11.678 -16.328 -4.808  1.00 16.98 ? 48  ARG R O   1 
ATOM   380 C CB  . ARG A 1 47  ? -14.487 -17.327 -6.196  1.00 14.38 ? 48  ARG R CB  1 
ATOM   381 C CG  . ARG A 1 47  ? -15.410 -17.264 -7.383  1.00 19.25 ? 48  ARG R CG  1 
ATOM   382 C CD  . ARG A 1 47  ? -16.896 -17.112 -7.049  1.00 17.98 ? 48  ARG R CD  1 
ATOM   383 N NE  . ARG A 1 47  ? -17.466 -18.278 -6.422  1.00 18.31 ? 48  ARG R NE  1 
ATOM   384 C CZ  . ARG A 1 47  ? -18.007 -19.302 -7.086  1.00 21.61 ? 48  ARG R CZ  1 
ATOM   385 N NH1 . ARG A 1 47  ? -18.013 -19.322 -8.403  1.00 17.93 ? 48  ARG R NH1 1 
ATOM   386 N NH2 . ARG A 1 47  ? -18.543 -20.316 -6.424  1.00 14.43 ? 48  ARG R NH2 1 
ATOM   387 N N   . GLU A 1 48  ? -11.798 -18.572 -5.087  1.00 14.33 ? 49  GLU R N   1 
ATOM   388 C CA  . GLU A 1 48  ? -10.821 -18.855 -4.052  1.00 15.36 ? 49  GLU R CA  1 
ATOM   389 C C   . GLU A 1 48  ? -9.522  -18.101 -4.330  1.00 15.27 ? 49  GLU R C   1 
ATOM   390 O O   . GLU A 1 48  ? -8.987  -17.386 -3.469  1.00 14.87 ? 49  GLU R O   1 
ATOM   391 C CB  . GLU A 1 48  ? -10.531 -20.342 -3.990  1.00 16.18 ? 49  GLU R CB  1 
ATOM   392 C CG  . GLU A 1 48  ? -9.732  -20.700 -2.747  1.00 24.14 ? 49  GLU R CG  1 
ATOM   393 C CD  . GLU A 1 48  ? -9.152  -22.101 -2.809  1.00 30.56 ? 49  GLU R CD  1 
ATOM   394 O OE1 . GLU A 1 48  ? -8.742  -22.613 -1.744  1.00 37.14 ? 49  GLU R OE1 1 
ATOM   395 O OE2 . GLU A 1 48  ? -9.112  -22.705 -3.907  1.00 30.45 ? 49  GLU R OE2 1 
ATOM   396 N N   . ALA A 1 49  ? -9.041  -18.254 -5.555  1.00 14.67 ? 50  ALA R N   1 
ATOM   397 C CA  . ALA A 1 49  ? -7.844  -17.589 -6.036  1.00 13.22 ? 50  ALA R CA  1 
ATOM   398 C C   . ALA A 1 49  ? -7.913  -16.060 -5.802  1.00 16.40 ? 50  ALA R C   1 
ATOM   399 O O   . ALA A 1 49  ? -6.919  -15.436 -5.327  1.00 15.13 ? 50  ALA R O   1 
ATOM   400 C CB  . ALA A 1 49  ? -7.630  -17.934 -7.522  1.00 10.31 ? 50  ALA R CB  1 
ATOM   401 N N   . LEU A 1 50  ? -9.063  -15.443 -6.094  1.00 16.23 ? 51  LEU R N   1 
ATOM   402 C CA  . LEU A 1 50  ? -9.161  -13.981 -5.870  1.00 19.38 ? 51  LEU R CA  1 
ATOM   403 C C   . LEU A 1 50  ? -9.114  -13.689 -4.369  1.00 19.56 ? 51  LEU R C   1 
ATOM   404 O O   . LEU A 1 50  ? -8.398  -12.737 -3.938  1.00 18.47 ? 51  LEU R O   1 
ATOM   405 C CB  . LEU A 1 50  ? -10.413 -13.362 -6.494  1.00 19.46 ? 51  LEU R CB  1 
ATOM   406 C CG  . LEU A 1 50  ? -10.428 -13.322 -8.020  1.00 19.05 ? 51  LEU R CG  1 
ATOM   407 C CD1 . LEU A 1 50  ? -11.878 -13.099 -8.513  1.00 22.59 ? 51  LEU R CD1 1 
ATOM   408 C CD2 . LEU A 1 50  ? -9.523  -12.208 -8.449  1.00 22.00 ? 51  LEU R CD2 1 
ATOM   409 N N   . GLY A 1 51  ? -9.825  -14.528 -3.594  1.00 15.62 ? 52  GLY R N   1 
ATOM   410 C CA  . GLY A 1 51  ? -9.857  -14.427 -2.134  1.00 14.92 ? 52  GLY R CA  1 
ATOM   411 C C   . GLY A 1 51  ? -8.426  -14.558 -1.645  1.00 18.20 ? 52  GLY R C   1 
ATOM   412 O O   . GLY A 1 51  ? -7.933  -13.769 -0.838  1.00 20.86 ? 52  GLY R O   1 
ATOM   413 N N   . THR A 1 52  ? -7.686  -15.488 -2.223  1.00 17.14 ? 53  THR R N   1 
ATOM   414 C CA  . THR A 1 52  ? -6.321  -15.646 -1.782  1.00 15.58 ? 53  THR R CA  1 
ATOM   415 C C   . THR A 1 52  ? -5.500  -14.383 -2.101  1.00 15.70 ? 53  THR R C   1 
ATOM   416 O O   . THR A 1 52  ? -4.698  -13.952 -1.294  1.00 12.13 ? 53  THR R O   1 
ATOM   417 C CB  . THR A 1 52  ? -5.719  -16.848 -2.447  1.00 17.81 ? 53  THR R CB  1 
ATOM   418 O OG1 . THR A 1 52  ? -6.255  -18.042 -1.838  1.00 16.98 ? 53  THR R OG1 1 
ATOM   419 C CG2 . THR A 1 52  ? -4.179  -16.876 -2.197  1.00 15.51 ? 53  THR R CG2 1 
ATOM   420 N N   . ARG A 1 53  ? -5.718  -13.799 -3.275  1.00 15.50 ? 54  ARG R N   1 
ATOM   421 C CA  . ARG A 1 53  ? -4.900  -12.681 -3.753  1.00 13.42 ? 54  ARG R CA  1 
ATOM   422 C C   . ARG A 1 53  ? -5.101  -11.416 -2.930  1.00 14.01 ? 54  ARG R C   1 
ATOM   423 O O   . ARG A 1 53  ? -4.165  -10.749 -2.608  1.00 13.91 ? 54  ARG R O   1 
ATOM   424 C CB  . ARG A 1 53  ? -5.225  -12.391 -5.201  1.00 11.80 ? 54  ARG R CB  1 
ATOM   425 C CG  . ARG A 1 53  ? -4.427  -13.213 -6.177  1.00 11.82 ? 54  ARG R CG  1 
ATOM   426 C CD  . ARG A 1 53  ? -4.944  -13.058 -7.602  1.00 11.53 ? 54  ARG R CD  1 
ATOM   427 N NE  . ARG A 1 53  ? -4.618  -14.183 -8.479  1.00 12.40 ? 54  ARG R NE  1 
ATOM   428 C CZ  . ARG A 1 53  ? -4.806  -14.135 -9.797  1.00 14.04 ? 54  ARG R CZ  1 
ATOM   429 N NH1 . ARG A 1 53  ? -5.353  -13.038 -10.351 1.00 10.75 ? 54  ARG R NH1 1 
ATOM   430 N NH2 . ARG A 1 53  ? -4.526  -15.194 -10.549 1.00 11.48 ? 54  ARG R NH2 1 
ATOM   431 N N   . VAL A 1 54  ? -6.331  -11.117 -2.559  1.00 16.95 ? 55  VAL R N   1 
ATOM   432 C CA  . VAL A 1 54  ? -6.624  -10.059 -1.617  1.00 18.67 ? 55  VAL R CA  1 
ATOM   433 C C   . VAL A 1 54  ? -5.846  -10.244 -0.306  1.00 19.88 ? 55  VAL R C   1 
ATOM   434 O O   . VAL A 1 54  ? -5.340  -9.274  0.235   1.00 21.56 ? 55  VAL R O   1 
ATOM   435 C CB  . VAL A 1 54  ? -8.119  -10.053 -1.263  1.00 22.02 ? 55  VAL R CB  1 
ATOM   436 C CG1 . VAL A 1 54  ? -8.395  -9.108  -0.102  1.00 23.53 ? 55  VAL R CG1 1 
ATOM   437 C CG2 . VAL A 1 54  ? -8.921  -9.635  -2.452  1.00 23.57 ? 55  VAL R CG2 1 
ATOM   438 N N   . ARG A 1 55  ? -5.754  -11.477 0.196   1.00 17.59 ? 56  ARG R N   1 
ATOM   439 C CA  . ARG A 1 55  ? -5.001  -11.735 1.418   1.00 16.80 ? 56  ARG R CA  1 
ATOM   440 C C   . ARG A 1 55  ? -3.518  -11.534 1.200   1.00 14.05 ? 56  ARG R C   1 
ATOM   441 O O   . ARG A 1 55  ? -2.847  -10.960 2.042   1.00 15.91 ? 56  ARG R O   1 
ATOM   442 C CB  . ARG A 1 55  ? -5.289  -13.148 1.977   1.00 17.82 ? 56  ARG R CB  1 
ATOM   443 C CG  . ARG A 1 55  ? -4.468  -13.447 3.236   1.00 21.08 ? 56  ARG R CG  1 
ATOM   444 C CD  . ARG A 1 55  ? -4.665  -14.835 3.844   1.00 24.09 ? 56  ARG R CD  1 
ATOM   445 N NE  . ARG A 1 55  ? -4.436  -15.925 2.887   1.00 26.88 ? 56  ARG R NE  1 
ATOM   446 C CZ  . ARG A 1 55  ? -3.241  -16.368 2.505   1.00 28.35 ? 56  ARG R CZ  1 
ATOM   447 N NH1 . ARG A 1 55  ? -3.177  -17.363 1.641   1.00 26.03 ? 56  ARG R NH1 1 
ATOM   448 N NH2 . ARG A 1 55  ? -2.111  -15.821 2.975   1.00 30.06 ? 56  ARG R NH2 1 
ATOM   449 N N   . ILE A 1 56  ? -2.994  -12.002 0.075   1.00 13.55 ? 57  ILE R N   1 
ATOM   450 C CA  . ILE A 1 56  ? -1.616  -11.692 -0.292  1.00 15.45 ? 57  ILE R CA  1 
ATOM   451 C C   . ILE A 1 56  ? -1.347  -10.148 -0.329  1.00 17.86 ? 57  ILE R C   1 
ATOM   452 O O   . ILE A 1 56  ? -0.281  -9.695  0.109   1.00 15.65 ? 57  ILE R O   1 
ATOM   453 C CB  . ILE A 1 56  ? -1.260  -12.289 -1.669  1.00 17.22 ? 57  ILE R CB  1 
ATOM   454 C CG1 . ILE A 1 56  ? -1.495  -13.793 -1.704  1.00 18.29 ? 57  ILE R CG1 1 
ATOM   455 C CG2 . ILE A 1 56  ? 0.222   -11.993 -2.050  1.00 12.51 ? 57  ILE R CG2 1 
ATOM   456 C CD1 . ILE A 1 56  ? -0.805  -14.502 -0.565  1.00 22.86 ? 57  ILE R CD1 1 
ATOM   457 N N   . VAL A 1 57  ? -2.298  -9.362  -0.844  1.00 14.87 ? 58  VAL R N   1 
ATOM   458 C CA  . VAL A 1 57  ? -2.060  -7.933  -0.981  1.00 17.42 ? 58  VAL R CA  1 
ATOM   459 C C   . VAL A 1 57  ? -1.975  -7.318  0.402   1.00 19.32 ? 58  VAL R C   1 
ATOM   460 O O   . VAL A 1 57  ? -1.042  -6.544  0.661   1.00 18.05 ? 58  VAL R O   1 
ATOM   461 C CB  . VAL A 1 57  ? -3.139  -7.249  -1.829  1.00 17.55 ? 58  VAL R CB  1 
ATOM   462 C CG1 . VAL A 1 57  ? -3.154  -5.764  -1.581  1.00 12.08 ? 58  VAL R CG1 1 
ATOM   463 C CG2 . VAL A 1 57  ? -2.953  -7.584  -3.290  1.00 12.24 ? 58  VAL R CG2 1 
ATOM   464 N N   . GLU A 1 58  ? -2.909  -7.684  1.292   1.00 17.61 ? 59  GLU R N   1 
ATOM   465 C CA  . GLU A 1 58  ? -2.820  -7.256  2.680   1.00 19.47 ? 59  GLU R CA  1 
ATOM   466 C C   . GLU A 1 58  ? -1.472  -7.673  3.307   1.00 21.01 ? 59  GLU R C   1 
ATOM   467 O O   . GLU A 1 58  ? -0.873  -6.916  4.036   1.00 21.78 ? 59  GLU R O   1 
ATOM   468 C CB  . GLU A 1 58  ? -3.947  -7.838  3.503   1.00 23.72 ? 59  GLU R CB  1 
ATOM   469 C CG  . GLU A 1 58  ? -5.311  -7.175  3.326   1.00 33.85 ? 59  GLU R CG  1 
ATOM   470 C CD  . GLU A 1 58  ? -6.494  -8.141  3.550   1.00 39.02 ? 59  GLU R CD  1 
ATOM   471 O OE1 . GLU A 1 58  ? -6.596  -9.126  2.792   1.00 44.09 ? 59  GLU R OE1 1 
ATOM   472 O OE2 . GLU A 1 58  ? -7.340  -7.925  4.467   1.00 44.03 ? 59  GLU R OE2 1 
ATOM   473 N N   . GLU A 1 59  ? -0.965  -8.869  3.032   1.00 20.17 ? 60  GLU R N   1 
ATOM   474 C CA  . GLU A 1 59  ? 0.265   -9.284  3.697   1.00 16.38 ? 60  GLU R CA  1 
ATOM   475 C C   . GLU A 1 59  ? 1.472   -8.510  3.189   1.00 18.14 ? 60  GLU R C   1 
ATOM   476 O O   . GLU A 1 59  ? 2.383   -8.148  3.988   1.00 14.96 ? 60  GLU R O   1 
ATOM   477 C CB  . GLU A 1 59  ? 0.458   -10.818 3.638   1.00 16.74 ? 60  GLU R CB  1 
ATOM   478 C CG  . GLU A 1 59  ? -0.637  -11.508 4.443   1.00 22.20 ? 60  GLU R CG  1 
ATOM   479 C CD  . GLU A 1 59  ? -0.665  -13.032 4.340   1.00 26.93 ? 60  GLU R CD  1 
ATOM   480 O OE1 . GLU A 1 59  ? -1.460  -13.663 5.109   1.00 22.24 ? 60  GLU R OE1 1 
ATOM   481 O OE2 . GLU A 1 59  ? 0.118   -13.589 3.510   1.00 28.77 ? 60  GLU R OE2 1 
ATOM   482 N N   . LEU A 1 60  ? 1.469   -8.229  1.880   1.00 15.67 ? 61  LEU R N   1 
ATOM   483 C CA  . LEU A 1 60  ? 2.543   -7.478  1.269   1.00 14.99 ? 61  LEU R CA  1 
ATOM   484 C C   . LEU A 1 60  ? 2.557   -6.038  1.813   1.00 17.52 ? 61  LEU R C   1 
ATOM   485 O O   . LEU A 1 60  ? 3.653   -5.496  2.159   1.00 13.89 ? 61  LEU R O   1 
ATOM   486 C CB  . LEU A 1 60  ? 2.440   -7.497  -0.251  1.00 12.30 ? 61  LEU R CB  1 
ATOM   487 C CG  . LEU A 1 60  ? 3.019   -8.779  -0.859  1.00 13.12 ? 61  LEU R CG  1 
ATOM   488 C CD1 . LEU A 1 60  ? 2.626   -8.923  -2.340  1.00 13.89 ? 61  LEU R CD1 1 
ATOM   489 C CD2 . LEU A 1 60  ? 4.483   -8.942  -0.699  1.00 3.14  ? 61  LEU R CD2 1 
ATOM   490 N N   . LEU A 1 61  ? 1.350   -5.469  1.929   1.00 17.94 ? 62  LEU R N   1 
ATOM   491 C CA  . LEU A 1 61  ? 1.184   -4.107  2.421   1.00 20.84 ? 62  LEU R CA  1 
ATOM   492 C C   . LEU A 1 61  ? 1.544   -3.993  3.894   1.00 23.43 ? 62  LEU R C   1 
ATOM   493 O O   . LEU A 1 61  ? 2.334   -3.082  4.259   1.00 20.57 ? 62  LEU R O   1 
ATOM   494 C CB  . LEU A 1 61  ? -0.224  -3.563  2.136   1.00 19.75 ? 62  LEU R CB  1 
ATOM   495 C CG  . LEU A 1 61  ? -0.441  -3.299  0.632   1.00 18.87 ? 62  LEU R CG  1 
ATOM   496 C CD1 . LEU A 1 61  ? -1.813  -2.752  0.312   1.00 21.01 ? 62  LEU R CD1 1 
ATOM   497 C CD2 . LEU A 1 61  ? 0.619   -2.398  0.067   1.00 13.40 ? 62  LEU R CD2 1 
ATOM   498 N N   . ARG A 1 62  ? 1.013   -4.913  4.723   1.00 20.57 ? 63  ARG R N   1 
ATOM   499 C CA  . ARG A 1 62  ? 1.311   -4.856  6.139   1.00 21.95 ? 63  ARG R CA  1 
ATOM   500 C C   . ARG A 1 62  ? 2.804   -5.069  6.326   1.00 21.57 ? 63  ARG R C   1 
ATOM   501 O O   . ARG A 1 62  ? 3.429   -4.429  7.170   1.00 20.72 ? 63  ARG R O   1 
ATOM   502 C CB  . ARG A 1 62  ? 0.467   -5.835  6.963   1.00 24.09 ? 63  ARG R CB  1 
ATOM   503 C CG  . ARG A 1 62  ? -0.941  -5.275  7.296   1.00 30.83 ? 63  ARG R CG  1 
ATOM   504 C CD  . ARG A 1 62  ? -2.011  -6.361  7.601   1.00 38.14 ? 63  ARG R CD  1 
ATOM   505 N NE  . ARG A 1 62  ? -3.354  -6.099  7.027   1.00 45.06 ? 63  ARG R NE  1 
ATOM   506 C CZ  . ARG A 1 62  ? -4.290  -7.069  6.817   1.00 48.51 ? 63  ARG R CZ  1 
ATOM   507 N NH1 . ARG A 1 62  ? -4.015  -8.364  7.106   1.00 46.24 ? 63  ARG R NH1 1 
ATOM   508 N NH2 . ARG A 1 62  ? -5.491  -6.749  6.301   1.00 45.72 ? 63  ARG R NH2 1 
ATOM   509 N N   . GLY A 1 63  ? 3.387   -5.926  5.498   1.00 21.68 ? 64  GLY R N   1 
ATOM   510 C CA  . GLY A 1 63  ? 4.825   -6.159  5.552   1.00 22.09 ? 64  GLY R CA  1 
ATOM   511 C C   . GLY A 1 63  ? 5.585   -4.870  5.301   1.00 26.37 ? 64  GLY R C   1 
ATOM   512 O O   . GLY A 1 63  ? 6.470   -4.498  6.060   1.00 24.39 ? 64  GLY R O   1 
ATOM   513 N N   . GLU A 1 64  ? 5.213   -4.153  4.250   1.00 27.81 ? 65  GLU R N   1 
ATOM   514 C CA  . GLU A 1 64  ? 5.989   -3.003  3.836   1.00 28.31 ? 65  GLU R CA  1 
ATOM   515 C C   . GLU A 1 64  ? 5.788   -1.853  4.833   1.00 29.51 ? 65  GLU R C   1 
ATOM   516 O O   . GLU A 1 64  ? 6.752   -1.144  5.155   1.00 22.15 ? 65  GLU R O   1 
ATOM   517 C CB  . GLU A 1 64  ? 5.607   -2.594  2.418   1.00 30.96 ? 65  GLU R CB  1 
ATOM   518 C CG  . GLU A 1 64  ? 5.704   -1.100  2.175   1.00 38.96 ? 65  GLU R CG  1 
ATOM   519 C CD  . GLU A 1 64  ? 5.742   -0.811  0.715   1.00 45.75 ? 65  GLU R CD  1 
ATOM   520 O OE1 . GLU A 1 64  ? 6.889   -0.639  0.177   1.00 47.24 ? 65  GLU R OE1 1 
ATOM   521 O OE2 . GLU A 1 64  ? 4.608   -0.794  0.119   1.00 49.14 ? 65  GLU R OE2 1 
ATOM   522 N N   . MET A 1 65  ? 4.538   -1.716  5.313   1.00 29.50 ? 66  MET R N   1 
ATOM   523 C CA  . MET A 1 65  ? 4.124   -0.747  6.322   1.00 31.29 ? 66  MET R CA  1 
ATOM   524 C C   . MET A 1 65  ? 5.037   -0.926  7.495   1.00 31.98 ? 66  MET R C   1 
ATOM   525 O O   . MET A 1 65  ? 5.663   -0.009  7.974   1.00 35.37 ? 66  MET R O   1 
ATOM   526 C CB  . MET A 1 65  ? 2.727   -1.109  6.817   1.00 37.57 ? 66  MET R CB  1 
ATOM   527 C CG  . MET A 1 65  ? 1.672   -0.005  6.876   1.00 46.41 ? 66  MET R CG  1 
ATOM   528 S SD  . MET A 1 65  ? 2.297   1.654   7.332   1.00 63.83 ? 66  MET R SD  1 
ATOM   529 C CE  . MET A 1 65  ? 0.992   2.714   6.468   1.00 57.00 ? 66  MET R CE  1 
ATOM   530 N N   . SER A 1 66  ? 5.122   -2.156  7.936   1.00 30.94 ? 67  SER R N   1 
ATOM   531 C CA  . SER A 1 66  ? 5.853   -2.519  9.105   1.00 30.50 ? 67  SER R CA  1 
ATOM   532 C C   . SER A 1 66  ? 7.370   -2.301  8.948   1.00 30.01 ? 67  SER R C   1 
ATOM   533 O O   . SER A 1 66  ? 8.029   -1.902  9.903   1.00 29.38 ? 67  SER R O   1 
ATOM   534 C CB  . SER A 1 66  ? 5.486   -3.972  9.426   1.00 29.64 ? 67  SER R CB  1 
ATOM   535 O OG  . SER A 1 66  ? 6.450   -4.581  10.236  1.00 27.43 ? 67  SER R OG  1 
ATOM   536 N N   . GLN A 1 67  ? 7.928   -2.551  7.765   1.00 30.94 ? 68  GLN R N   1 
ATOM   537 C CA  . GLN A 1 67  ? 9.355   -2.267  7.541   1.00 33.42 ? 68  GLN R CA  1 
ATOM   538 C C   . GLN A 1 67  ? 9.615   -0.768  7.542   1.00 31.76 ? 68  GLN R C   1 
ATOM   539 O O   . GLN A 1 67  ? 10.647  -0.322  7.988   1.00 30.80 ? 68  GLN R O   1 
ATOM   540 C CB  . GLN A 1 67  ? 9.888   -2.891  6.247   1.00 35.14 ? 68  GLN R CB  1 
ATOM   541 C CG  . GLN A 1 67  ? 10.174  -4.409  6.339   1.00 41.60 ? 68  GLN R CG  1 
ATOM   542 C CD  . GLN A 1 67  ? 10.866  -4.848  7.659   1.00 47.08 ? 68  GLN R CD  1 
ATOM   543 O OE1 . GLN A 1 67  ? 12.015  -4.430  7.950   1.00 49.10 ? 68  GLN R OE1 1 
ATOM   544 N NE2 . GLN A 1 67  ? 10.172  -5.698  8.448   1.00 48.68 ? 68  GLN R NE2 1 
ATOM   545 N N   . ARG A 1 68  ? 8.635   -0.019  7.065   1.00 32.07 ? 69  ARG R N   1 
ATOM   546 C CA  . ARG A 1 68  ? 8.691   1.419   6.949   1.00 32.64 ? 69  ARG R CA  1 
ATOM   547 C C   . ARG A 1 68  ? 8.641   2.072   8.333   1.00 33.37 ? 69  ARG R C   1 
ATOM   548 O O   . ARG A 1 68  ? 9.396   3.016   8.591   1.00 30.90 ? 69  ARG R O   1 
ATOM   549 C CB  . ARG A 1 68  ? 7.532   1.883   6.062   1.00 34.21 ? 69  ARG R CB  1 
ATOM   550 C CG  . ARG A 1 68  ? 7.547   3.336   5.645   1.00 38.61 ? 69  ARG R CG  1 
ATOM   551 C CD  . ARG A 1 68  ? 6.151   3.944   5.399   1.00 41.07 ? 69  ARG R CD  1 
ATOM   552 N NE  . ARG A 1 68  ? 5.432   3.258   4.314   1.00 40.46 ? 69  ARG R NE  1 
ATOM   553 C CZ  . ARG A 1 68  ? 4.200   3.578   3.904   1.00 41.99 ? 69  ARG R CZ  1 
ATOM   554 N NH1 . ARG A 1 68  ? 3.652   2.881   2.897   1.00 38.78 ? 69  ARG R NH1 1 
ATOM   555 N NH2 . ARG A 1 68  ? 3.522   4.593   4.484   1.00 37.24 ? 69  ARG R NH2 1 
ATOM   556 N N   . GLU A 1 69  ? 7.773   1.562   9.218   1.00 34.15 ? 70  GLU R N   1 
ATOM   557 C CA  . GLU A 1 69  ? 7.655   2.090   10.575  1.00 33.74 ? 70  GLU R CA  1 
ATOM   558 C C   . GLU A 1 69  ? 8.981   1.833   11.300  1.00 33.22 ? 70  GLU R C   1 
ATOM   559 O O   . GLU A 1 69  ? 9.457   2.679   12.071  1.00 32.47 ? 70  GLU R O   1 
ATOM   560 C CB  . GLU A 1 69  ? 6.459   1.501   11.335  1.00 34.06 ? 70  GLU R CB  1 
ATOM   561 C CG  . GLU A 1 69  ? 5.058   1.938   10.875  1.00 38.63 ? 70  GLU R CG  1 
ATOM   562 C CD  . GLU A 1 69  ? 3.970   0.845   11.127  1.00 47.38 ? 70  GLU R CD  1 
ATOM   563 O OE1 . GLU A 1 69  ? 4.274   -0.164  11.837  1.00 46.14 ? 70  GLU R OE1 1 
ATOM   564 O OE2 . GLU A 1 69  ? 2.799   0.949   10.603  1.00 47.58 ? 70  GLU R OE2 1 
ATOM   565 N N   . LEU A 1 70  ? 9.606   0.702   10.996  1.00 32.28 ? 71  LEU R N   1 
ATOM   566 C CA  . LEU A 1 70  ? 10.901  0.359   11.574  1.00 34.51 ? 71  LEU R CA  1 
ATOM   567 C C   . LEU A 1 70  ? 12.044  1.238   11.121  1.00 36.58 ? 71  LEU R C   1 
ATOM   568 O O   . LEU A 1 70  ? 12.843  1.709   11.945  1.00 37.80 ? 71  LEU R O   1 
ATOM   569 C CB  . LEU A 1 70  ? 11.267  -1.070  11.247  1.00 37.79 ? 71  LEU R CB  1 
ATOM   570 C CG  . LEU A 1 70  ? 11.081  -1.935  12.481  1.00 40.08 ? 71  LEU R CG  1 
ATOM   571 C CD1 . LEU A 1 70  ? 10.365  -3.242  12.097  1.00 44.26 ? 71  LEU R CD1 1 
ATOM   572 C CD2 . LEU A 1 70  ? 12.453  -2.175  13.108  1.00 42.36 ? 71  LEU R CD2 1 
ATOM   573 N N   . LYS A 1 71  ? 12.132  1.444   9.810   1.00 35.86 ? 72  LYS R N   1 
ATOM   574 C CA  . LYS A 1 71  ? 13.164  2.272   9.232   1.00 36.67 ? 72  LYS R CA  1 
ATOM   575 C C   . LYS A 1 71  ? 13.007  3.728   9.768   1.00 36.39 ? 72  LYS R C   1 
ATOM   576 O O   . LYS A 1 71  ? 13.995  4.394   10.093  1.00 33.93 ? 72  LYS R O   1 
ATOM   577 C CB  . LYS A 1 71  ? 13.068  2.149   7.710   1.00 38.16 ? 72  LYS R CB  1 
ATOM   578 C CG  . LYS A 1 71  ? 14.019  2.999   6.866   1.00 42.38 ? 72  LYS R CG  1 
ATOM   579 C CD  . LYS A 1 71  ? 13.481  3.083   5.417   1.00 45.29 ? 72  LYS R CD  1 
ATOM   580 C CE  . LYS A 1 71  ? 14.363  3.931   4.491   1.00 49.20 ? 72  LYS R CE  1 
ATOM   581 N NZ  . LYS A 1 71  ? 14.383  5.391   4.847   1.00 51.69 ? 72  LYS R NZ  1 
ATOM   582 N N   . ASN A 1 72  ? 11.755  4.170   9.923   1.00 35.93 ? 73  ASN R N   1 
ATOM   583 C CA  . ASN A 1 72  ? 11.427  5.493   10.469  1.00 35.25 ? 73  ASN R CA  1 
ATOM   584 C C   . ASN A 1 72  ? 11.724  5.653   11.955  1.00 35.84 ? 73  ASN R C   1 
ATOM   585 O O   . ASN A 1 72  ? 12.078  6.732   12.406  1.00 35.48 ? 73  ASN R O   1 
ATOM   586 C CB  . ASN A 1 72  ? 9.964   5.849   10.195  1.00 32.89 ? 73  ASN R CB  1 
ATOM   587 C CG  . ASN A 1 72  ? 9.696   6.121   8.720   1.00 33.57 ? 73  ASN R CG  1 
ATOM   588 O OD1 . ASN A 1 72  ? 10.629  6.205   7.914   1.00 31.81 ? 73  ASN R OD1 1 
ATOM   589 N ND2 . ASN A 1 72  ? 8.420   6.253   8.356   1.00 30.78 ? 73  ASN R ND2 1 
ATOM   590 N N   . GLU A 1 73  ? 11.585  4.566   12.701  1.00 37.84 ? 74  GLU R N   1 
ATOM   591 C CA  . GLU A 1 73  ? 11.897  4.546   14.122  1.00 39.09 ? 74  GLU R CA  1 
ATOM   592 C C   . GLU A 1 73  ? 13.400  4.675   14.305  1.00 38.23 ? 74  GLU R C   1 
ATOM   593 O O   . GLU A 1 73  ? 13.880  5.484   15.127  1.00 36.89 ? 74  GLU R O   1 
ATOM   594 C CB  . GLU A 1 73  ? 11.417  3.241   14.779  1.00 40.69 ? 74  GLU R CB  1 
ATOM   595 C CG  . GLU A 1 73  ? 11.338  3.320   16.298  1.00 47.08 ? 74  GLU R CG  1 
ATOM   596 C CD  . GLU A 1 73  ? 10.341  4.387   16.762  1.00 54.18 ? 74  GLU R CD  1 
ATOM   597 O OE1 . GLU A 1 73  ? 10.660  5.143   17.741  1.00 57.53 ? 74  GLU R OE1 1 
ATOM   598 O OE2 . GLU A 1 73  ? 9.228   4.477   16.138  1.00 57.33 ? 74  GLU R OE2 1 
ATOM   599 N N   . LEU A 1 74  ? 14.125  3.857   13.542  1.00 35.91 ? 75  LEU R N   1 
ATOM   600 C CA  . LEU A 1 74  ? 15.569  3.903   13.537  1.00 35.31 ? 75  LEU R CA  1 
ATOM   601 C C   . LEU A 1 74  ? 16.011  5.316   13.139  1.00 36.11 ? 75  LEU R C   1 
ATOM   602 O O   . LEU A 1 74  ? 16.808  5.964   13.841  1.00 35.31 ? 75  LEU R O   1 
ATOM   603 C CB  . LEU A 1 74  ? 16.109  2.869   12.554  1.00 36.96 ? 75  LEU R CB  1 
ATOM   604 C CG  . LEU A 1 74  ? 17.636  2.678   12.444  1.00 42.52 ? 75  LEU R CG  1 
ATOM   605 C CD1 . LEU A 1 74  ? 17.942  1.272   11.867  1.00 43.58 ? 75  LEU R CD1 1 
ATOM   606 C CD2 . LEU A 1 74  ? 18.390  3.811   11.619  1.00 40.67 ? 75  LEU R CD2 1 
ATOM   607 N N   . GLY A 1 75  ? 15.470  5.802   12.023  1.00 33.70 ? 76  GLY R N   1 
ATOM   608 C CA  . GLY A 1 75  ? 15.853  7.094   11.506  1.00 33.38 ? 76  GLY R CA  1 
ATOM   609 C C   . GLY A 1 75  ? 15.734  8.130   12.593  1.00 32.86 ? 76  GLY R C   1 
ATOM   610 O O   . GLY A 1 75  ? 16.690  8.894   12.859  1.00 33.14 ? 76  GLY R O   1 
ATOM   611 N N   . ALA A 1 76  ? 14.560  8.119   13.235  1.00 31.19 ? 77  ALA R N   1 
ATOM   612 C CA  . ALA A 1 76  ? 14.207  9.120   14.223  1.00 29.76 ? 77  ALA R CA  1 
ATOM   613 C C   . ALA A 1 76  ? 15.058  8.982   15.485  1.00 28.27 ? 77  ALA R C   1 
ATOM   614 O O   . ALA A 1 76  ? 15.413  10.001  16.092  1.00 26.65 ? 77  ALA R O   1 
ATOM   615 C CB  . ALA A 1 76  ? 12.693  9.084   14.540  1.00 24.91 ? 77  ALA R CB  1 
ATOM   616 N N   . GLY A 1 77  ? 15.389  7.735   15.845  1.00 25.19 ? 78  GLY R N   1 
ATOM   617 C CA  . GLY A 1 77  ? 16.255  7.436   16.970  1.00 25.27 ? 78  GLY R CA  1 
ATOM   618 C C   . GLY A 1 77  ? 17.663  8.008   16.784  1.00 30.12 ? 78  GLY R C   1 
ATOM   619 O O   . GLY A 1 77  ? 18.253  8.610   17.704  1.00 29.58 ? 78  GLY R O   1 
ATOM   620 N N   . ILE A 1 78  ? 18.209  7.850   15.577  1.00 30.15 ? 79  ILE R N   1 
ATOM   621 C CA  . ILE A 1 78  ? 19.527  8.403   15.268  1.00 28.64 ? 79  ILE R CA  1 
ATOM   622 C C   . ILE A 1 78  ? 19.493  9.933   15.153  1.00 26.84 ? 79  ILE R C   1 
ATOM   623 O O   . ILE A 1 78  ? 20.368  10.618  15.688  1.00 25.36 ? 79  ILE R O   1 
ATOM   624 C CB  . ILE A 1 78  ? 20.141  7.753   13.994  1.00 30.13 ? 79  ILE R CB  1 
ATOM   625 C CG1 . ILE A 1 78  ? 20.620  6.312   14.307  1.00 31.57 ? 79  ILE R CG1 1 
ATOM   626 C CG2 . ILE A 1 78  ? 21.275  8.648   13.446  1.00 29.31 ? 79  ILE R CG2 1 
ATOM   627 C CD1 . ILE A 1 78  ? 21.343  5.594   13.144  1.00 32.36 ? 79  ILE R CD1 1 
ATOM   628 N N   . ALA A 1 79  ? 18.481  10.464  14.472  1.00 24.55 ? 80  ALA R N   1 
ATOM   629 C CA  . ALA A 1 79  ? 18.368  11.907  14.311  1.00 22.82 ? 80  ALA R CA  1 
ATOM   630 C C   . ALA A 1 79  ? 18.297  12.598  15.655  1.00 22.04 ? 80  ALA R C   1 
ATOM   631 O O   . ALA A 1 79  ? 18.808  13.717  15.813  1.00 26.70 ? 80  ALA R O   1 
ATOM   632 C CB  . ALA A 1 79  ? 17.165  12.274  13.462  1.00 22.26 ? 80  ALA R CB  1 
ATOM   633 N N   . THR A 1 80  ? 17.695  11.925  16.625  1.00 19.60 ? 81  THR R N   1 
ATOM   634 C CA  . THR A 1 80  ? 17.539  12.473  17.955  1.00 19.23 ? 81  THR R CA  1 
ATOM   635 C C   . THR A 1 80  ? 18.854  12.534  18.722  1.00 18.12 ? 81  THR R C   1 
ATOM   636 O O   . THR A 1 80  ? 19.092  13.493  19.458  1.00 14.28 ? 81  THR R O   1 
ATOM   637 C CB  . THR A 1 80  ? 16.434  11.727  18.743  1.00 19.66 ? 81  THR R CB  1 
ATOM   638 O OG1 . THR A 1 80  ? 15.162  12.043  18.148  1.00 23.48 ? 81  THR R OG1 1 
ATOM   639 C CG2 . THR A 1 80  ? 16.267  12.291  20.150  1.00 16.18 ? 81  THR R CG2 1 
ATOM   640 N N   . ILE A 1 81  ? 19.686  11.509  18.548  1.00 18.33 ? 82  ILE R N   1 
ATOM   641 C CA  . ILE A 1 81  ? 21.027  11.484  19.129  1.00 17.24 ? 82  ILE R CA  1 
ATOM   642 C C   . ILE A 1 81  ? 21.907  12.621  18.576  1.00 18.06 ? 82  ILE R C   1 
ATOM   643 O O   . ILE A 1 81  ? 22.515  13.375  19.336  1.00 15.49 ? 82  ILE R O   1 
ATOM   644 C CB  . ILE A 1 81  ? 21.677  10.120  18.889  1.00 16.00 ? 82  ILE R CB  1 
ATOM   645 C CG1 . ILE A 1 81  ? 20.891  9.033   19.645  1.00 14.50 ? 82  ILE R CG1 1 
ATOM   646 C CG2 . ILE A 1 81  ? 23.203  10.134  19.250  1.00 7.63  ? 82  ILE R CG2 1 
ATOM   647 C CD1 . ILE A 1 81  ? 21.454  7.604   19.454  1.00 8.32  ? 82  ILE R CD1 1 
ATOM   648 N N   . THR A 1 82  ? 21.916  12.748  17.252  1.00 19.24 ? 83  THR R N   1 
ATOM   649 C CA  . THR A 1 82  ? 22.646  13.805  16.543  1.00 22.83 ? 83  THR R CA  1 
ATOM   650 C C   . THR A 1 82  ? 22.192  15.193  16.990  1.00 20.29 ? 83  THR R C   1 
ATOM   651 O O   . THR A 1 82  ? 22.997  16.061  17.311  1.00 21.62 ? 83  THR R O   1 
ATOM   652 C CB  . THR A 1 82  ? 22.402  13.629  15.015  1.00 24.76 ? 83  THR R CB  1 
ATOM   653 O OG1 . THR A 1 82  ? 23.080  12.440  14.535  1.00 25.11 ? 83  THR R OG1 1 
ATOM   654 C CG2 . THR A 1 82  ? 22.983  14.800  14.218  1.00 21.15 ? 83  THR R CG2 1 
ATOM   655 N N   . ARG A 1 83  ? 20.884  15.366  17.030  1.00 19.10 ? 84  ARG R N   1 
ATOM   656 C CA  . ARG A 1 83  ? 20.268  16.607  17.412  1.00 17.66 ? 84  ARG R CA  1 
ATOM   657 C C   . ARG A 1 83  ? 20.523  16.882  18.891  1.00 17.62 ? 84  ARG R C   1 
ATOM   658 O O   . ARG A 1 83  ? 20.750  18.039  19.285  1.00 21.44 ? 84  ARG R O   1 
ATOM   659 C CB  . ARG A 1 83  ? 18.783  16.554  17.046  1.00 19.09 ? 84  ARG R CB  1 
ATOM   660 C CG  . ARG A 1 83  ? 17.930  17.520  17.783  1.00 23.05 ? 84  ARG R CG  1 
ATOM   661 C CD  . ARG A 1 83  ? 16.565  17.804  17.139  1.00 23.81 ? 84  ARG R CD  1 
ATOM   662 N NE  . ARG A 1 83  ? 15.955  16.619  16.570  1.00 26.42 ? 84  ARG R NE  1 
ATOM   663 C CZ  . ARG A 1 83  ? 15.298  15.673  17.274  1.00 29.02 ? 84  ARG R CZ  1 
ATOM   664 N NH1 . ARG A 1 83  ? 15.171  15.767  18.598  1.00 31.81 ? 84  ARG R NH1 1 
ATOM   665 N NH2 . ARG A 1 83  ? 14.785  14.623  16.655  1.00 19.56 ? 84  ARG R NH2 1 
ATOM   666 N N   . GLY A 1 84  ? 20.581  15.831  19.703  1.00 14.97 ? 85  GLY R N   1 
ATOM   667 C CA  . GLY A 1 84  ? 20.868  15.997  21.116  1.00 14.25 ? 85  GLY R CA  1 
ATOM   668 C C   . GLY A 1 84  ? 22.295  16.468  21.305  1.00 15.95 ? 85  GLY R C   1 
ATOM   669 O O   . GLY A 1 84  ? 22.595  17.305  22.166  1.00 12.66 ? 85  GLY R O   1 
ATOM   670 N N   . SER A 1 85  ? 23.170  15.888  20.484  1.00 15.87 ? 86  SER R N   1 
ATOM   671 C CA  . SER A 1 85  ? 24.572  16.208  20.447  1.00 13.78 ? 86  SER R CA  1 
ATOM   672 C C   . SER A 1 85  ? 24.742  17.688  20.149  1.00 13.48 ? 86  SER R C   1 
ATOM   673 O O   . SER A 1 85  ? 25.413  18.397  20.909  1.00 13.92 ? 86  SER R O   1 
ATOM   674 C CB  . SER A 1 85  ? 25.258  15.336  19.399  1.00 14.39 ? 86  SER R CB  1 
ATOM   675 O OG  . SER A 1 85  ? 26.663  15.260  19.614  1.00 17.70 ? 86  SER R OG  1 
ATOM   676 N N   . ASN A 1 86  ? 24.095  18.185  19.096  1.00 14.02 ? 87  ASN R N   1 
ATOM   677 C CA  . ASN A 1 86  ? 24.307  19.607  18.698  1.00 15.27 ? 87  ASN R CA  1 
ATOM   678 C C   . ASN A 1 86  ? 23.761  20.586  19.684  1.00 13.07 ? 87  ASN R C   1 
ATOM   679 O O   . ASN A 1 86  ? 24.409  21.536  20.060  1.00 18.83 ? 87  ASN R O   1 
ATOM   680 C CB  . ASN A 1 86  ? 23.775  19.876  17.306  1.00 15.81 ? 87  ASN R CB  1 
ATOM   681 C CG  . ASN A 1 86  ? 24.422  18.962  16.283  1.00 19.84 ? 87  ASN R CG  1 
ATOM   682 O OD1 . ASN A 1 86  ? 25.618  18.637  16.437  1.00 20.90 ? 87  ASN R OD1 1 
ATOM   683 N ND2 . ASN A 1 86  ? 23.662  18.521  15.260  1.00 11.81 ? 87  ASN R ND2 1 
ATOM   684 N N   . SER A 1 87  ? 22.587  20.292  20.172  1.00 15.23 ? 88  SER R N   1 
ATOM   685 C CA  . SER A 1 87  ? 21.958  21.095  21.192  1.00 13.96 ? 88  SER R CA  1 
ATOM   686 C C   . SER A 1 87  ? 22.807  21.115  22.448  1.00 13.65 ? 88  SER R C   1 
ATOM   687 O O   . SER A 1 87  ? 22.859  22.145  23.149  1.00 16.25 ? 88  SER R O   1 
ATOM   688 C CB  . SER A 1 87  ? 20.557  20.532  21.477  1.00 12.25 ? 88  SER R CB  1 
ATOM   689 O OG  . SER A 1 87  ? 19.842  20.394  20.251  1.00 11.00 ? 88  SER R OG  1 
ATOM   690 N N   . LEU A 1 88  ? 23.485  20.007  22.740  1.00 10.65 ? 89  LEU R N   1 
ATOM   691 C CA  . LEU A 1 88  ? 24.380  19.973  23.888  1.00 11.08 ? 89  LEU R CA  1 
ATOM   692 C C   . LEU A 1 88  ? 25.549  20.933  23.698  1.00 9.27  ? 89  LEU R C   1 
ATOM   693 O O   . LEU A 1 88  ? 25.985  21.570  24.637  1.00 5.30  ? 89  LEU R O   1 
ATOM   694 C CB  . LEU A 1 88  ? 24.877  18.565  24.198  1.00 10.29 ? 89  LEU R CB  1 
ATOM   695 C CG  . LEU A 1 88  ? 23.774  18.017  25.088  1.00 13.97 ? 89  LEU R CG  1 
ATOM   696 C CD1 . LEU A 1 88  ? 23.923  16.540  25.339  1.00 10.54 ? 89  LEU R CD1 1 
ATOM   697 C CD2 . LEU A 1 88  ? 23.811  18.837  26.376  1.00 12.71 ? 89  LEU R CD2 1 
ATOM   698 N N   . LYS A 1 89  ? 26.038  21.027  22.479  1.00 9.57  ? 90  LYS R N   1 
ATOM   699 C CA  . LYS A 1 89  ? 27.151  21.910  22.215  1.00 13.62 ? 90  LYS R CA  1 
ATOM   700 C C   . LYS A 1 89  ? 26.709  23.390  22.304  1.00 16.05 ? 90  LYS R C   1 
ATOM   701 O O   . LYS A 1 89  ? 27.495  24.243  22.768  1.00 10.33 ? 90  LYS R O   1 
ATOM   702 C CB  . LYS A 1 89  ? 27.752  21.574  20.870  1.00 14.70 ? 90  LYS R CB  1 
ATOM   703 C CG  . LYS A 1 89  ? 28.437  20.227  20.831  1.00 12.66 ? 90  LYS R CG  1 
ATOM   704 C CD  . LYS A 1 89  ? 28.689  19.869  19.403  1.00 12.63 ? 90  LYS R CD  1 
ATOM   705 C CE  . LYS A 1 89  ? 29.538  18.643  19.323  1.00 16.54 ? 90  LYS R CE  1 
ATOM   706 N NZ  . LYS A 1 89  ? 29.505  18.112  17.932  1.00 22.12 ? 90  LYS R NZ  1 
ATOM   707 N N   . ALA A 1 90  ? 25.421  23.649  21.969  1.00 16.89 ? 91  ALA R N   1 
ATOM   708 C CA  . ALA A 1 90  ? 24.837  25.005  22.026  1.00 17.51 ? 91  ALA R CA  1 
ATOM   709 C C   . ALA A 1 90  ? 24.392  25.432  23.429  1.00 18.53 ? 91  ALA R C   1 
ATOM   710 O O   . ALA A 1 90  ? 24.277  26.625  23.721  1.00 18.92 ? 91  ALA R O   1 
ATOM   711 C CB  . ALA A 1 90  ? 23.689  25.122  21.050  1.00 17.26 ? 91  ALA R CB  1 
ATOM   712 N N   . ALA A 1 91  ? 24.133  24.470  24.311  1.00 21.86 ? 92  ALA R N   1 
ATOM   713 C CA  . ALA A 1 91  ? 23.753  24.845  25.680  1.00 23.79 ? 92  ALA R CA  1 
ATOM   714 C C   . ALA A 1 91  ? 24.729  25.884  26.322  1.00 23.86 ? 92  ALA R C   1 
ATOM   715 O O   . ALA A 1 91  ? 25.936  25.854  26.108  1.00 24.79 ? 92  ALA R O   1 
ATOM   716 C CB  . ALA A 1 91  ? 23.554  23.598  26.579  1.00 21.09 ? 92  ALA R CB  1 
ATOM   717 N N   . PRO A 1 92  ? 24.183  26.853  27.037  1.00 24.94 ? 93  PRO R N   1 
ATOM   718 C CA  . PRO A 1 92  ? 24.982  27.751  27.856  1.00 24.55 ? 93  PRO R CA  1 
ATOM   719 C C   . PRO A 1 92  ? 25.694  27.024  28.980  1.00 25.58 ? 93  PRO R C   1 
ATOM   720 O O   . PRO A 1 92  ? 25.118  26.106  29.587  1.00 25.14 ? 93  PRO R O   1 
ATOM   721 C CB  . PRO A 1 92  ? 23.928  28.716  28.385  1.00 22.72 ? 93  PRO R CB  1 
ATOM   722 C CG  . PRO A 1 92  ? 22.988  28.747  27.249  1.00 25.61 ? 93  PRO R CG  1 
ATOM   723 C CD  . PRO A 1 92  ? 22.768  27.264  27.027  1.00 26.51 ? 93  PRO R CD  1 
ATOM   724 N N   . VAL A 1 93  ? 26.932  27.458  29.237  1.00 25.00 ? 94  VAL R N   1 
ATOM   725 C CA  . VAL A 1 93  ? 27.805  26.883  30.249  1.00 24.93 ? 94  VAL R CA  1 
ATOM   726 C C   . VAL A 1 93  ? 27.056  26.611  31.555  1.00 26.93 ? 94  VAL R C   1 
ATOM   727 O O   . VAL A 1 93  ? 27.260  25.571  32.202  1.00 25.93 ? 94  VAL R O   1 
ATOM   728 C CB  . VAL A 1 93  ? 29.047  27.829  30.453  1.00 27.79 ? 94  VAL R CB  1 
ATOM   729 C CG1 . VAL A 1 93  ? 29.558  27.950  31.959  1.00 23.44 ? 94  VAL R CG1 1 
ATOM   730 C CG2 . VAL A 1 93  ? 30.161  27.444  29.504  1.00 26.86 ? 94  VAL R CG2 1 
ATOM   731 N N   . GLU A 1 94  ? 26.181  27.550  31.920  1.00 30.55 ? 95  GLU R N   1 
ATOM   732 C CA  . GLU A 1 94  ? 25.453  27.501  33.181  1.00 31.76 ? 95  GLU R CA  1 
ATOM   733 C C   . GLU A 1 94  ? 24.607  26.274  33.108  1.00 32.57 ? 95  GLU R C   1 
ATOM   734 O O   . GLU A 1 94  ? 24.618  25.459  34.049  1.00 35.75 ? 95  GLU R O   1 
ATOM   735 C CB  . GLU A 1 94  ? 24.579  28.747  33.393  1.00 34.10 ? 95  GLU R CB  1 
ATOM   736 C CG  . GLU A 1 94  ? 25.172  30.063  32.860  1.00 32.97 ? 95  GLU R CG  1 
ATOM   737 C CD  . GLU A 1 94  ? 24.312  31.261  33.238  1.00 36.02 ? 95  GLU R CD  1 
ATOM   738 O OE1 . GLU A 1 94  ? 23.271  31.503  32.490  1.00 37.98 ? 95  GLU R OE1 1 
ATOM   739 O OE2 . GLU A 1 94  ? 24.654  31.937  34.310  1.00 33.11 ? 95  GLU R OE2 1 
ATOM   740 N N   . LEU A 1 95  ? 23.904  26.107  31.979  1.00 33.61 ? 96  LEU R N   1 
ATOM   741 C CA  . LEU A 1 95  ? 23.080  24.893  31.753  1.00 31.59 ? 96  LEU R CA  1 
ATOM   742 C C   . LEU A 1 95  ? 23.965  23.641  31.688  1.00 30.63 ? 96  LEU R C   1 
ATOM   743 O O   . LEU A 1 95  ? 23.663  22.641  32.343  1.00 30.87 ? 96  LEU R O   1 
ATOM   744 C CB  . LEU A 1 95  ? 22.195  25.021  30.497  1.00 29.62 ? 96  LEU R CB  1 
ATOM   745 C CG  . LEU A 1 95  ? 21.319  23.818  30.123  1.00 26.47 ? 96  LEU R CG  1 
ATOM   746 C CD1 . LEU A 1 95  ? 20.264  23.624  31.150  1.00 26.45 ? 96  LEU R CD1 1 
ATOM   747 C CD2 . LEU A 1 95  ? 20.690  24.024  28.784  1.00 23.70 ? 96  LEU R CD2 1 
ATOM   748 N N   . ARG A 1 96  ? 25.057  23.709  30.925  1.00 29.72 ? 97  ARG R N   1 
ATOM   749 C CA  . ARG A 1 96  ? 26.005  22.602  30.852  1.00 33.11 ? 97  ARG R CA  1 
ATOM   750 C C   . ARG A 1 96  ? 26.565  22.158  32.195  1.00 36.16 ? 97  ARG R C   1 
ATOM   751 O O   . ARG A 1 96  ? 26.517  20.956  32.512  1.00 37.49 ? 97  ARG R O   1 
ATOM   752 C CB  . ARG A 1 96  ? 27.110  22.907  29.877  1.00 29.39 ? 97  ARG R CB  1 
ATOM   753 C CG  . ARG A 1 96  ? 26.623  22.749  28.480  1.00 30.82 ? 97  ARG R CG  1 
ATOM   754 C CD  . ARG A 1 96  ? 26.265  21.291  28.079  1.00 29.38 ? 97  ARG R CD  1 
ATOM   755 N NE  . ARG A 1 96  ? 27.139  20.959  26.963  1.00 22.52 ? 97  ARG R NE  1 
ATOM   756 C CZ  . ARG A 1 96  ? 28.122  20.098  27.036  1.00 21.06 ? 97  ARG R CZ  1 
ATOM   757 N NH1 . ARG A 1 96  ? 28.336  19.405  28.160  1.00 19.52 ? 97  ARG R NH1 1 
ATOM   758 N NH2 . ARG A 1 96  ? 28.895  19.936  25.980  1.00 22.51 ? 97  ARG R NH2 1 
ATOM   759 N N   . GLN A 1 97  ? 27.023  23.123  32.999  1.00 38.69 ? 98  GLN R N   1 
ATOM   760 C CA  . GLN A 1 97  ? 27.537  22.844  34.341  1.00 42.51 ? 98  GLN R CA  1 
ATOM   761 C C   . GLN A 1 97  ? 26.457  22.362  35.284  1.00 45.42 ? 98  GLN R C   1 
ATOM   762 O O   . GLN A 1 97  ? 26.637  21.335  35.958  1.00 47.89 ? 98  GLN R O   1 
ATOM   763 C CB  . GLN A 1 97  ? 28.224  24.061  34.941  1.00 47.58 ? 98  GLN R CB  1 
ATOM   764 C CG  . GLN A 1 97  ? 29.412  24.527  34.133  1.00 51.45 ? 98  GLN R CG  1 
ATOM   765 C CD  . GLN A 1 97  ? 30.125  25.686  34.787  1.00 57.48 ? 98  GLN R CD  1 
ATOM   766 O OE1 . GLN A 1 97  ? 29.993  26.853  34.341  1.00 60.06 ? 98  GLN R OE1 1 
ATOM   767 N NE2 . GLN A 1 97  ? 30.899  25.378  35.845  1.00 59.62 ? 98  GLN R NE2 1 
ATOM   768 N N   . TRP A 1 98  ? 25.329  23.075  35.336  1.00 45.16 ? 99  TRP R N   1 
ATOM   769 C CA  . TRP A 1 98  ? 24.194  22.594  36.114  1.00 42.79 ? 99  TRP R CA  1 
ATOM   770 C C   . TRP A 1 98  ? 23.822  21.161  35.714  1.00 44.72 ? 99  TRP R C   1 
ATOM   771 O O   . TRP A 1 98  ? 23.513  20.326  36.584  1.00 46.38 ? 99  TRP R O   1 
ATOM   772 C CB  . TRP A 1 98  ? 22.999  23.549  36.012  1.00 40.35 ? 99  TRP R CB  1 
ATOM   773 C CG  . TRP A 1 98  ? 21.753  22.981  36.607  1.00 39.68 ? 99  TRP R CG  1 
ATOM   774 C CD1 . TRP A 1 98  ? 21.421  22.919  37.936  1.00 39.50 ? 99  TRP R CD1 1 
ATOM   775 C CD2 . TRP A 1 98  ? 20.667  22.356  35.899  1.00 38.63 ? 99  TRP R CD2 1 
ATOM   776 N NE1 . TRP A 1 98  ? 20.198  22.300  38.092  1.00 38.53 ? 99  TRP R NE1 1 
ATOM   777 C CE2 . TRP A 1 98  ? 19.715  21.946  36.861  1.00 36.53 ? 99  TRP R CE2 1 
ATOM   778 C CE3 . TRP A 1 98  ? 20.401  22.108  34.547  1.00 37.49 ? 99  TRP R CE3 1 
ATOM   779 C CZ2 . TRP A 1 98  ? 18.528  21.308  36.514  1.00 38.04 ? 99  TRP R CZ2 1 
ATOM   780 C CZ3 . TRP A 1 98  ? 19.214  21.472  34.208  1.00 39.21 ? 99  TRP R CZ3 1 
ATOM   781 C CH2 . TRP A 1 98  ? 18.296  21.079  35.187  1.00 37.36 ? 99  TRP R CH2 1 
ATOM   782 N N   . LEU A 1 99  ? 23.841  20.862  34.410  1.00 46.49 ? 100 LEU R N   1 
ATOM   783 C CA  . LEU A 1 99  ? 23.508  19.501  33.949  1.00 46.76 ? 100 LEU R CA  1 
ATOM   784 C C   . LEU A 1 99  ? 24.591  18.568  34.432  1.00 47.92 ? 100 LEU R C   1 
ATOM   785 O O   . LEU A 1 99  ? 24.294  17.610  35.126  1.00 47.35 ? 100 LEU R O   1 
ATOM   786 C CB  . LEU A 1 99  ? 23.423  19.405  32.430  1.00 45.16 ? 100 LEU R CB  1 
ATOM   787 C CG  . LEU A 1 99  ? 22.161  19.864  31.734  1.00 41.37 ? 100 LEU R CG  1 
ATOM   788 C CD1 . LEU A 1 99  ? 22.368  19.748  30.254  1.00 39.74 ? 100 LEU R CD1 1 
ATOM   789 C CD2 . LEU A 1 99  ? 21.023  19.030  32.182  1.00 39.22 ? 100 LEU R CD2 1 
ATOM   790 N N   . GLU A 1 100 ? 25.845  18.873  34.080  1.00 49.33 ? 101 GLU R N   1 
ATOM   791 C CA  . GLU A 1 100 ? 27.002  18.160  34.624  1.00 52.97 ? 101 GLU R CA  1 
ATOM   792 C C   . GLU A 1 100 ? 26.863  17.914  36.131  1.00 54.57 ? 101 GLU R C   1 
ATOM   793 O O   . GLU A 1 100 ? 27.112  16.811  36.607  1.00 53.84 ? 101 GLU R O   1 
ATOM   794 C CB  . GLU A 1 100 ? 28.310  18.909  34.329  1.00 53.07 ? 101 GLU R CB  1 
ATOM   795 C CG  . GLU A 1 100 ? 29.558  18.071  34.565  1.00 52.56 ? 101 GLU R CG  1 
ATOM   796 C CD  . GLU A 1 100 ? 30.794  18.598  33.862  1.00 50.59 ? 101 GLU R CD  1 
ATOM   797 O OE1 . GLU A 1 100 ? 30.798  18.713  32.621  1.00 48.14 ? 101 GLU R OE1 1 
ATOM   798 O OE2 . GLU A 1 100 ? 31.783  18.870  34.563  1.00 52.52 ? 101 GLU R OE2 1 
ATOM   799 N N   . GLU A 1 101 ? 26.443  18.937  36.872  1.00 58.31 ? 102 GLU R N   1 
ATOM   800 C CA  . GLU A 1 101 ? 26.289  18.840  38.329  1.00 61.00 ? 102 GLU R CA  1 
ATOM   801 C C   . GLU A 1 101 ? 25.150  17.935  38.792  1.00 61.98 ? 102 GLU R C   1 
ATOM   802 O O   . GLU A 1 101 ? 25.303  17.230  39.784  1.00 63.65 ? 102 GLU R O   1 
ATOM   803 C CB  . GLU A 1 101 ? 26.179  20.225  38.976  1.00 61.55 ? 102 GLU R CB  1 
ATOM   804 C CG  . GLU A 1 101 ? 27.477  21.021  38.912  1.00 64.85 ? 102 GLU R CG  1 
ATOM   805 C CD  . GLU A 1 101 ? 27.450  22.273  39.789  1.00 67.40 ? 102 GLU R CD  1 
ATOM   806 O OE1 . GLU A 1 101 ? 26.484  23.085  39.655  1.00 67.98 ? 102 GLU R OE1 1 
ATOM   807 O OE2 . GLU A 1 101 ? 28.406  22.442  40.614  1.00 67.80 ? 102 GLU R OE2 1 
ATOM   808 N N   . VAL A 1 102 ? 24.016  17.942  38.092  1.00 64.06 ? 103 VAL R N   1 
ATOM   809 C CA  . VAL A 1 102 ? 22.954  16.956  38.376  1.00 66.09 ? 103 VAL R CA  1 
ATOM   810 C C   . VAL A 1 102 ? 23.324  15.539  37.884  1.00 67.28 ? 103 VAL R C   1 
ATOM   811 O O   . VAL A 1 102 ? 22.644  14.561  38.210  1.00 70.11 ? 103 VAL R O   1 
ATOM   812 C CB  . VAL A 1 102 ? 21.566  17.390  37.803  1.00 65.66 ? 103 VAL R CB  1 
ATOM   813 C CG1 . VAL A 1 102 ? 20.450  16.486  38.316  1.00 66.70 ? 103 VAL R CG1 1 
ATOM   814 C CG2 . VAL A 1 102 ? 21.261  18.829  38.166  1.00 67.00 ? 103 VAL R CG2 1 
ATOM   815 N N   . LEU A 1 103 ? 24.390  15.432  37.089  1.00 68.83 ? 104 LEU R N   1 
ATOM   816 C CA  . LEU A 1 103 ? 24.950  14.131  36.692  1.00 70.23 ? 104 LEU R CA  1 
ATOM   817 C C   . LEU A 1 103 ? 25.813  13.573  37.833  1.00 70.19 ? 104 LEU R C   1 
ATOM   818 O O   . LEU A 1 103 ? 25.623  12.433  38.264  1.00 70.23 ? 104 LEU R O   1 
ATOM   819 C CB  . LEU A 1 103 ? 25.780  14.276  35.402  1.00 70.49 ? 104 LEU R CB  1 
ATOM   820 C CG  . LEU A 1 103 ? 26.044  13.127  34.415  1.00 71.16 ? 104 LEU R CG  1 
ATOM   821 C CD1 . LEU A 1 103 ? 27.346  13.428  33.663  1.00 70.30 ? 104 LEU R CD1 1 
ATOM   822 C CD2 . LEU A 1 103 ? 26.098  11.736  35.094  1.00 72.59 ? 104 LEU R CD2 1 
ATOM   823 N N   . LEU A 1 104 ? 26.756  14.395  38.307  1.00 71.40 ? 105 LEU R N   1 
ATOM   824 C CA  . LEU A 1 104 ? 27.625  14.076  39.450  1.00 71.56 ? 105 LEU R CA  1 
ATOM   825 C C   . LEU A 1 104 ? 26.896  14.292  40.782  1.00 71.15 ? 105 LEU R C   1 
ATOM   826 O O   . LEU A 1 104 ? 26.194  13.383  41.277  1.00 71.27 ? 105 LEU R O   1 
ATOM   827 C CB  . LEU A 1 104 ? 28.911  14.929  39.415  1.00 71.48 ? 105 LEU R CB  1 
ATOM   828 C CG  . LEU A 1 104 ? 29.661  15.177  38.094  1.00 71.30 ? 105 LEU R CG  1 
ATOM   829 C CD1 . LEU A 1 104 ? 30.779  16.216  38.277  1.00 72.79 ? 105 LEU R CD1 1 
ATOM   830 C CD2 . LEU A 1 104 ? 30.224  13.876  37.502  1.00 71.94 ? 105 LEU R CD2 1 
HETATM 831 C C1  . IPA B 2 .   ? 18.173  14.318  23.352  1.00 18.10 ? 200 IPA R C1  1 
HETATM 832 C C2  . IPA B 2 .   ? 17.892  15.687  22.775  1.00 22.11 ? 200 IPA R C2  1 
HETATM 833 C C3  . IPA B 2 .   ? 17.164  16.536  23.822  1.00 22.71 ? 200 IPA R C3  1 
HETATM 834 O O2  . IPA B 2 .   ? 17.060  15.391  21.653  1.00 28.26 ? 200 IPA R O2  1 
HETATM 835 O O   . HOH C 3 .   ? -13.729 -24.499 -9.545  1.00 22.29 ? 201 HOH R O   1 
HETATM 836 O O   . HOH C 3 .   ? -3.632  -16.873 -6.873  1.00 14.79 ? 202 HOH R O   1 
HETATM 837 O O   . HOH C 3 .   ? 14.238  6.715   1.687   1.00 41.10 ? 203 HOH R O   1 
HETATM 838 O O   . HOH C 3 .   ? 5.533   -3.754  -1.984  1.00 33.34 ? 204 HOH R O   1 
HETATM 839 O O   . HOH C 3 .   ? 6.784   0.616   -2.845  1.00 22.81 ? 205 HOH R O   1 
HETATM 840 O O   . HOH C 3 .   ? 16.353  22.128  18.789  1.00 30.83 ? 206 HOH R O   1 
HETATM 841 O O   . HOH C 3 .   ? 15.114  17.592  20.757  1.00 24.23 ? 207 HOH R O   1 
HETATM 842 O O   . HOH C 3 .   ? -6.704  -4.469  1.352   1.00 34.15 ? 208 HOH R O   1 
HETATM 843 O O   . HOH C 3 .   ? 16.404  20.680  15.666  1.00 23.56 ? 209 HOH R O   1 
HETATM 844 O O   . HOH C 3 .   ? 17.504  6.251   3.597   1.00 41.77 ? 210 HOH R O   1 
HETATM 845 O O   . HOH C 3 .   ? -10.379 -15.513 -14.838 1.00 32.62 ? 211 HOH R O   1 
HETATM 846 O O   . HOH C 3 .   ? -17.719 -18.489 -3.162  1.00 37.04 ? 212 HOH R O   1 
HETATM 847 O O   . HOH C 3 .   ? -9.809  0.268   -19.911 1.00 42.41 ? 213 HOH R O   1 
HETATM 848 O O   . HOH C 3 .   ? -33.000 -7.923  -7.903  1.00 26.60 ? 214 HOH R O   1 
HETATM 849 O O   . HOH C 3 .   ? -25.313 -18.424 -7.929  1.00 26.79 ? 215 HOH R O   1 
HETATM 850 O O   . HOH C 3 .   ? -19.534 -25.147 -9.662  1.00 24.16 ? 216 HOH R O   1 
HETATM 851 O O   . HOH C 3 .   ? 14.469  19.896  14.100  1.00 45.97 ? 217 HOH R O   1 
HETATM 852 O O   . HOH C 3 .   ? 15.400  16.124  13.822  1.00 32.63 ? 218 HOH R O   1 
HETATM 853 O O   . HOH C 3 .   ? 15.646  9.307   3.313   1.00 39.28 ? 219 HOH R O   1 
HETATM 854 O O   . HOH C 3 .   ? -11.424 -23.041 -12.720 1.00 44.83 ? 220 HOH R O   1 
HETATM 855 O O   . HOH C 3 .   ? -5.920  -17.616 1.264   1.00 34.30 ? 221 HOH R O   1 
HETATM 856 O O   . HOH C 3 .   ? 17.175  6.542   20.688  1.00 39.47 ? 222 HOH R O   1 
HETATM 857 O O   . HOH C 3 .   ? 12.026  12.875  17.432  1.00 28.76 ? 223 HOH R O   1 
HETATM 858 O O   . HOH C 3 .   ? 13.494  9.465   19.329  1.00 46.14 ? 224 HOH R O   1 
HETATM 859 O O   . HOH C 3 .   ? 31.546  29.423  35.136  1.00 43.63 ? 225 HOH R O   1 
HETATM 860 O O   . HOH C 3 .   ? 31.311  21.503  30.516  1.00 28.69 ? 226 HOH R O   1 
HETATM 861 O O   . HOH C 3 .   ? -8.461  -21.900 -16.079 1.00 37.18 ? 227 HOH R O   1 
HETATM 862 O O   . HOH C 3 .   ? -10.896 -22.921 -16.221 1.00 36.06 ? 228 HOH R O   1 
HETATM 863 O O   . HOH C 3 .   ? -14.336 -20.885 -3.217  1.00 29.36 ? 229 HOH R O   1 
HETATM 864 O O   . HOH C 3 .   ? -7.605  -21.087 2.514   1.00 36.58 ? 230 HOH R O   1 
HETATM 865 O O   . HOH C 3 .   ? -5.695  -20.323 -3.204  1.00 28.12 ? 231 HOH R O   1 
HETATM 866 O O   . HOH C 3 .   ? -3.079  -20.716 -2.097  1.00 34.59 ? 232 HOH R O   1 
HETATM 867 O O   . HOH C 3 .   ? -1.446  -20.853 1.804   1.00 26.12 ? 233 HOH R O   1 
HETATM 868 O O   . HOH C 3 .   ? 0.375   -16.507 2.361   1.00 35.71 ? 234 HOH R O   1 
HETATM 869 O O   . HOH C 3 .   ? 2.991   -9.503  6.601   1.00 28.10 ? 235 HOH R O   1 
HETATM 870 O O   . HOH C 3 .   ? 3.900   -7.834  8.988   1.00 30.45 ? 236 HOH R O   1 
HETATM 871 O O   . HOH C 3 .   ? 13.633  -1.225  6.367   1.00 36.09 ? 237 HOH R O   1 
HETATM 872 O O   . HOH C 3 .   ? 27.357  16.647  17.537  1.00 34.45 ? 238 HOH R O   1 
HETATM 873 O O   . HOH C 3 .   ? 8.929   -1.332  -1.640  1.00 40.62 ? 239 HOH R O   1 
HETATM 874 O O   . HOH C 3 .   ? 32.559  19.635  17.498  1.00 26.83 ? 240 HOH R O   1 
HETATM 875 O O   . HOH C 3 .   ? 2.959   -12.716 1.931   1.00 29.12 ? 241 HOH R O   1 
HETATM 876 O O   . HOH C 3 .   ? 16.815  19.204  20.358  1.00 32.27 ? 242 HOH R O   1 
HETATM 877 O O   . HOH C 3 .   ? -8.508  -17.557 -16.281 1.00 35.33 ? 243 HOH R O   1 
HETATM 878 O O   . HOH C 3 .   ? -6.610  -16.854 -18.010 1.00 33.70 ? 244 HOH R O   1 
HETATM 879 O O   . HOH C 3 .   ? -25.487 -17.389 -10.554 1.00 24.23 ? 245 HOH R O   1 
HETATM 880 O O   . HOH C 3 .   ? -24.480 -19.600 -11.733 1.00 33.28 ? 246 HOH R O   1 
HETATM 881 O O   . HOH C 3 .   ? -15.890 -19.288 -0.547  1.00 24.06 ? 247 HOH R O   1 
# 
